data_2CU7
#
_entry.id   2CU7
#
_entity_poly.entity_id   1
_entity_poly.type   'polypeptide(L)'
_entity_poly.pdbx_seq_one_letter_code
;GSSGSSGYSVKWTIEEKELFEQGLAKFGRRWTKISKLIGSRTVLQVKSYARQYFKNKVKCGLDKETPNQKTG
;
_entity_poly.pdbx_strand_id   A
#
# COMPACT_ATOMS: atom_id res chain seq x y z
N GLY A 1 -13.59 14.27 9.42
CA GLY A 1 -13.49 14.20 7.97
C GLY A 1 -14.42 13.15 7.37
N SER A 2 -14.50 13.11 6.05
CA SER A 2 -15.36 12.16 5.37
C SER A 2 -14.61 11.44 4.25
N SER A 3 -15.06 10.24 3.91
CA SER A 3 -14.42 9.45 2.86
C SER A 3 -15.45 8.63 2.11
N GLY A 4 -15.41 8.73 0.77
CA GLY A 4 -16.34 7.99 -0.05
C GLY A 4 -15.70 7.43 -1.30
N SER A 5 -15.98 6.16 -1.60
CA SER A 5 -15.41 5.51 -2.76
C SER A 5 -16.44 5.42 -3.89
N SER A 6 -16.22 6.19 -4.95
CA SER A 6 -17.14 6.21 -6.08
C SER A 6 -16.87 5.02 -7.00
N GLY A 7 -16.74 3.84 -6.41
CA GLY A 7 -16.49 2.64 -7.19
C GLY A 7 -16.64 1.37 -6.36
N TYR A 8 -15.54 0.96 -5.73
CA TYR A 8 -15.55 -0.25 -4.92
C TYR A 8 -14.46 -0.19 -3.84
N SER A 9 -14.65 -0.96 -2.77
CA SER A 9 -13.70 -0.98 -1.67
C SER A 9 -12.46 -1.79 -2.06
N VAL A 10 -11.33 -1.10 -2.16
CA VAL A 10 -10.07 -1.75 -2.51
C VAL A 10 -9.13 -1.81 -1.31
N LYS A 11 -8.78 -3.03 -0.91
CA LYS A 11 -7.88 -3.23 0.23
C LYS A 11 -6.79 -4.24 -0.12
N TRP A 12 -5.67 -4.16 0.60
CA TRP A 12 -4.56 -5.06 0.37
C TRP A 12 -4.46 -6.11 1.47
N THR A 13 -3.58 -7.10 1.28
CA THR A 13 -3.40 -8.15 2.25
C THR A 13 -1.93 -8.28 2.66
N ILE A 14 -1.70 -8.74 3.89
CA ILE A 14 -0.35 -8.90 4.39
C ILE A 14 0.58 -9.47 3.33
N GLU A 15 0.18 -10.59 2.75
CA GLU A 15 0.97 -11.25 1.71
C GLU A 15 1.38 -10.24 0.63
N GLU A 16 0.43 -9.39 0.23
CA GLU A 16 0.69 -8.38 -0.79
C GLU A 16 1.61 -7.30 -0.26
N LYS A 17 1.35 -6.84 0.96
CA LYS A 17 2.16 -5.81 1.59
C LYS A 17 3.62 -6.24 1.71
N GLU A 18 3.82 -7.50 2.10
CA GLU A 18 5.17 -8.04 2.26
C GLU A 18 5.86 -8.16 0.90
N LEU A 19 5.11 -8.57 -0.11
CA LEU A 19 5.64 -8.73 -1.45
C LEU A 19 6.04 -7.39 -2.05
N PHE A 20 5.13 -6.41 -1.95
CA PHE A 20 5.38 -5.07 -2.48
C PHE A 20 6.72 -4.54 -1.99
N GLU A 21 6.95 -4.65 -0.68
CA GLU A 21 8.20 -4.17 -0.09
C GLU A 21 9.40 -4.92 -0.67
N GLN A 22 9.38 -6.24 -0.54
CA GLN A 22 10.47 -7.07 -1.06
C GLN A 22 10.98 -6.53 -2.38
N GLY A 23 10.10 -6.47 -3.37
CA GLY A 23 10.48 -5.98 -4.68
C GLY A 23 10.85 -4.50 -4.66
N LEU A 24 10.13 -3.72 -3.86
CA LEU A 24 10.39 -2.29 -3.75
C LEU A 24 11.85 -2.03 -3.42
N ALA A 25 12.39 -2.79 -2.49
CA ALA A 25 13.79 -2.65 -2.09
C ALA A 25 14.73 -3.29 -3.11
N LYS A 26 14.38 -4.50 -3.53
CA LYS A 26 15.19 -5.24 -4.50
C LYS A 26 15.20 -4.52 -5.84
N PHE A 27 14.04 -4.45 -6.49
CA PHE A 27 13.92 -3.79 -7.77
C PHE A 27 14.02 -2.28 -7.63
N GLY A 28 13.59 -1.77 -6.47
CA GLY A 28 13.62 -0.34 -6.23
C GLY A 28 12.26 0.31 -6.32
N ARG A 29 12.22 1.54 -6.82
CA ARG A 29 10.97 2.27 -6.96
C ARG A 29 10.29 1.93 -8.28
N ARG A 30 10.50 0.72 -8.76
CA ARG A 30 9.91 0.28 -10.01
C ARG A 30 8.54 -0.36 -9.78
N TRP A 31 7.50 0.28 -10.29
CA TRP A 31 6.13 -0.22 -10.14
C TRP A 31 5.83 -1.30 -11.18
N THR A 32 6.24 -1.06 -12.41
CA THR A 32 6.02 -2.01 -13.50
C THR A 32 6.48 -3.41 -13.10
N LYS A 33 7.62 -3.49 -12.44
CA LYS A 33 8.18 -4.76 -12.00
C LYS A 33 7.37 -5.33 -10.84
N ILE A 34 7.31 -4.57 -9.74
CA ILE A 34 6.57 -5.01 -8.56
C ILE A 34 5.20 -5.54 -8.94
N SER A 35 4.36 -4.68 -9.51
CA SER A 35 3.01 -5.06 -9.92
C SER A 35 3.01 -6.48 -10.51
N LYS A 36 3.99 -6.77 -11.35
CA LYS A 36 4.10 -8.08 -11.97
C LYS A 36 4.38 -9.15 -10.93
N LEU A 37 5.39 -8.93 -10.11
CA LEU A 37 5.76 -9.89 -9.06
C LEU A 37 4.52 -10.38 -8.33
N ILE A 38 3.79 -9.46 -7.72
CA ILE A 38 2.58 -9.81 -6.98
C ILE A 38 1.56 -10.48 -7.89
N GLY A 39 1.37 -9.90 -9.07
CA GLY A 39 0.41 -10.46 -10.02
C GLY A 39 -1.02 -10.07 -9.69
N SER A 40 -1.38 -10.16 -8.42
CA SER A 40 -2.72 -9.82 -7.98
C SER A 40 -3.03 -8.36 -8.25
N ARG A 41 -2.14 -7.48 -7.82
CA ARG A 41 -2.32 -6.05 -8.02
C ARG A 41 -1.89 -5.63 -9.43
N THR A 42 -2.07 -4.35 -9.74
CA THR A 42 -1.69 -3.83 -11.05
C THR A 42 -0.86 -2.56 -10.92
N VAL A 43 -0.04 -2.31 -11.93
CA VAL A 43 0.82 -1.12 -11.93
C VAL A 43 0.12 0.06 -11.25
N LEU A 44 -1.15 0.26 -11.59
CA LEU A 44 -1.93 1.34 -11.01
C LEU A 44 -2.04 1.20 -9.49
N GLN A 45 -2.80 0.21 -9.06
CA GLN A 45 -3.00 -0.05 -7.64
C GLN A 45 -1.68 0.13 -6.88
N VAL A 46 -0.61 -0.45 -7.40
CA VAL A 46 0.70 -0.35 -6.78
C VAL A 46 1.17 1.10 -6.70
N LYS A 47 1.13 1.78 -7.84
CA LYS A 47 1.55 3.18 -7.91
C LYS A 47 0.97 3.98 -6.75
N SER A 48 -0.36 3.94 -6.61
CA SER A 48 -1.03 4.66 -5.55
C SER A 48 -0.60 4.16 -4.18
N TYR A 49 -0.89 2.89 -3.91
CA TYR A 49 -0.53 2.28 -2.64
C TYR A 49 0.85 2.74 -2.17
N ALA A 50 1.81 2.74 -3.09
CA ALA A 50 3.16 3.18 -2.79
C ALA A 50 3.16 4.35 -1.83
N ARG A 51 2.34 5.36 -2.13
CA ARG A 51 2.25 6.55 -1.29
C ARG A 51 1.34 6.29 -0.09
N GLN A 52 0.40 5.38 -0.25
CA GLN A 52 -0.53 5.04 0.83
C GLN A 52 0.21 4.38 1.99
N TYR A 53 1.20 3.56 1.67
CA TYR A 53 1.98 2.86 2.69
C TYR A 53 2.68 3.85 3.61
N PHE A 54 3.52 4.70 3.03
CA PHE A 54 4.26 5.70 3.80
C PHE A 54 3.30 6.53 4.65
N LYS A 55 2.27 7.08 4.02
CA LYS A 55 1.29 7.89 4.71
C LYS A 55 0.99 7.31 6.09
N ASN A 56 0.85 6.00 6.16
CA ASN A 56 0.56 5.32 7.42
C ASN A 56 1.81 5.24 8.30
N LYS A 57 2.90 4.79 7.72
CA LYS A 57 4.17 4.67 8.45
C LYS A 57 4.32 5.80 9.46
N VAL A 58 4.11 7.03 9.02
CA VAL A 58 4.21 8.20 9.89
C VAL A 58 2.84 8.76 10.22
N LYS A 59 2.54 8.85 11.51
CA LYS A 59 1.26 9.38 11.96
C LYS A 59 0.85 10.59 11.14
N CYS A 60 -0.46 10.78 10.97
CA CYS A 60 -0.98 11.91 10.21
C CYS A 60 -0.16 13.17 10.48
N GLY A 61 0.26 13.83 9.41
CA GLY A 61 1.04 15.05 9.55
C GLY A 61 0.60 16.14 8.60
N LEU A 62 1.18 16.15 7.40
CA LEU A 62 0.84 17.15 6.40
C LEU A 62 -0.67 17.27 6.23
N ASP A 63 -1.35 16.12 6.23
CA ASP A 63 -2.80 16.10 6.09
C ASP A 63 -3.47 17.00 7.13
N LYS A 64 -2.97 16.95 8.36
CA LYS A 64 -3.51 17.76 9.45
C LYS A 64 -4.98 17.43 9.68
N GLU A 65 -5.31 16.14 9.64
CA GLU A 65 -6.69 15.70 9.86
C GLU A 65 -6.77 14.74 11.03
N THR A 66 -7.70 15.01 11.94
CA THR A 66 -7.88 14.16 13.12
C THR A 66 -9.24 13.48 13.09
N PRO A 67 -9.30 12.25 13.63
CA PRO A 67 -10.53 11.45 13.68
C PRO A 67 -11.54 12.03 14.66
N ASN A 68 -11.19 13.16 15.27
CA ASN A 68 -12.07 13.81 16.24
C ASN A 68 -13.31 14.38 15.56
N GLN A 69 -14.30 14.77 16.36
CA GLN A 69 -15.54 15.34 15.82
C GLN A 69 -16.35 16.00 16.92
N LYS A 70 -17.48 16.58 16.55
CA LYS A 70 -18.36 17.25 17.50
C LYS A 70 -18.84 16.27 18.57
N THR A 71 -18.41 16.50 19.81
CA THR A 71 -18.80 15.64 20.92
C THR A 71 -20.24 15.92 21.35
N GLY A 72 -20.91 14.90 21.87
CA GLY A 72 -22.28 15.05 22.32
C GLY A 72 -23.22 14.06 21.67
N GLY A 1 -28.11 -2.73 -7.96
CA GLY A 1 -26.80 -3.27 -8.28
C GLY A 1 -26.20 -4.06 -7.13
N SER A 2 -26.28 -5.38 -7.23
CA SER A 2 -25.76 -6.26 -6.19
C SER A 2 -24.24 -6.14 -6.10
N SER A 3 -23.71 -6.27 -4.89
CA SER A 3 -22.27 -6.17 -4.66
C SER A 3 -21.53 -7.27 -5.41
N GLY A 4 -20.24 -7.07 -5.60
CA GLY A 4 -19.43 -8.05 -6.31
C GLY A 4 -18.10 -7.49 -6.78
N SER A 5 -17.88 -7.54 -8.09
CA SER A 5 -16.64 -7.03 -8.66
C SER A 5 -16.77 -5.55 -9.02
N SER A 6 -17.76 -5.22 -9.84
CA SER A 6 -17.99 -3.85 -10.26
C SER A 6 -18.24 -2.95 -9.06
N GLY A 7 -17.32 -2.02 -8.82
CA GLY A 7 -17.46 -1.12 -7.69
C GLY A 7 -16.21 -0.28 -7.46
N TYR A 8 -16.16 0.40 -6.32
CA TYR A 8 -15.02 1.24 -5.97
C TYR A 8 -14.55 0.96 -4.54
N SER A 9 -13.45 0.24 -4.42
CA SER A 9 -12.90 -0.10 -3.10
C SER A 9 -11.46 -0.58 -3.23
N VAL A 10 -10.57 0.02 -2.45
CA VAL A 10 -9.15 -0.35 -2.46
C VAL A 10 -8.72 -0.90 -1.12
N LYS A 11 -8.32 -2.17 -1.10
CA LYS A 11 -7.87 -2.83 0.12
C LYS A 11 -6.77 -3.84 -0.18
N TRP A 12 -5.69 -3.78 0.61
CA TRP A 12 -4.57 -4.70 0.43
C TRP A 12 -4.56 -5.77 1.53
N THR A 13 -3.66 -6.74 1.40
CA THR A 13 -3.55 -7.82 2.37
C THR A 13 -2.11 -8.01 2.82
N ILE A 14 -1.92 -8.27 4.10
CA ILE A 14 -0.58 -8.48 4.65
C ILE A 14 0.31 -9.21 3.65
N GLU A 15 -0.13 -10.39 3.22
CA GLU A 15 0.63 -11.19 2.26
C GLU A 15 1.21 -10.32 1.17
N GLU A 16 0.35 -9.55 0.49
CA GLU A 16 0.78 -8.67 -0.58
C GLU A 16 1.70 -7.58 -0.05
N LYS A 17 1.23 -6.85 0.96
CA LYS A 17 1.99 -5.78 1.56
C LYS A 17 3.47 -6.16 1.69
N GLU A 18 3.71 -7.42 2.04
CA GLU A 18 5.07 -7.92 2.21
C GLU A 18 5.79 -8.00 0.87
N LEU A 19 5.19 -8.74 -0.07
CA LEU A 19 5.76 -8.90 -1.41
C LEU A 19 6.19 -7.55 -1.98
N PHE A 20 5.25 -6.61 -2.03
CA PHE A 20 5.52 -5.28 -2.55
C PHE A 20 6.90 -4.79 -2.12
N GLU A 21 7.11 -4.71 -0.80
CA GLU A 21 8.38 -4.26 -0.27
C GLU A 21 9.55 -4.97 -0.93
N GLN A 22 9.54 -6.30 -0.85
CA GLN A 22 10.60 -7.11 -1.45
C GLN A 22 11.05 -6.51 -2.79
N GLY A 23 10.12 -6.42 -3.73
CA GLY A 23 10.44 -5.87 -5.04
C GLY A 23 10.81 -4.40 -4.97
N LEU A 24 10.17 -3.67 -4.07
CA LEU A 24 10.44 -2.24 -3.90
C LEU A 24 11.90 -2.01 -3.54
N ALA A 25 12.44 -2.87 -2.68
CA ALA A 25 13.82 -2.76 -2.26
C ALA A 25 14.77 -3.36 -3.28
N LYS A 26 14.38 -4.51 -3.83
CA LYS A 26 15.20 -5.19 -4.82
C LYS A 26 15.19 -4.43 -6.15
N PHE A 27 14.02 -4.28 -6.74
CA PHE A 27 13.88 -3.57 -8.01
C PHE A 27 13.98 -2.05 -7.79
N GLY A 28 13.60 -1.61 -6.60
CA GLY A 28 13.66 -0.19 -6.29
C GLY A 28 12.29 0.46 -6.34
N ARG A 29 12.24 1.70 -6.82
CA ARG A 29 10.99 2.44 -6.92
C ARG A 29 10.26 2.10 -8.21
N ARG A 30 10.42 0.86 -8.67
CA ARG A 30 9.77 0.41 -9.91
C ARG A 30 8.40 -0.19 -9.62
N TRP A 31 7.37 0.44 -10.15
CA TRP A 31 6.00 -0.03 -9.95
C TRP A 31 5.65 -1.14 -10.93
N THR A 32 6.07 -0.97 -12.18
CA THR A 32 5.81 -1.96 -13.23
C THR A 32 6.39 -3.32 -12.85
N LYS A 33 7.59 -3.31 -12.31
CA LYS A 33 8.25 -4.55 -11.90
C LYS A 33 7.55 -5.18 -10.71
N ILE A 34 7.43 -4.41 -9.63
CA ILE A 34 6.77 -4.90 -8.42
C ILE A 34 5.39 -5.47 -8.73
N SER A 35 4.55 -4.64 -9.35
CA SER A 35 3.20 -5.06 -9.71
C SER A 35 3.19 -6.52 -10.18
N LYS A 36 4.16 -6.88 -11.00
CA LYS A 36 4.27 -8.23 -11.52
C LYS A 36 4.55 -9.23 -10.40
N LEU A 37 5.55 -8.91 -9.58
CA LEU A 37 5.92 -9.77 -8.46
C LEU A 37 4.69 -10.23 -7.70
N ILE A 38 3.77 -9.30 -7.46
CA ILE A 38 2.53 -9.62 -6.74
C ILE A 38 1.51 -10.27 -7.66
N GLY A 39 1.37 -9.72 -8.87
CA GLY A 39 0.42 -10.25 -9.82
C GLY A 39 -1.01 -9.87 -9.50
N SER A 40 -1.40 -10.04 -8.24
CA SER A 40 -2.75 -9.71 -7.80
C SER A 40 -3.07 -8.25 -8.10
N ARG A 41 -2.15 -7.36 -7.74
CA ARG A 41 -2.35 -5.93 -7.96
C ARG A 41 -1.91 -5.54 -9.38
N THR A 42 -2.05 -4.26 -9.71
CA THR A 42 -1.67 -3.76 -11.02
C THR A 42 -0.82 -2.49 -10.90
N VAL A 43 0.02 -2.26 -11.90
CA VAL A 43 0.87 -1.08 -11.92
C VAL A 43 0.15 0.13 -11.35
N LEU A 44 -1.10 0.30 -11.75
CA LEU A 44 -1.90 1.43 -11.28
C LEU A 44 -2.15 1.34 -9.78
N GLN A 45 -2.85 0.29 -9.36
CA GLN A 45 -3.16 0.10 -7.95
C GLN A 45 -1.91 0.28 -7.09
N VAL A 46 -0.81 -0.33 -7.52
CA VAL A 46 0.45 -0.24 -6.79
C VAL A 46 0.94 1.20 -6.74
N LYS A 47 1.10 1.80 -7.92
CA LYS A 47 1.57 3.18 -8.00
C LYS A 47 1.05 4.02 -6.84
N SER A 48 -0.28 4.11 -6.74
CA SER A 48 -0.90 4.89 -5.68
C SER A 48 -0.54 4.32 -4.31
N TYR A 49 -0.77 3.02 -4.13
CA TYR A 49 -0.47 2.35 -2.87
C TYR A 49 0.88 2.81 -2.33
N ALA A 50 1.92 2.68 -3.15
CA ALA A 50 3.26 3.08 -2.76
C ALA A 50 3.23 4.34 -1.91
N ARG A 51 2.31 5.24 -2.22
CA ARG A 51 2.18 6.50 -1.48
C ARG A 51 1.37 6.30 -0.21
N GLN A 52 0.34 5.46 -0.29
CA GLN A 52 -0.52 5.18 0.85
C GLN A 52 0.29 4.56 1.99
N TYR A 53 1.17 3.64 1.66
CA TYR A 53 2.00 2.97 2.65
C TYR A 53 2.73 3.98 3.53
N PHE A 54 3.57 4.80 2.91
CA PHE A 54 4.33 5.82 3.63
C PHE A 54 3.41 6.58 4.60
N LYS A 55 2.22 6.90 4.14
CA LYS A 55 1.26 7.63 4.96
C LYS A 55 0.84 6.81 6.18
N ASN A 56 0.83 5.48 6.02
CA ASN A 56 0.47 4.59 7.11
C ASN A 56 1.66 4.31 8.01
N LYS A 57 2.86 4.44 7.46
CA LYS A 57 4.08 4.21 8.22
C LYS A 57 4.03 4.91 9.58
N VAL A 58 5.02 4.65 10.41
CA VAL A 58 5.09 5.24 11.75
C VAL A 58 3.71 5.28 12.39
N LYS A 59 2.85 4.34 12.00
CA LYS A 59 1.49 4.27 12.54
C LYS A 59 1.50 4.54 14.04
N CYS A 60 0.33 4.84 14.59
CA CYS A 60 0.19 5.12 16.01
C CYS A 60 1.25 6.12 16.48
N GLY A 61 1.44 7.18 15.69
CA GLY A 61 2.42 8.20 16.04
C GLY A 61 2.07 8.93 17.33
N LEU A 62 1.43 10.08 17.19
CA LEU A 62 1.04 10.87 18.34
C LEU A 62 -0.28 10.38 18.94
N ASP A 63 -0.40 9.05 19.04
CA ASP A 63 -1.61 8.44 19.59
C ASP A 63 -2.85 8.90 18.82
N LYS A 64 -2.72 8.98 17.50
CA LYS A 64 -3.83 9.39 16.66
C LYS A 64 -4.74 8.21 16.31
N GLU A 65 -4.15 7.19 15.69
CA GLU A 65 -4.90 6.00 15.31
C GLU A 65 -4.84 4.94 16.40
N THR A 66 -5.56 3.85 16.21
CA THR A 66 -5.59 2.76 17.17
C THR A 66 -5.27 1.42 16.52
N PRO A 67 -4.57 0.54 17.25
CA PRO A 67 -4.18 -0.78 16.76
C PRO A 67 -5.38 -1.72 16.64
N ASN A 68 -6.46 -1.39 17.35
CA ASN A 68 -7.67 -2.21 17.32
C ASN A 68 -7.32 -3.69 17.19
N GLN A 69 -6.29 -4.12 17.91
CA GLN A 69 -5.86 -5.51 17.89
C GLN A 69 -6.02 -6.15 19.26
N LYS A 70 -6.14 -7.48 19.28
CA LYS A 70 -6.29 -8.22 20.52
C LYS A 70 -5.93 -9.69 20.33
N THR A 71 -5.16 -10.24 21.27
CA THR A 71 -4.74 -11.63 21.20
C THR A 71 -5.95 -12.56 21.07
N GLY A 72 -6.22 -12.98 19.84
CA GLY A 72 -7.35 -13.87 19.60
C GLY A 72 -8.50 -13.17 18.92
N GLY A 1 -21.05 -0.56 7.05
CA GLY A 1 -21.67 0.16 8.15
C GLY A 1 -21.99 1.60 7.78
N SER A 2 -22.76 1.77 6.71
CA SER A 2 -23.14 3.10 6.24
C SER A 2 -24.41 3.05 5.41
N SER A 3 -24.93 4.22 5.05
CA SER A 3 -26.14 4.29 4.24
C SER A 3 -25.82 4.70 2.81
N GLY A 4 -25.67 3.71 1.93
CA GLY A 4 -25.36 3.99 0.55
C GLY A 4 -24.06 4.76 0.38
N SER A 5 -23.08 4.12 -0.26
CA SER A 5 -21.79 4.76 -0.47
C SER A 5 -21.10 4.18 -1.71
N SER A 6 -20.68 5.07 -2.62
CA SER A 6 -20.02 4.66 -3.84
C SER A 6 -18.51 4.85 -3.74
N GLY A 7 -17.76 3.82 -4.11
CA GLY A 7 -16.31 3.90 -4.05
C GLY A 7 -15.66 2.53 -3.98
N TYR A 8 -14.74 2.28 -4.91
CA TYR A 8 -14.05 1.00 -4.96
C TYR A 8 -13.13 0.83 -3.75
N SER A 9 -13.65 0.19 -2.71
CA SER A 9 -12.87 -0.03 -1.49
C SER A 9 -11.93 -1.21 -1.65
N VAL A 10 -10.70 -0.91 -2.07
CA VAL A 10 -9.68 -1.94 -2.26
C VAL A 10 -8.67 -1.94 -1.12
N LYS A 11 -8.69 -2.99 -0.30
CA LYS A 11 -7.78 -3.11 0.81
C LYS A 11 -6.66 -4.10 0.50
N TRP A 12 -5.44 -3.77 0.91
CA TRP A 12 -4.29 -4.63 0.68
C TRP A 12 -4.13 -5.64 1.80
N THR A 13 -3.75 -6.86 1.44
CA THR A 13 -3.55 -7.92 2.43
C THR A 13 -2.09 -8.05 2.82
N ILE A 14 -1.85 -8.64 3.98
CA ILE A 14 -0.48 -8.82 4.48
C ILE A 14 0.38 -9.57 3.46
N GLU A 15 -0.13 -10.70 2.98
CA GLU A 15 0.59 -11.50 2.01
C GLU A 15 0.99 -10.66 0.79
N GLU A 16 0.31 -9.53 0.62
CA GLU A 16 0.58 -8.65 -0.50
C GLU A 16 1.57 -7.55 -0.10
N LYS A 17 1.31 -6.92 1.05
CA LYS A 17 2.17 -5.86 1.55
C LYS A 17 3.61 -6.35 1.68
N GLU A 18 3.77 -7.64 1.95
CA GLU A 18 5.10 -8.23 2.11
C GLU A 18 5.79 -8.38 0.76
N LEU A 19 5.02 -8.72 -0.27
CA LEU A 19 5.55 -8.90 -1.61
C LEU A 19 5.95 -7.55 -2.22
N PHE A 20 5.12 -6.54 -1.98
CA PHE A 20 5.37 -5.21 -2.51
C PHE A 20 6.75 -4.70 -2.06
N GLU A 21 6.97 -4.67 -0.76
CA GLU A 21 8.24 -4.22 -0.21
C GLU A 21 9.41 -5.00 -0.81
N GLN A 22 9.31 -6.32 -0.76
CA GLN A 22 10.35 -7.20 -1.29
C GLN A 22 10.90 -6.65 -2.60
N GLY A 23 10.00 -6.44 -3.56
CA GLY A 23 10.41 -5.92 -4.85
C GLY A 23 10.83 -4.47 -4.80
N LEU A 24 10.21 -3.71 -3.90
CA LEU A 24 10.52 -2.30 -3.74
C LEU A 24 11.99 -2.10 -3.39
N ALA A 25 12.53 -3.00 -2.57
CA ALA A 25 13.92 -2.93 -2.16
C ALA A 25 14.84 -3.52 -3.23
N LYS A 26 14.41 -4.61 -3.84
CA LYS A 26 15.18 -5.27 -4.88
C LYS A 26 15.14 -4.46 -6.18
N PHE A 27 13.95 -4.36 -6.76
CA PHE A 27 13.77 -3.61 -8.01
C PHE A 27 13.90 -2.11 -7.77
N GLY A 28 13.56 -1.68 -6.55
CA GLY A 28 13.66 -0.27 -6.22
C GLY A 28 12.30 0.41 -6.22
N ARG A 29 12.20 1.54 -6.91
CA ARG A 29 10.96 2.29 -6.98
C ARG A 29 10.19 1.95 -8.26
N ARG A 30 10.53 0.81 -8.86
CA ARG A 30 9.88 0.38 -10.08
C ARG A 30 8.51 -0.25 -9.79
N TRP A 31 7.45 0.47 -10.12
CA TRP A 31 6.10 0.00 -9.89
C TRP A 31 5.74 -1.13 -10.86
N THR A 32 6.31 -1.07 -12.06
CA THR A 32 6.05 -2.09 -13.07
C THR A 32 6.63 -3.44 -12.66
N LYS A 33 7.91 -3.44 -12.29
CA LYS A 33 8.58 -4.67 -11.87
C LYS A 33 7.85 -5.33 -10.71
N ILE A 34 7.49 -4.52 -9.71
CA ILE A 34 6.77 -5.03 -8.54
C ILE A 34 5.40 -5.56 -8.93
N SER A 35 4.57 -4.69 -9.49
CA SER A 35 3.23 -5.08 -9.91
C SER A 35 3.23 -6.47 -10.52
N LYS A 36 4.21 -6.72 -11.38
CA LYS A 36 4.32 -8.02 -12.04
C LYS A 36 4.66 -9.11 -11.04
N LEU A 37 5.63 -8.84 -10.17
CA LEU A 37 6.05 -9.81 -9.17
C LEU A 37 4.86 -10.31 -8.37
N ILE A 38 3.96 -9.40 -8.00
CA ILE A 38 2.77 -9.76 -7.24
C ILE A 38 1.72 -10.41 -8.13
N GLY A 39 1.45 -9.77 -9.27
CA GLY A 39 0.47 -10.30 -10.19
C GLY A 39 -0.95 -9.98 -9.78
N SER A 40 -1.23 -10.06 -8.49
CA SER A 40 -2.56 -9.76 -7.97
C SER A 40 -2.94 -8.32 -8.23
N ARG A 41 -2.05 -7.40 -7.86
CA ARG A 41 -2.29 -5.98 -8.04
C ARG A 41 -1.83 -5.53 -9.43
N THR A 42 -2.12 -4.27 -9.76
CA THR A 42 -1.74 -3.72 -11.06
C THR A 42 -0.90 -2.46 -10.90
N VAL A 43 -0.05 -2.20 -11.88
CA VAL A 43 0.81 -1.02 -11.85
C VAL A 43 0.10 0.16 -11.20
N LEU A 44 -1.16 0.37 -11.59
CA LEU A 44 -1.95 1.47 -11.06
C LEU A 44 -2.15 1.31 -9.55
N GLN A 45 -2.85 0.25 -9.17
CA GLN A 45 -3.11 -0.02 -7.76
C GLN A 45 -1.85 0.17 -6.92
N VAL A 46 -0.74 -0.36 -7.41
CA VAL A 46 0.54 -0.25 -6.71
C VAL A 46 1.01 1.20 -6.66
N LYS A 47 1.06 1.83 -7.82
CA LYS A 47 1.49 3.23 -7.90
C LYS A 47 0.88 4.06 -6.79
N SER A 48 -0.43 3.91 -6.59
CA SER A 48 -1.14 4.65 -5.56
C SER A 48 -0.76 4.14 -4.16
N TYR A 49 -1.03 2.87 -3.91
CA TYR A 49 -0.73 2.26 -2.63
C TYR A 49 0.63 2.72 -2.11
N ALA A 50 1.65 2.63 -2.97
CA ALA A 50 3.00 3.03 -2.61
C ALA A 50 2.97 4.26 -1.69
N ARG A 51 2.09 5.21 -2.00
CA ARG A 51 1.97 6.42 -1.21
C ARG A 51 1.22 6.14 0.09
N GLN A 52 0.15 5.35 0.00
CA GLN A 52 -0.65 5.02 1.17
C GLN A 52 0.20 4.32 2.23
N TYR A 53 1.02 3.37 1.81
CA TYR A 53 1.89 2.63 2.72
C TYR A 53 2.68 3.59 3.60
N PHE A 54 3.46 4.47 2.96
CA PHE A 54 4.28 5.43 3.69
C PHE A 54 3.40 6.47 4.38
N LYS A 55 2.26 6.78 3.78
CA LYS A 55 1.33 7.75 4.34
C LYS A 55 1.12 7.50 5.84
N ASN A 56 0.92 6.24 6.20
CA ASN A 56 0.71 5.87 7.60
C ASN A 56 2.00 6.04 8.40
N LYS A 57 3.10 5.50 7.88
CA LYS A 57 4.38 5.58 8.54
C LYS A 57 4.56 6.94 9.20
N VAL A 58 4.61 8.00 8.40
CA VAL A 58 4.77 9.35 8.91
C VAL A 58 3.65 10.27 8.40
N LYS A 59 2.65 10.49 9.25
CA LYS A 59 1.52 11.35 8.88
C LYS A 59 2.01 12.71 8.42
N CYS A 60 1.10 13.49 7.85
CA CYS A 60 1.44 14.82 7.35
C CYS A 60 1.20 15.88 8.42
N GLY A 61 2.27 16.27 9.11
CA GLY A 61 2.15 17.27 10.16
C GLY A 61 3.42 18.06 10.35
N LEU A 62 4.32 17.56 11.18
CA LEU A 62 5.59 18.23 11.45
C LEU A 62 6.76 17.46 10.84
N ASP A 63 7.08 17.79 9.60
CA ASP A 63 8.18 17.13 8.90
C ASP A 63 9.21 18.15 8.41
N LYS A 64 10.48 17.74 8.39
CA LYS A 64 11.55 18.62 7.95
C LYS A 64 12.03 18.23 6.55
N GLU A 65 11.31 18.71 5.54
CA GLU A 65 11.66 18.40 4.15
C GLU A 65 10.76 19.16 3.18
N THR A 66 11.36 19.76 2.16
CA THR A 66 10.61 20.52 1.17
C THR A 66 10.36 19.69 -0.08
N PRO A 67 9.21 19.92 -0.73
CA PRO A 67 8.82 19.20 -1.96
C PRO A 67 9.69 19.58 -3.15
N ASN A 68 10.30 20.76 -3.08
CA ASN A 68 11.16 21.24 -4.16
C ASN A 68 12.59 21.45 -3.66
N GLN A 69 13.44 21.99 -4.53
CA GLN A 69 14.83 22.24 -4.18
C GLN A 69 15.06 23.70 -3.87
N LYS A 70 14.11 24.55 -4.30
CA LYS A 70 14.21 25.99 -4.06
C LYS A 70 13.03 26.49 -3.24
N THR A 71 13.18 27.66 -2.64
CA THR A 71 12.12 28.25 -1.83
C THR A 71 10.95 28.68 -2.69
N GLY A 72 9.75 28.61 -2.12
CA GLY A 72 8.56 29.00 -2.85
C GLY A 72 7.58 27.85 -3.03
N GLY A 1 -20.99 -21.84 -4.48
CA GLY A 1 -22.06 -21.86 -5.46
C GLY A 1 -22.10 -20.61 -6.30
N SER A 2 -23.19 -19.85 -6.17
CA SER A 2 -23.36 -18.62 -6.94
C SER A 2 -22.16 -17.69 -6.74
N SER A 3 -21.20 -17.76 -7.66
CA SER A 3 -20.01 -16.93 -7.58
C SER A 3 -20.25 -15.56 -8.22
N GLY A 4 -20.28 -14.52 -7.38
CA GLY A 4 -20.51 -13.18 -7.89
C GLY A 4 -20.07 -12.12 -6.90
N SER A 5 -18.78 -12.12 -6.56
CA SER A 5 -18.23 -11.16 -5.61
C SER A 5 -17.75 -9.90 -6.34
N SER A 6 -18.54 -9.43 -7.30
CA SER A 6 -18.20 -8.25 -8.08
C SER A 6 -18.18 -7.02 -7.19
N GLY A 7 -16.99 -6.44 -7.01
CA GLY A 7 -16.85 -5.26 -6.18
C GLY A 7 -15.41 -4.86 -5.97
N TYR A 8 -15.11 -3.58 -6.15
CA TYR A 8 -13.76 -3.07 -5.98
C TYR A 8 -13.50 -2.67 -4.53
N SER A 9 -12.23 -2.53 -4.18
CA SER A 9 -11.84 -2.17 -2.82
C SER A 9 -10.40 -1.68 -2.79
N VAL A 10 -10.18 -0.58 -2.08
CA VAL A 10 -8.84 0.00 -1.96
C VAL A 10 -8.14 -0.50 -0.70
N LYS A 11 -8.15 -1.82 -0.51
CA LYS A 11 -7.51 -2.42 0.66
C LYS A 11 -6.46 -3.45 0.22
N TRP A 12 -5.42 -3.60 1.04
CA TRP A 12 -4.35 -4.55 0.75
C TRP A 12 -4.25 -5.60 1.84
N THR A 13 -3.70 -6.76 1.49
CA THR A 13 -3.55 -7.85 2.45
C THR A 13 -2.09 -7.97 2.90
N ILE A 14 -1.90 -8.35 4.16
CA ILE A 14 -0.56 -8.51 4.72
C ILE A 14 0.34 -9.30 3.77
N GLU A 15 -0.21 -10.38 3.22
CA GLU A 15 0.54 -11.23 2.30
C GLU A 15 1.13 -10.41 1.17
N GLU A 16 0.36 -9.43 0.68
CA GLU A 16 0.82 -8.58 -0.42
C GLU A 16 1.78 -7.51 0.10
N LYS A 17 1.33 -6.74 1.09
CA LYS A 17 2.14 -5.69 1.67
C LYS A 17 3.61 -6.11 1.76
N GLU A 18 3.83 -7.34 2.22
CA GLU A 18 5.18 -7.87 2.36
C GLU A 18 5.89 -7.92 1.01
N LEU A 19 5.24 -8.52 0.03
CA LEU A 19 5.80 -8.63 -1.31
C LEU A 19 6.15 -7.25 -1.87
N PHE A 20 5.17 -6.34 -1.84
CA PHE A 20 5.37 -4.99 -2.35
C PHE A 20 6.76 -4.47 -1.96
N GLU A 21 7.04 -4.44 -0.67
CA GLU A 21 8.32 -3.97 -0.17
C GLU A 21 9.47 -4.78 -0.75
N GLN A 22 9.34 -6.10 -0.70
CA GLN A 22 10.36 -6.99 -1.24
C GLN A 22 10.85 -6.52 -2.60
N GLY A 23 9.90 -6.34 -3.52
CA GLY A 23 10.26 -5.88 -4.86
C GLY A 23 10.68 -4.43 -4.88
N LEU A 24 10.15 -3.65 -3.95
CA LEU A 24 10.49 -2.23 -3.88
C LEU A 24 11.96 -2.03 -3.53
N ALA A 25 12.51 -2.96 -2.76
CA ALA A 25 13.91 -2.89 -2.35
C ALA A 25 14.81 -3.56 -3.38
N LYS A 26 14.32 -4.65 -3.98
CA LYS A 26 15.08 -5.38 -4.98
C LYS A 26 15.13 -4.61 -6.29
N PHE A 27 13.97 -4.41 -6.91
CA PHE A 27 13.89 -3.69 -8.17
C PHE A 27 14.02 -2.19 -7.94
N GLY A 28 13.64 -1.73 -6.75
CA GLY A 28 13.71 -0.32 -6.43
C GLY A 28 12.36 0.36 -6.47
N ARG A 29 12.32 1.56 -7.02
CA ARG A 29 11.07 2.32 -7.12
C ARG A 29 10.35 2.02 -8.43
N ARG A 30 10.53 0.80 -8.92
CA ARG A 30 9.89 0.39 -10.17
C ARG A 30 8.53 -0.26 -9.91
N TRP A 31 7.48 0.39 -10.37
CA TRP A 31 6.13 -0.12 -10.18
C TRP A 31 5.81 -1.21 -11.20
N THR A 32 6.23 -0.99 -12.44
CA THR A 32 5.99 -1.95 -13.52
C THR A 32 6.57 -3.32 -13.16
N LYS A 33 7.69 -3.32 -12.45
CA LYS A 33 8.33 -4.56 -12.04
C LYS A 33 7.61 -5.19 -10.86
N ILE A 34 7.55 -4.46 -9.75
CA ILE A 34 6.89 -4.94 -8.55
C ILE A 34 5.51 -5.50 -8.87
N SER A 35 4.68 -4.70 -9.53
CA SER A 35 3.34 -5.12 -9.90
C SER A 35 3.33 -6.58 -10.34
N LYS A 36 4.21 -6.92 -11.26
CA LYS A 36 4.31 -8.30 -11.75
C LYS A 36 4.55 -9.28 -10.62
N LEU A 37 5.47 -8.93 -9.72
CA LEU A 37 5.79 -9.78 -8.58
C LEU A 37 4.53 -10.21 -7.86
N ILE A 38 3.75 -9.23 -7.38
CA ILE A 38 2.52 -9.52 -6.67
C ILE A 38 1.53 -10.28 -7.55
N GLY A 39 1.30 -9.77 -8.75
CA GLY A 39 0.40 -10.42 -9.68
C GLY A 39 -1.05 -10.07 -9.39
N SER A 40 -1.45 -10.11 -8.13
CA SER A 40 -2.81 -9.80 -7.73
C SER A 40 -3.17 -8.36 -8.09
N ARG A 41 -2.26 -7.44 -7.78
CA ARG A 41 -2.48 -6.02 -8.06
C ARG A 41 -1.90 -5.65 -9.42
N THR A 42 -2.14 -4.42 -9.85
CA THR A 42 -1.65 -3.93 -11.13
C THR A 42 -0.80 -2.69 -10.96
N VAL A 43 0.03 -2.39 -11.97
CA VAL A 43 0.89 -1.22 -11.93
C VAL A 43 0.17 -0.02 -11.32
N LEU A 44 -1.08 0.18 -11.73
CA LEU A 44 -1.87 1.29 -11.22
C LEU A 44 -2.05 1.19 -9.71
N GLN A 45 -2.84 0.21 -9.27
CA GLN A 45 -3.09 0.01 -7.86
C GLN A 45 -1.83 0.25 -7.04
N VAL A 46 -0.73 -0.39 -7.46
CA VAL A 46 0.54 -0.25 -6.76
C VAL A 46 0.99 1.22 -6.71
N LYS A 47 1.09 1.83 -7.89
CA LYS A 47 1.50 3.23 -7.98
C LYS A 47 0.92 4.04 -6.83
N SER A 48 -0.40 4.07 -6.73
CA SER A 48 -1.08 4.81 -5.68
C SER A 48 -0.65 4.31 -4.30
N TYR A 49 -1.04 3.08 -3.97
CA TYR A 49 -0.70 2.49 -2.69
C TYR A 49 0.68 2.94 -2.22
N ALA A 50 1.64 2.91 -3.15
CA ALA A 50 3.01 3.32 -2.84
C ALA A 50 3.02 4.52 -1.90
N ARG A 51 2.28 5.56 -2.26
CA ARG A 51 2.20 6.77 -1.44
C ARG A 51 1.31 6.54 -0.22
N GLN A 52 0.38 5.61 -0.33
CA GLN A 52 -0.53 5.31 0.76
C GLN A 52 0.21 4.64 1.91
N TYR A 53 1.18 3.80 1.58
CA TYR A 53 1.97 3.10 2.59
C TYR A 53 2.77 4.09 3.44
N PHE A 54 3.74 4.75 2.82
CA PHE A 54 4.58 5.72 3.50
C PHE A 54 3.77 6.50 4.54
N LYS A 55 2.49 6.66 4.26
CA LYS A 55 1.60 7.39 5.17
C LYS A 55 1.18 6.52 6.34
N ASN A 56 0.73 5.30 6.04
CA ASN A 56 0.30 4.37 7.07
C ASN A 56 1.47 3.93 7.93
N LYS A 57 2.68 4.12 7.42
CA LYS A 57 3.90 3.75 8.13
C LYS A 57 3.89 4.33 9.54
N VAL A 58 5.00 4.14 10.26
CA VAL A 58 5.12 4.65 11.61
C VAL A 58 4.38 5.97 11.78
N LYS A 59 3.28 5.94 12.52
CA LYS A 59 2.49 7.14 12.76
C LYS A 59 3.38 8.38 12.86
N CYS A 60 2.94 9.47 12.24
CA CYS A 60 3.70 10.72 12.26
C CYS A 60 3.34 11.55 13.49
N GLY A 61 3.98 12.70 13.63
CA GLY A 61 3.73 13.56 14.76
C GLY A 61 3.67 15.03 14.37
N LEU A 62 4.61 15.44 13.51
CA LEU A 62 4.66 16.83 13.06
C LEU A 62 4.63 16.91 11.54
N ASP A 63 3.44 17.12 10.98
CA ASP A 63 3.27 17.23 9.55
C ASP A 63 3.78 18.57 9.03
N LYS A 64 3.42 19.63 9.74
CA LYS A 64 3.83 20.98 9.35
C LYS A 64 4.07 21.85 10.59
N GLU A 65 4.97 22.81 10.45
CA GLU A 65 5.28 23.71 11.56
C GLU A 65 4.02 24.40 12.09
N THR A 66 4.05 24.80 13.35
CA THR A 66 2.92 25.47 13.97
C THR A 66 3.37 26.64 14.84
N PRO A 67 2.56 27.71 14.85
CA PRO A 67 2.86 28.91 15.64
C PRO A 67 2.73 28.68 17.14
N ASN A 68 2.96 29.72 17.92
CA ASN A 68 2.87 29.62 19.37
C ASN A 68 1.44 29.30 19.81
N GLN A 69 1.28 28.99 21.10
CA GLN A 69 -0.03 28.66 21.64
C GLN A 69 -0.84 29.92 21.91
N LYS A 70 -1.41 30.50 20.84
CA LYS A 70 -2.21 31.70 20.96
C LYS A 70 -3.30 31.54 22.02
N THR A 71 -3.72 32.64 22.62
CA THR A 71 -4.75 32.61 23.65
C THR A 71 -4.24 31.97 24.93
N GLY A 72 -3.00 32.30 25.30
CA GLY A 72 -2.42 31.73 26.50
C GLY A 72 -1.85 30.35 26.28
N GLY A 1 -9.98 8.05 -2.67
CA GLY A 1 -10.96 9.00 -3.17
C GLY A 1 -11.87 8.40 -4.21
N SER A 2 -12.68 9.24 -4.84
CA SER A 2 -13.61 8.78 -5.87
C SER A 2 -14.57 7.74 -5.30
N SER A 3 -15.24 8.09 -4.21
CA SER A 3 -16.18 7.18 -3.56
C SER A 3 -17.54 7.86 -3.38
N GLY A 4 -18.61 7.14 -3.69
CA GLY A 4 -19.94 7.67 -3.54
C GLY A 4 -21.01 6.59 -3.53
N SER A 5 -21.82 6.56 -4.59
CA SER A 5 -22.88 5.58 -4.70
C SER A 5 -22.32 4.16 -4.65
N SER A 6 -21.25 3.92 -5.40
CA SER A 6 -20.61 2.62 -5.44
C SER A 6 -19.37 2.58 -4.56
N GLY A 7 -19.48 3.17 -3.37
CA GLY A 7 -18.35 3.20 -2.46
C GLY A 7 -17.66 1.84 -2.34
N TYR A 8 -16.46 1.75 -2.88
CA TYR A 8 -15.70 0.50 -2.83
C TYR A 8 -14.68 0.52 -1.70
N SER A 9 -14.42 -0.64 -1.12
CA SER A 9 -13.46 -0.76 -0.03
C SER A 9 -12.09 -1.19 -0.54
N VAL A 10 -11.09 -0.33 -0.32
CA VAL A 10 -9.74 -0.63 -0.77
C VAL A 10 -8.82 -0.89 0.42
N LYS A 11 -8.25 -2.09 0.47
CA LYS A 11 -7.35 -2.47 1.55
C LYS A 11 -6.39 -3.57 1.10
N TRP A 12 -5.11 -3.37 1.38
CA TRP A 12 -4.09 -4.36 1.00
C TRP A 12 -4.01 -5.47 2.03
N THR A 13 -3.56 -6.65 1.58
CA THR A 13 -3.43 -7.80 2.47
C THR A 13 -1.97 -8.09 2.77
N ILE A 14 -1.68 -8.40 4.04
CA ILE A 14 -0.32 -8.70 4.46
C ILE A 14 0.44 -9.44 3.36
N GLU A 15 -0.18 -10.46 2.81
CA GLU A 15 0.45 -11.25 1.74
C GLU A 15 1.03 -10.34 0.66
N GLU A 16 0.20 -9.43 0.17
CA GLU A 16 0.63 -8.49 -0.88
C GLU A 16 1.68 -7.52 -0.33
N LYS A 17 1.29 -6.73 0.66
CA LYS A 17 2.19 -5.76 1.26
C LYS A 17 3.60 -6.34 1.39
N GLU A 18 3.68 -7.56 1.88
CA GLU A 18 4.97 -8.23 2.05
C GLU A 18 5.72 -8.32 0.72
N LEU A 19 5.05 -8.88 -0.29
CA LEU A 19 5.66 -9.03 -1.60
C LEU A 19 6.08 -7.68 -2.17
N PHE A 20 5.18 -6.70 -2.10
CA PHE A 20 5.45 -5.36 -2.61
C PHE A 20 6.81 -4.87 -2.11
N GLU A 21 7.03 -4.96 -0.80
CA GLU A 21 8.28 -4.52 -0.21
C GLU A 21 9.47 -5.24 -0.83
N GLN A 22 9.44 -6.57 -0.78
CA GLN A 22 10.52 -7.39 -1.34
C GLN A 22 11.05 -6.76 -2.63
N GLY A 23 10.17 -6.64 -3.62
CA GLY A 23 10.58 -6.05 -4.89
C GLY A 23 10.93 -4.59 -4.78
N LEU A 24 10.20 -3.87 -3.93
CA LEU A 24 10.44 -2.45 -3.72
C LEU A 24 11.90 -2.19 -3.35
N ALA A 25 12.46 -3.07 -2.53
CA ALA A 25 13.85 -2.94 -2.10
C ALA A 25 14.80 -3.48 -3.15
N LYS A 26 14.45 -4.61 -3.75
CA LYS A 26 15.27 -5.24 -4.77
C LYS A 26 15.30 -4.38 -6.04
N PHE A 27 14.14 -4.23 -6.67
CA PHE A 27 14.03 -3.43 -7.88
C PHE A 27 14.10 -1.94 -7.57
N GLY A 28 13.63 -1.58 -6.37
CA GLY A 28 13.64 -0.18 -5.97
C GLY A 28 12.26 0.44 -6.01
N ARG A 29 12.18 1.68 -6.47
CA ARG A 29 10.91 2.39 -6.54
C ARG A 29 10.19 2.09 -7.85
N ARG A 30 10.44 0.90 -8.38
CA ARG A 30 9.82 0.48 -9.65
C ARG A 30 8.46 -0.16 -9.39
N TRP A 31 7.40 0.46 -9.91
CA TRP A 31 6.05 -0.05 -9.73
C TRP A 31 5.76 -1.16 -10.74
N THR A 32 6.20 -0.97 -11.98
CA THR A 32 5.98 -1.96 -13.03
C THR A 32 6.57 -3.30 -12.64
N LYS A 33 7.79 -3.29 -12.12
CA LYS A 33 8.47 -4.51 -11.70
C LYS A 33 7.72 -5.19 -10.55
N ILE A 34 7.45 -4.41 -9.49
CA ILE A 34 6.75 -4.92 -8.33
C ILE A 34 5.38 -5.49 -8.72
N SER A 35 4.55 -4.65 -9.32
CA SER A 35 3.21 -5.06 -9.74
C SER A 35 3.26 -6.46 -10.36
N LYS A 36 4.23 -6.68 -11.24
CA LYS A 36 4.38 -7.97 -11.91
C LYS A 36 4.66 -9.07 -10.91
N LEU A 37 5.69 -8.87 -10.08
CA LEU A 37 6.07 -9.85 -9.07
C LEU A 37 4.85 -10.35 -8.32
N ILE A 38 4.05 -9.43 -7.79
CA ILE A 38 2.85 -9.79 -7.05
C ILE A 38 1.83 -10.48 -7.97
N GLY A 39 1.59 -9.88 -9.13
CA GLY A 39 0.64 -10.46 -10.07
C GLY A 39 -0.79 -10.11 -9.73
N SER A 40 -1.14 -10.25 -8.45
CA SER A 40 -2.49 -9.95 -7.99
C SER A 40 -2.84 -8.48 -8.22
N ARG A 41 -1.98 -7.60 -7.73
CA ARG A 41 -2.19 -6.16 -7.88
C ARG A 41 -1.83 -5.70 -9.29
N THR A 42 -2.12 -4.44 -9.59
CA THR A 42 -1.82 -3.88 -10.90
C THR A 42 -0.99 -2.61 -10.77
N VAL A 43 -0.16 -2.35 -11.78
CA VAL A 43 0.68 -1.16 -11.79
C VAL A 43 -0.03 0.03 -11.16
N LEU A 44 -1.29 0.23 -11.55
CA LEU A 44 -2.09 1.33 -11.03
C LEU A 44 -2.27 1.21 -9.53
N GLN A 45 -2.93 0.13 -9.10
CA GLN A 45 -3.17 -0.10 -7.68
C GLN A 45 -1.89 0.08 -6.87
N VAL A 46 -0.78 -0.42 -7.40
CA VAL A 46 0.51 -0.32 -6.73
C VAL A 46 0.95 1.14 -6.64
N LYS A 47 0.98 1.82 -7.78
CA LYS A 47 1.39 3.21 -7.84
C LYS A 47 0.80 4.00 -6.67
N SER A 48 -0.53 4.03 -6.59
CA SER A 48 -1.22 4.74 -5.52
C SER A 48 -0.81 4.21 -4.16
N TYR A 49 -1.04 2.91 -3.94
CA TYR A 49 -0.69 2.28 -2.67
C TYR A 49 0.67 2.78 -2.17
N ALA A 50 1.67 2.75 -3.04
CA ALA A 50 3.00 3.21 -2.68
C ALA A 50 2.94 4.41 -1.74
N ARG A 51 2.00 5.31 -2.01
CA ARG A 51 1.84 6.51 -1.19
C ARG A 51 1.15 6.18 0.13
N GLN A 52 0.13 5.32 0.05
CA GLN A 52 -0.62 4.93 1.24
C GLN A 52 0.31 4.36 2.31
N TYR A 53 1.22 3.48 1.88
CA TYR A 53 2.17 2.86 2.81
C TYR A 53 2.99 3.92 3.54
N PHE A 54 3.52 4.87 2.78
CA PHE A 54 4.32 5.95 3.35
C PHE A 54 3.49 6.83 4.27
N LYS A 55 2.35 7.29 3.77
CA LYS A 55 1.46 8.14 4.54
C LYS A 55 1.13 7.50 5.88
N ASN A 56 1.00 6.17 5.89
CA ASN A 56 0.69 5.44 7.11
C ASN A 56 1.86 5.49 8.09
N LYS A 57 3.05 5.16 7.60
CA LYS A 57 4.25 5.16 8.43
C LYS A 57 4.19 6.28 9.46
N VAL A 58 3.90 7.49 9.00
CA VAL A 58 3.80 8.65 9.88
C VAL A 58 2.36 9.10 10.07
N LYS A 59 1.93 9.21 11.31
CA LYS A 59 0.57 9.64 11.62
C LYS A 59 0.52 11.13 11.95
N CYS A 60 -0.60 11.76 11.63
CA CYS A 60 -0.78 13.19 11.88
C CYS A 60 -1.37 13.42 13.27
N GLY A 61 -2.47 12.71 13.56
CA GLY A 61 -3.12 12.86 14.84
C GLY A 61 -4.62 12.89 14.73
N LEU A 62 -5.12 13.59 13.72
CA LEU A 62 -6.56 13.69 13.49
C LEU A 62 -7.13 12.38 12.98
N ASP A 63 -6.33 11.65 12.22
CA ASP A 63 -6.76 10.36 11.67
C ASP A 63 -6.45 9.23 12.65
N LYS A 64 -7.47 8.84 13.41
CA LYS A 64 -7.31 7.76 14.39
C LYS A 64 -6.59 6.56 13.77
N GLU A 65 -6.17 5.64 14.61
CA GLU A 65 -5.47 4.44 14.15
C GLU A 65 -5.93 3.21 14.91
N THR A 66 -6.16 2.12 14.19
CA THR A 66 -6.60 0.87 14.80
C THR A 66 -5.96 -0.33 14.12
N PRO A 67 -5.65 -1.36 14.92
CA PRO A 67 -5.03 -2.59 14.42
C PRO A 67 -5.98 -3.42 13.57
N ASN A 68 -5.78 -3.35 12.25
CA ASN A 68 -6.62 -4.09 11.32
C ASN A 68 -6.68 -5.57 11.68
N GLN A 69 -7.74 -6.24 11.25
CA GLN A 69 -7.91 -7.66 11.53
C GLN A 69 -8.53 -8.38 10.33
N LYS A 70 -8.28 -9.69 10.26
CA LYS A 70 -8.81 -10.50 9.16
C LYS A 70 -10.34 -10.46 9.14
N THR A 71 -10.88 -9.78 8.13
CA THR A 71 -12.33 -9.67 7.99
C THR A 71 -12.86 -10.62 6.93
N GLY A 72 -13.83 -11.44 7.30
CA GLY A 72 -14.41 -12.39 6.37
C GLY A 72 -13.80 -13.77 6.50
N GLY A 1 -22.15 2.02 8.53
CA GLY A 1 -21.88 1.24 7.34
C GLY A 1 -22.01 2.05 6.07
N SER A 2 -20.95 2.05 5.27
CA SER A 2 -20.95 2.80 4.01
C SER A 2 -21.73 2.06 2.93
N SER A 3 -22.99 2.42 2.76
CA SER A 3 -23.85 1.79 1.78
C SER A 3 -24.45 2.84 0.83
N GLY A 4 -24.31 2.60 -0.47
CA GLY A 4 -24.85 3.52 -1.45
C GLY A 4 -24.71 3.00 -2.87
N SER A 5 -23.47 2.88 -3.34
CA SER A 5 -23.21 2.41 -4.68
C SER A 5 -21.77 1.93 -4.82
N SER A 6 -21.54 0.98 -5.72
CA SER A 6 -20.22 0.43 -5.94
C SER A 6 -19.19 1.55 -6.08
N GLY A 7 -18.21 1.55 -5.17
CA GLY A 7 -17.18 2.58 -5.20
C GLY A 7 -15.78 1.99 -5.34
N TYR A 8 -14.93 2.26 -4.36
CA TYR A 8 -13.56 1.75 -4.39
C TYR A 8 -13.04 1.51 -2.97
N SER A 9 -11.96 0.74 -2.87
CA SER A 9 -11.37 0.44 -1.57
C SER A 9 -9.86 0.26 -1.69
N VAL A 10 -9.12 1.15 -1.04
CA VAL A 10 -7.66 1.10 -1.07
C VAL A 10 -7.11 0.31 0.11
N LYS A 11 -7.59 -0.93 0.26
CA LYS A 11 -7.14 -1.80 1.34
C LYS A 11 -6.24 -2.91 0.82
N TRP A 12 -5.12 -3.13 1.49
CA TRP A 12 -4.18 -4.16 1.09
C TRP A 12 -4.06 -5.24 2.16
N THR A 13 -3.52 -6.39 1.79
CA THR A 13 -3.35 -7.50 2.71
C THR A 13 -1.88 -7.81 2.95
N ILE A 14 -1.52 -8.07 4.20
CA ILE A 14 -0.15 -8.38 4.55
C ILE A 14 0.55 -9.15 3.44
N GLU A 15 0.00 -10.31 3.10
CA GLU A 15 0.57 -11.14 2.05
C GLU A 15 1.14 -10.28 0.93
N GLU A 16 0.37 -9.31 0.47
CA GLU A 16 0.80 -8.42 -0.60
C GLU A 16 1.83 -7.42 -0.08
N LYS A 17 1.47 -6.68 0.96
CA LYS A 17 2.35 -5.69 1.55
C LYS A 17 3.79 -6.21 1.61
N GLU A 18 3.94 -7.49 1.98
CA GLU A 18 5.25 -8.11 2.07
C GLU A 18 5.92 -8.17 0.71
N LEU A 19 5.28 -8.84 -0.23
CA LEU A 19 5.82 -8.98 -1.58
C LEU A 19 6.16 -7.62 -2.17
N PHE A 20 5.28 -6.65 -1.98
CA PHE A 20 5.49 -5.30 -2.49
C PHE A 20 6.85 -4.76 -2.04
N GLU A 21 7.17 -4.96 -0.77
CA GLU A 21 8.44 -4.49 -0.22
C GLU A 21 9.60 -5.26 -0.81
N GLN A 22 9.53 -6.60 -0.73
CA GLN A 22 10.59 -7.45 -1.27
C GLN A 22 11.13 -6.89 -2.58
N GLY A 23 10.23 -6.69 -3.54
CA GLY A 23 10.64 -6.16 -4.83
C GLY A 23 10.97 -4.68 -4.78
N LEU A 24 10.36 -3.97 -3.83
CA LEU A 24 10.58 -2.55 -3.68
C LEU A 24 12.03 -2.26 -3.31
N ALA A 25 12.62 -3.15 -2.52
CA ALA A 25 14.00 -2.99 -2.09
C ALA A 25 14.96 -3.58 -3.13
N LYS A 26 14.54 -4.65 -3.79
CA LYS A 26 15.37 -5.30 -4.80
C LYS A 26 15.36 -4.49 -6.09
N PHE A 27 14.17 -4.32 -6.67
CA PHE A 27 14.03 -3.57 -7.92
C PHE A 27 14.06 -2.07 -7.65
N GLY A 28 13.64 -1.67 -6.46
CA GLY A 28 13.63 -0.27 -6.10
C GLY A 28 12.24 0.32 -6.08
N ARG A 29 12.08 1.52 -6.64
CA ARG A 29 10.79 2.19 -6.67
C ARG A 29 10.06 1.89 -7.97
N ARG A 30 10.43 0.78 -8.61
CA ARG A 30 9.80 0.38 -9.87
C ARG A 30 8.45 -0.28 -9.62
N TRP A 31 7.38 0.36 -10.09
CA TRP A 31 6.04 -0.16 -9.92
C TRP A 31 5.71 -1.18 -11.01
N THR A 32 6.20 -0.93 -12.22
CA THR A 32 5.96 -1.81 -13.34
C THR A 32 6.48 -3.22 -13.06
N LYS A 33 7.61 -3.30 -12.38
CA LYS A 33 8.21 -4.59 -12.04
C LYS A 33 7.47 -5.24 -10.87
N ILE A 34 7.48 -4.57 -9.72
CA ILE A 34 6.80 -5.08 -8.54
C ILE A 34 5.41 -5.61 -8.88
N SER A 35 4.66 -4.82 -9.63
CA SER A 35 3.31 -5.20 -10.03
C SER A 35 3.26 -6.68 -10.44
N LYS A 36 4.11 -7.04 -11.40
CA LYS A 36 4.18 -8.41 -11.89
C LYS A 36 4.44 -9.38 -10.75
N LEU A 37 5.52 -9.14 -10.01
CA LEU A 37 5.88 -10.01 -8.89
C LEU A 37 4.65 -10.41 -8.10
N ILE A 38 3.91 -9.43 -7.61
CA ILE A 38 2.70 -9.69 -6.84
C ILE A 38 1.63 -10.35 -7.70
N GLY A 39 1.38 -9.77 -8.88
CA GLY A 39 0.38 -10.32 -9.77
C GLY A 39 -1.02 -9.90 -9.40
N SER A 40 -1.35 -10.00 -8.11
CA SER A 40 -2.67 -9.64 -7.63
C SER A 40 -2.98 -8.17 -7.92
N ARG A 41 -2.09 -7.29 -7.45
CA ARG A 41 -2.26 -5.86 -7.66
C ARG A 41 -1.92 -5.47 -9.10
N THR A 42 -2.08 -4.18 -9.42
CA THR A 42 -1.78 -3.69 -10.76
C THR A 42 -0.96 -2.40 -10.70
N VAL A 43 -0.13 -2.19 -11.70
CA VAL A 43 0.71 -1.00 -11.77
C VAL A 43 -0.02 0.21 -11.18
N LEU A 44 -1.29 0.35 -11.52
CA LEU A 44 -2.10 1.46 -11.03
C LEU A 44 -2.25 1.39 -9.51
N GLN A 45 -2.88 0.32 -9.04
CA GLN A 45 -3.09 0.12 -7.61
C GLN A 45 -1.78 0.30 -6.84
N VAL A 46 -0.72 -0.29 -7.35
CA VAL A 46 0.60 -0.19 -6.70
C VAL A 46 1.07 1.26 -6.65
N LYS A 47 1.03 1.93 -7.79
CA LYS A 47 1.46 3.33 -7.88
C LYS A 47 0.85 4.15 -6.74
N SER A 48 -0.47 4.16 -6.68
CA SER A 48 -1.18 4.92 -5.64
C SER A 48 -0.80 4.42 -4.26
N TYR A 49 -1.04 3.14 -4.01
CA TYR A 49 -0.73 2.53 -2.71
C TYR A 49 0.63 3.01 -2.20
N ALA A 50 1.65 2.86 -3.04
CA ALA A 50 2.99 3.28 -2.68
C ALA A 50 2.97 4.52 -1.80
N ARG A 51 2.04 5.42 -2.08
CA ARG A 51 1.90 6.65 -1.31
C ARG A 51 1.15 6.41 -0.01
N GLN A 52 0.05 5.65 -0.10
CA GLN A 52 -0.77 5.34 1.06
C GLN A 52 0.08 4.72 2.17
N TYR A 53 1.02 3.87 1.78
CA TYR A 53 1.89 3.20 2.73
C TYR A 53 2.72 4.22 3.52
N PHE A 54 3.57 4.95 2.81
CA PHE A 54 4.42 5.95 3.42
C PHE A 54 3.64 6.76 4.46
N LYS A 55 2.43 7.16 4.10
CA LYS A 55 1.58 7.94 4.98
C LYS A 55 1.06 7.08 6.13
N ASN A 56 0.69 5.85 5.82
CA ASN A 56 0.17 4.93 6.82
C ASN A 56 1.28 4.52 7.80
N LYS A 57 2.52 4.61 7.35
CA LYS A 57 3.67 4.25 8.17
C LYS A 57 3.59 4.93 9.54
N VAL A 58 4.61 4.72 10.36
CA VAL A 58 4.65 5.32 11.69
C VAL A 58 3.26 5.35 12.32
N LYS A 59 2.42 4.41 11.94
CA LYS A 59 1.06 4.34 12.47
C LYS A 59 1.07 4.39 13.99
N CYS A 60 -0.12 4.47 14.58
CA CYS A 60 -0.25 4.53 16.03
C CYS A 60 0.27 3.24 16.68
N GLY A 61 1.56 3.23 17.00
CA GLY A 61 2.15 2.05 17.63
C GLY A 61 3.52 2.33 18.18
N LEU A 62 4.41 2.86 17.33
CA LEU A 62 5.77 3.16 17.75
C LEU A 62 6.47 1.92 18.30
N ASP A 63 6.29 0.79 17.62
CA ASP A 63 6.90 -0.46 18.04
C ASP A 63 8.43 -0.40 17.91
N LYS A 64 9.10 -1.36 18.51
CA LYS A 64 10.56 -1.41 18.46
C LYS A 64 11.04 -1.93 17.11
N GLU A 65 12.16 -1.41 16.64
CA GLU A 65 12.72 -1.83 15.36
C GLU A 65 14.20 -1.47 15.28
N THR A 66 15.02 -2.45 14.90
CA THR A 66 16.46 -2.23 14.78
C THR A 66 16.77 -1.18 13.72
N PRO A 67 17.85 -0.41 13.96
CA PRO A 67 18.29 0.64 13.04
C PRO A 67 18.83 0.08 11.73
N ASN A 68 18.21 0.46 10.62
CA ASN A 68 18.64 0.00 9.30
C ASN A 68 20.16 -0.01 9.19
N GLN A 69 20.73 -1.19 9.00
CA GLN A 69 22.17 -1.33 8.88
C GLN A 69 22.53 -2.39 7.83
N LYS A 70 23.78 -2.37 7.38
CA LYS A 70 24.25 -3.33 6.39
C LYS A 70 24.51 -4.68 7.03
N THR A 71 24.49 -5.74 6.20
CA THR A 71 24.73 -7.08 6.68
C THR A 71 25.85 -7.76 5.90
N GLY A 72 25.87 -7.52 4.59
CA GLY A 72 26.90 -8.12 3.75
C GLY A 72 26.33 -8.78 2.52
N GLY A 1 -15.91 11.85 13.34
CA GLY A 1 -17.33 12.17 13.41
C GLY A 1 -17.90 12.60 12.08
N SER A 2 -17.81 11.71 11.08
CA SER A 2 -18.32 12.02 9.75
C SER A 2 -19.11 10.83 9.19
N SER A 3 -19.75 11.05 8.04
CA SER A 3 -20.54 10.00 7.41
C SER A 3 -20.13 9.83 5.95
N GLY A 4 -20.49 8.68 5.38
CA GLY A 4 -20.15 8.41 3.99
C GLY A 4 -20.64 7.05 3.53
N SER A 5 -21.26 7.01 2.36
CA SER A 5 -21.78 5.77 1.80
C SER A 5 -20.65 4.92 1.22
N SER A 6 -20.31 3.84 1.91
CA SER A 6 -19.24 2.95 1.47
C SER A 6 -19.39 2.63 -0.01
N GLY A 7 -18.32 2.11 -0.61
CA GLY A 7 -18.35 1.77 -2.02
C GLY A 7 -17.01 2.00 -2.69
N TYR A 8 -16.58 1.02 -3.48
CA TYR A 8 -15.31 1.11 -4.20
C TYR A 8 -14.15 1.22 -3.21
N SER A 9 -14.21 0.43 -2.14
CA SER A 9 -13.17 0.43 -1.13
C SER A 9 -12.17 -0.70 -1.36
N VAL A 10 -10.95 -0.33 -1.76
CA VAL A 10 -9.91 -1.31 -2.03
C VAL A 10 -8.85 -1.30 -0.93
N LYS A 11 -8.71 -2.44 -0.24
CA LYS A 11 -7.74 -2.55 0.84
C LYS A 11 -6.73 -3.65 0.53
N TRP A 12 -5.50 -3.45 0.98
CA TRP A 12 -4.43 -4.41 0.75
C TRP A 12 -4.33 -5.40 1.92
N THR A 13 -3.66 -6.52 1.67
CA THR A 13 -3.49 -7.54 2.71
C THR A 13 -2.02 -7.77 3.02
N ILE A 14 -1.74 -8.23 4.24
CA ILE A 14 -0.38 -8.49 4.67
C ILE A 14 0.43 -9.15 3.55
N GLU A 15 -0.03 -10.32 3.12
CA GLU A 15 0.65 -11.05 2.06
C GLU A 15 1.22 -10.10 1.01
N GLU A 16 0.33 -9.38 0.32
CA GLU A 16 0.74 -8.43 -0.71
C GLU A 16 1.76 -7.45 -0.16
N LYS A 17 1.40 -6.77 0.93
CA LYS A 17 2.28 -5.80 1.56
C LYS A 17 3.70 -6.34 1.65
N GLU A 18 3.83 -7.61 1.97
CA GLU A 18 5.14 -8.25 2.10
C GLU A 18 5.87 -8.27 0.76
N LEU A 19 5.17 -8.71 -0.28
CA LEU A 19 5.74 -8.78 -1.62
C LEU A 19 6.15 -7.39 -2.10
N PHE A 20 5.22 -6.45 -2.06
CA PHE A 20 5.48 -5.09 -2.50
C PHE A 20 6.85 -4.61 -2.00
N GLU A 21 7.04 -4.68 -0.69
CA GLU A 21 8.30 -4.25 -0.09
C GLU A 21 9.49 -5.01 -0.71
N GLN A 22 9.46 -6.33 -0.58
CA GLN A 22 10.53 -7.16 -1.13
C GLN A 22 11.03 -6.61 -2.45
N GLY A 23 10.15 -6.55 -3.44
CA GLY A 23 10.53 -6.03 -4.75
C GLY A 23 10.83 -4.54 -4.72
N LEU A 24 10.18 -3.84 -3.80
CA LEU A 24 10.37 -2.39 -3.68
C LEU A 24 11.82 -2.07 -3.31
N ALA A 25 12.40 -2.90 -2.46
CA ALA A 25 13.79 -2.71 -2.03
C ALA A 25 14.76 -3.29 -3.04
N LYS A 26 14.41 -4.45 -3.60
CA LYS A 26 15.25 -5.11 -4.58
C LYS A 26 15.28 -4.34 -5.90
N PHE A 27 14.11 -4.22 -6.53
CA PHE A 27 14.01 -3.51 -7.79
C PHE A 27 14.01 -2.00 -7.56
N GLY A 28 13.50 -1.58 -6.40
CA GLY A 28 13.46 -0.17 -6.08
C GLY A 28 12.05 0.40 -6.17
N ARG A 29 11.95 1.63 -6.64
CA ARG A 29 10.65 2.29 -6.78
C ARG A 29 9.99 1.96 -8.11
N ARG A 30 10.31 0.77 -8.63
CA ARG A 30 9.76 0.32 -9.91
C ARG A 30 8.39 -0.32 -9.71
N TRP A 31 7.35 0.36 -10.18
CA TRP A 31 5.98 -0.15 -10.05
C TRP A 31 5.69 -1.20 -11.12
N THR A 32 6.18 -0.95 -12.34
CA THR A 32 5.96 -1.87 -13.46
C THR A 32 6.46 -3.27 -13.10
N LYS A 33 7.57 -3.35 -12.39
CA LYS A 33 8.15 -4.62 -11.99
C LYS A 33 7.36 -5.24 -10.84
N ILE A 34 7.29 -4.52 -9.72
CA ILE A 34 6.56 -4.99 -8.56
C ILE A 34 5.19 -5.53 -8.95
N SER A 35 4.37 -4.68 -9.56
CA SER A 35 3.03 -5.07 -9.99
C SER A 35 3.03 -6.47 -10.56
N LYS A 36 4.01 -6.76 -11.42
CA LYS A 36 4.13 -8.08 -12.04
C LYS A 36 4.41 -9.14 -11.00
N LEU A 37 5.36 -8.87 -10.10
CA LEU A 37 5.72 -9.81 -9.05
C LEU A 37 4.49 -10.22 -8.24
N ILE A 38 3.73 -9.22 -7.80
CA ILE A 38 2.52 -9.48 -7.01
C ILE A 38 1.47 -10.21 -7.84
N GLY A 39 1.30 -9.79 -9.09
CA GLY A 39 0.33 -10.42 -9.96
C GLY A 39 -1.08 -9.95 -9.69
N SER A 40 -1.57 -10.22 -8.47
CA SER A 40 -2.91 -9.83 -8.08
C SER A 40 -3.12 -8.34 -8.27
N ARG A 41 -2.08 -7.57 -7.97
CA ARG A 41 -2.14 -6.11 -8.11
C ARG A 41 -1.78 -5.67 -9.51
N THR A 42 -1.84 -4.37 -9.76
CA THR A 42 -1.52 -3.81 -11.07
C THR A 42 -0.74 -2.51 -10.95
N VAL A 43 0.04 -2.19 -11.97
CA VAL A 43 0.84 -0.97 -11.98
C VAL A 43 0.10 0.17 -11.29
N LEU A 44 -1.19 0.30 -11.59
CA LEU A 44 -2.02 1.35 -11.01
C LEU A 44 -2.14 1.16 -9.50
N GLN A 45 -2.81 0.08 -9.10
CA GLN A 45 -3.00 -0.22 -7.69
C GLN A 45 -1.71 -0.01 -6.91
N VAL A 46 -0.62 -0.57 -7.41
CA VAL A 46 0.68 -0.44 -6.76
C VAL A 46 1.13 1.01 -6.72
N LYS A 47 1.16 1.65 -7.89
CA LYS A 47 1.58 3.04 -7.99
C LYS A 47 1.03 3.85 -6.82
N SER A 48 -0.29 3.88 -6.69
CA SER A 48 -0.92 4.63 -5.60
C SER A 48 -0.50 4.09 -4.25
N TYR A 49 -0.90 2.85 -3.96
CA TYR A 49 -0.56 2.22 -2.69
C TYR A 49 0.82 2.66 -2.21
N ALA A 50 1.80 2.59 -3.11
CA ALA A 50 3.17 2.99 -2.78
C ALA A 50 3.19 4.18 -1.84
N ARG A 51 2.50 5.25 -2.24
CA ARG A 51 2.44 6.46 -1.43
C ARG A 51 1.56 6.25 -0.20
N GLN A 52 0.59 5.35 -0.33
CA GLN A 52 -0.33 5.06 0.77
C GLN A 52 0.40 4.37 1.91
N TYR A 53 1.36 3.52 1.57
CA TYR A 53 2.13 2.79 2.58
C TYR A 53 2.85 3.76 3.51
N PHE A 54 3.46 4.79 2.94
CA PHE A 54 4.18 5.78 3.71
C PHE A 54 3.23 6.61 4.57
N LYS A 55 2.03 6.85 4.04
CA LYS A 55 1.03 7.64 4.74
C LYS A 55 0.72 7.03 6.10
N ASN A 56 0.79 5.70 6.18
CA ASN A 56 0.52 4.99 7.42
C ASN A 56 1.68 5.15 8.41
N LYS A 57 2.89 4.88 7.92
CA LYS A 57 4.09 5.00 8.76
C LYS A 57 3.95 6.13 9.75
N VAL A 58 3.76 7.35 9.24
CA VAL A 58 3.62 8.52 10.09
C VAL A 58 2.37 9.32 9.71
N LYS A 59 1.73 9.93 10.70
CA LYS A 59 0.53 10.74 10.47
C LYS A 59 0.88 12.06 9.81
N CYS A 60 0.95 12.05 8.49
CA CYS A 60 1.27 13.26 7.74
C CYS A 60 0.32 13.43 6.54
N GLY A 61 0.12 14.68 6.12
CA GLY A 61 -0.76 14.94 5.01
C GLY A 61 -0.61 16.36 4.48
N LEU A 62 0.36 16.55 3.59
CA LEU A 62 0.61 17.87 3.01
C LEU A 62 0.07 17.95 1.59
N ASP A 63 -1.25 18.09 1.47
CA ASP A 63 -1.89 18.18 0.16
C ASP A 63 -2.20 19.63 -0.19
N LYS A 64 -1.28 20.27 -0.91
CA LYS A 64 -1.45 21.66 -1.31
C LYS A 64 -1.77 21.76 -2.81
N GLU A 65 -3.04 21.65 -3.14
CA GLU A 65 -3.47 21.72 -4.54
C GLU A 65 -4.80 22.46 -4.66
N THR A 66 -4.74 23.69 -5.16
CA THR A 66 -5.93 24.51 -5.32
C THR A 66 -6.06 25.02 -6.75
N PRO A 67 -7.31 25.10 -7.24
CA PRO A 67 -7.58 25.57 -8.61
C PRO A 67 -7.32 27.07 -8.76
N ASN A 68 -6.72 27.44 -9.90
CA ASN A 68 -6.41 28.83 -10.18
C ASN A 68 -7.00 29.27 -11.52
N GLN A 69 -8.23 29.76 -11.49
CA GLN A 69 -8.90 30.20 -12.70
C GLN A 69 -10.17 30.97 -12.37
N LYS A 70 -10.30 32.17 -12.92
CA LYS A 70 -11.47 33.01 -12.69
C LYS A 70 -11.94 33.67 -13.98
N THR A 71 -13.26 33.83 -14.11
CA THR A 71 -13.83 34.44 -15.30
C THR A 71 -15.33 34.66 -15.12
N GLY A 72 -15.83 35.76 -15.69
CA GLY A 72 -17.25 36.06 -15.59
C GLY A 72 -17.50 37.55 -15.40
N GLY A 1 -9.21 -1.57 10.10
CA GLY A 1 -10.38 -1.91 10.89
C GLY A 1 -10.65 -3.40 10.91
N SER A 2 -11.92 -3.77 11.11
CA SER A 2 -12.31 -5.17 11.16
C SER A 2 -12.14 -5.82 9.79
N SER A 3 -12.32 -7.14 9.74
CA SER A 3 -12.19 -7.89 8.50
C SER A 3 -13.52 -8.48 8.07
N GLY A 4 -14.21 -7.79 7.15
CA GLY A 4 -15.49 -8.27 6.68
C GLY A 4 -16.18 -7.26 5.78
N SER A 5 -17.12 -7.74 4.97
CA SER A 5 -17.85 -6.88 4.05
C SER A 5 -18.98 -7.66 3.36
N SER A 6 -19.88 -6.93 2.71
CA SER A 6 -21.00 -7.53 2.01
C SER A 6 -20.82 -7.45 0.50
N GLY A 7 -20.41 -6.26 0.04
CA GLY A 7 -20.20 -6.06 -1.39
C GLY A 7 -18.75 -6.21 -1.79
N TYR A 8 -18.01 -5.11 -1.76
CA TYR A 8 -16.60 -5.11 -2.13
C TYR A 8 -15.87 -3.92 -1.53
N SER A 9 -14.84 -4.20 -0.73
CA SER A 9 -14.06 -3.15 -0.09
C SER A 9 -12.67 -3.05 -0.72
N VAL A 10 -12.01 -1.91 -0.50
CA VAL A 10 -10.68 -1.68 -1.04
C VAL A 10 -9.64 -1.62 0.07
N LYS A 11 -8.71 -2.57 0.06
CA LYS A 11 -7.65 -2.62 1.06
C LYS A 11 -6.59 -3.65 0.69
N TRP A 12 -5.37 -3.44 1.17
CA TRP A 12 -4.28 -4.35 0.88
C TRP A 12 -4.10 -5.36 2.01
N THR A 13 -3.74 -6.59 1.66
CA THR A 13 -3.53 -7.65 2.65
C THR A 13 -2.07 -7.78 3.02
N ILE A 14 -1.81 -8.25 4.24
CA ILE A 14 -0.44 -8.42 4.71
C ILE A 14 0.43 -9.09 3.65
N GLU A 15 -0.06 -10.17 3.07
CA GLU A 15 0.67 -10.90 2.04
C GLU A 15 1.18 -9.94 0.96
N GLU A 16 0.27 -9.15 0.40
CA GLU A 16 0.62 -8.20 -0.64
C GLU A 16 1.57 -7.13 -0.10
N LYS A 17 1.18 -6.52 1.02
CA LYS A 17 2.00 -5.48 1.64
C LYS A 17 3.46 -5.90 1.72
N GLU A 18 3.69 -7.12 2.21
CA GLU A 18 5.05 -7.65 2.33
C GLU A 18 5.75 -7.68 0.97
N LEU A 19 5.15 -8.40 0.02
CA LEU A 19 5.71 -8.52 -1.32
C LEU A 19 6.08 -7.15 -1.87
N PHE A 20 5.12 -6.23 -1.86
CA PHE A 20 5.34 -4.88 -2.36
C PHE A 20 6.72 -4.37 -1.96
N GLU A 21 7.03 -4.46 -0.68
CA GLU A 21 8.31 -4.00 -0.17
C GLU A 21 9.45 -4.83 -0.76
N GLN A 22 9.42 -6.14 -0.52
CA GLN A 22 10.45 -7.03 -1.02
C GLN A 22 10.93 -6.59 -2.40
N GLY A 23 9.99 -6.31 -3.29
CA GLY A 23 10.33 -5.87 -4.63
C GLY A 23 10.71 -4.41 -4.69
N LEU A 24 10.11 -3.61 -3.80
CA LEU A 24 10.39 -2.18 -3.76
C LEU A 24 11.84 -1.92 -3.36
N ALA A 25 12.38 -2.78 -2.51
CA ALA A 25 13.75 -2.65 -2.05
C ALA A 25 14.73 -3.01 -3.16
N LYS A 26 14.56 -4.18 -3.75
CA LYS A 26 15.43 -4.64 -4.83
C LYS A 26 15.24 -3.80 -6.08
N PHE A 27 14.00 -3.71 -6.54
CA PHE A 27 13.68 -2.94 -7.75
C PHE A 27 13.78 -1.45 -7.46
N GLY A 28 13.50 -1.07 -6.21
CA GLY A 28 13.56 0.34 -5.83
C GLY A 28 12.20 1.01 -5.90
N ARG A 29 12.01 1.86 -6.92
CA ARG A 29 10.76 2.57 -7.09
C ARG A 29 10.09 2.18 -8.41
N ARG A 30 10.32 0.94 -8.84
CA ARG A 30 9.74 0.44 -10.08
C ARG A 30 8.41 -0.24 -9.82
N TRP A 31 7.33 0.37 -10.30
CA TRP A 31 6.00 -0.18 -10.12
C TRP A 31 5.72 -1.30 -11.12
N THR A 32 6.11 -1.08 -12.37
CA THR A 32 5.92 -2.06 -13.42
C THR A 32 6.46 -3.42 -13.01
N LYS A 33 7.64 -3.41 -12.39
CA LYS A 33 8.28 -4.64 -11.94
C LYS A 33 7.54 -5.24 -10.74
N ILE A 34 7.47 -4.47 -9.66
CA ILE A 34 6.80 -4.92 -8.44
C ILE A 34 5.42 -5.49 -8.77
N SER A 35 4.59 -4.67 -9.42
CA SER A 35 3.24 -5.09 -9.79
C SER A 35 3.23 -6.53 -10.29
N LYS A 36 4.21 -6.86 -11.13
CA LYS A 36 4.32 -8.21 -11.68
C LYS A 36 4.55 -9.23 -10.57
N LEU A 37 5.47 -8.92 -9.66
CA LEU A 37 5.78 -9.81 -8.55
C LEU A 37 4.52 -10.27 -7.84
N ILE A 38 3.74 -9.31 -7.35
CA ILE A 38 2.50 -9.61 -6.64
C ILE A 38 1.48 -10.23 -7.59
N GLY A 39 1.29 -9.61 -8.75
CA GLY A 39 0.35 -10.11 -9.72
C GLY A 39 -1.08 -9.73 -9.39
N SER A 40 -1.45 -9.86 -8.12
CA SER A 40 -2.80 -9.53 -7.67
C SER A 40 -3.12 -8.06 -7.94
N ARG A 41 -2.17 -7.19 -7.60
CA ARG A 41 -2.36 -5.75 -7.80
C ARG A 41 -1.83 -5.33 -9.18
N THR A 42 -2.48 -4.32 -9.76
CA THR A 42 -2.08 -3.82 -11.07
C THR A 42 -1.15 -2.61 -10.94
N VAL A 43 -0.28 -2.44 -11.94
CA VAL A 43 0.66 -1.32 -11.93
C VAL A 43 0.01 -0.06 -11.38
N LEU A 44 -1.23 0.19 -11.78
CA LEU A 44 -1.96 1.37 -11.33
C LEU A 44 -2.21 1.30 -9.83
N GLN A 45 -2.95 0.29 -9.40
CA GLN A 45 -3.27 0.12 -7.98
C GLN A 45 -2.01 0.27 -7.13
N VAL A 46 -0.91 -0.33 -7.58
CA VAL A 46 0.35 -0.27 -6.86
C VAL A 46 0.91 1.15 -6.86
N LYS A 47 0.90 1.79 -8.02
CA LYS A 47 1.41 3.15 -8.15
C LYS A 47 0.91 4.02 -7.02
N SER A 48 -0.39 3.92 -6.72
CA SER A 48 -0.99 4.71 -5.66
C SER A 48 -0.56 4.20 -4.28
N TYR A 49 -1.00 2.99 -3.94
CA TYR A 49 -0.66 2.39 -2.67
C TYR A 49 0.76 2.73 -2.26
N ALA A 50 1.68 2.60 -3.20
CA ALA A 50 3.09 2.90 -2.95
C ALA A 50 3.23 4.11 -2.03
N ARG A 51 2.52 5.18 -2.35
CA ARG A 51 2.56 6.40 -1.56
C ARG A 51 1.70 6.27 -0.32
N GLN A 52 0.64 5.48 -0.41
CA GLN A 52 -0.26 5.27 0.71
C GLN A 52 0.45 4.57 1.87
N TYR A 53 1.34 3.66 1.53
CA TYR A 53 2.09 2.90 2.54
C TYR A 53 2.95 3.84 3.38
N PHE A 54 3.93 4.48 2.74
CA PHE A 54 4.83 5.40 3.43
C PHE A 54 4.07 6.22 4.46
N LYS A 55 2.77 6.43 4.22
CA LYS A 55 1.94 7.20 5.12
C LYS A 55 1.45 6.33 6.29
N ASN A 56 0.84 5.20 5.97
CA ASN A 56 0.33 4.29 6.99
C ASN A 56 1.46 3.82 7.90
N LYS A 57 2.66 3.71 7.33
CA LYS A 57 3.82 3.27 8.09
C LYS A 57 3.82 3.87 9.50
N VAL A 58 4.58 3.25 10.40
CA VAL A 58 4.67 3.72 11.77
C VAL A 58 3.30 3.71 12.45
N LYS A 59 2.58 2.59 12.29
CA LYS A 59 1.26 2.44 12.88
C LYS A 59 1.35 2.44 14.41
N CYS A 60 0.56 3.31 15.04
CA CYS A 60 0.55 3.41 16.50
C CYS A 60 1.92 3.82 17.02
N GLY A 61 2.54 4.79 16.35
CA GLY A 61 3.85 5.26 16.76
C GLY A 61 3.84 5.84 18.16
N LEU A 62 3.24 7.01 18.32
CA LEU A 62 3.16 7.68 19.61
C LEU A 62 1.81 7.43 20.27
N ASP A 63 0.75 7.84 19.60
CA ASP A 63 -0.60 7.65 20.12
C ASP A 63 -0.88 6.19 20.42
N LYS A 64 -1.09 5.88 21.70
CA LYS A 64 -1.36 4.52 22.12
C LYS A 64 -2.80 4.37 22.61
N GLU A 65 -3.74 4.92 21.85
CA GLU A 65 -5.14 4.85 22.20
C GLU A 65 -5.95 4.13 21.13
N THR A 66 -6.77 3.17 21.54
CA THR A 66 -7.59 2.40 20.61
C THR A 66 -8.85 1.89 21.29
N PRO A 67 -9.96 1.85 20.54
CA PRO A 67 -11.25 1.39 21.04
C PRO A 67 -11.26 -0.12 21.30
N ASN A 68 -11.37 -0.49 22.57
CA ASN A 68 -11.38 -1.90 22.95
C ASN A 68 -12.82 -2.38 23.20
N GLN A 69 -13.24 -3.36 22.40
CA GLN A 69 -14.58 -3.92 22.52
C GLN A 69 -14.54 -5.43 22.66
N LYS A 70 -15.68 -6.01 23.02
CA LYS A 70 -15.77 -7.46 23.18
C LYS A 70 -16.75 -8.06 22.18
N THR A 71 -16.35 -9.16 21.54
CA THR A 71 -17.21 -9.83 20.56
C THR A 71 -18.55 -10.20 21.16
N GLY A 72 -18.53 -10.71 22.39
CA GLY A 72 -19.76 -11.11 23.05
C GLY A 72 -20.32 -12.41 22.52
N GLY A 1 -24.37 -12.64 -3.82
CA GLY A 1 -24.06 -13.04 -5.18
C GLY A 1 -23.23 -12.00 -5.91
N SER A 2 -23.89 -11.19 -6.74
CA SER A 2 -23.20 -10.16 -7.51
C SER A 2 -23.51 -8.78 -6.94
N SER A 3 -22.45 -8.03 -6.64
CA SER A 3 -22.60 -6.69 -6.09
C SER A 3 -22.16 -5.63 -7.10
N GLY A 4 -23.14 -5.04 -7.78
CA GLY A 4 -22.84 -4.01 -8.77
C GLY A 4 -22.38 -2.71 -8.14
N SER A 5 -21.18 -2.72 -7.56
CA SER A 5 -20.64 -1.53 -6.91
C SER A 5 -21.38 -1.23 -5.61
N SER A 6 -21.77 -2.29 -4.90
CA SER A 6 -22.48 -2.15 -3.64
C SER A 6 -21.75 -2.85 -2.51
N GLY A 7 -21.27 -2.07 -1.54
CA GLY A 7 -20.55 -2.64 -0.42
C GLY A 7 -19.20 -3.21 -0.82
N TYR A 8 -18.44 -2.42 -1.58
CA TYR A 8 -17.12 -2.85 -2.03
C TYR A 8 -16.02 -2.27 -1.15
N SER A 9 -15.16 -3.14 -0.63
CA SER A 9 -14.07 -2.71 0.24
C SER A 9 -12.72 -3.06 -0.38
N VAL A 10 -11.84 -2.07 -0.46
CA VAL A 10 -10.51 -2.27 -1.04
C VAL A 10 -9.42 -2.09 0.01
N LYS A 11 -8.66 -3.14 0.26
CA LYS A 11 -7.59 -3.09 1.25
C LYS A 11 -6.50 -4.11 0.91
N TRP A 12 -5.25 -3.72 1.12
CA TRP A 12 -4.12 -4.60 0.84
C TRP A 12 -3.96 -5.65 1.94
N THR A 13 -3.69 -6.89 1.54
CA THR A 13 -3.53 -7.98 2.49
C THR A 13 -2.06 -8.15 2.87
N ILE A 14 -1.83 -8.63 4.09
CA ILE A 14 -0.47 -8.84 4.58
C ILE A 14 0.40 -9.47 3.51
N GLU A 15 -0.10 -10.52 2.88
CA GLU A 15 0.63 -11.22 1.84
C GLU A 15 1.17 -10.23 0.80
N GLU A 16 0.28 -9.39 0.28
CA GLU A 16 0.66 -8.40 -0.72
C GLU A 16 1.73 -7.47 -0.18
N LYS A 17 1.44 -6.81 0.93
CA LYS A 17 2.38 -5.88 1.55
C LYS A 17 3.78 -6.48 1.58
N GLU A 18 3.86 -7.76 1.94
CA GLU A 18 5.15 -8.45 2.00
C GLU A 18 5.81 -8.52 0.63
N LEU A 19 5.06 -8.98 -0.35
CA LEU A 19 5.56 -9.09 -1.72
C LEU A 19 6.00 -7.73 -2.25
N PHE A 20 5.09 -6.77 -2.23
CA PHE A 20 5.38 -5.42 -2.71
C PHE A 20 6.73 -4.94 -2.18
N GLU A 21 6.92 -5.07 -0.87
CA GLU A 21 8.17 -4.64 -0.23
C GLU A 21 9.35 -5.39 -0.81
N GLN A 22 9.27 -6.73 -0.81
CA GLN A 22 10.34 -7.56 -1.33
C GLN A 22 10.96 -6.93 -2.57
N GLY A 23 10.11 -6.56 -3.52
CA GLY A 23 10.59 -5.97 -4.75
C GLY A 23 11.03 -4.52 -4.56
N LEU A 24 10.20 -3.74 -3.88
CA LEU A 24 10.50 -2.33 -3.63
C LEU A 24 11.95 -2.15 -3.21
N ALA A 25 12.49 -3.15 -2.53
CA ALA A 25 13.88 -3.11 -2.07
C ALA A 25 14.83 -3.59 -3.16
N LYS A 26 14.40 -4.58 -3.93
CA LYS A 26 15.20 -5.13 -5.02
C LYS A 26 15.16 -4.22 -6.24
N PHE A 27 13.97 -4.10 -6.82
CA PHE A 27 13.78 -3.26 -8.01
C PHE A 27 13.86 -1.78 -7.65
N GLY A 28 13.48 -1.47 -6.42
CA GLY A 28 13.51 -0.08 -5.96
C GLY A 28 12.14 0.57 -6.00
N ARG A 29 12.02 1.67 -6.74
CA ARG A 29 10.76 2.38 -6.87
C ARG A 29 9.97 1.89 -8.07
N ARG A 30 10.66 1.30 -9.02
CA ARG A 30 10.02 0.78 -10.23
C ARG A 30 8.75 0.01 -9.88
N TRP A 31 7.60 0.58 -10.24
CA TRP A 31 6.32 -0.06 -9.96
C TRP A 31 6.06 -1.20 -10.95
N THR A 32 6.04 -0.87 -12.24
CA THR A 32 5.80 -1.87 -13.27
C THR A 32 6.41 -3.21 -12.90
N LYS A 33 7.70 -3.21 -12.59
CA LYS A 33 8.40 -4.43 -12.21
C LYS A 33 7.74 -5.09 -11.00
N ILE A 34 7.61 -4.32 -9.92
CA ILE A 34 7.00 -4.82 -8.69
C ILE A 34 5.63 -5.42 -8.98
N SER A 35 4.72 -4.61 -9.53
CA SER A 35 3.38 -5.07 -9.84
C SER A 35 3.39 -6.53 -10.31
N LYS A 36 4.26 -6.83 -11.26
CA LYS A 36 4.39 -8.18 -11.79
C LYS A 36 4.64 -9.18 -10.67
N LEU A 37 5.69 -8.93 -9.88
CA LEU A 37 6.04 -9.80 -8.78
C LEU A 37 4.80 -10.25 -8.02
N ILE A 38 3.97 -9.29 -7.64
CA ILE A 38 2.74 -9.58 -6.89
C ILE A 38 1.75 -10.34 -7.77
N GLY A 39 1.41 -9.76 -8.91
CA GLY A 39 0.48 -10.39 -9.82
C GLY A 39 -0.96 -10.09 -9.46
N SER A 40 -1.28 -10.18 -8.17
CA SER A 40 -2.64 -9.92 -7.71
C SER A 40 -3.02 -8.46 -7.90
N ARG A 41 -2.08 -7.57 -7.61
CA ARG A 41 -2.31 -6.14 -7.76
C ARG A 41 -2.05 -5.69 -9.19
N THR A 42 -2.14 -4.38 -9.42
CA THR A 42 -1.91 -3.82 -10.75
C THR A 42 -1.08 -2.55 -10.67
N VAL A 43 -0.33 -2.29 -11.73
CA VAL A 43 0.53 -1.10 -11.80
C VAL A 43 -0.18 0.10 -11.17
N LEU A 44 -1.48 0.22 -11.40
CA LEU A 44 -2.27 1.32 -10.86
C LEU A 44 -2.41 1.19 -9.34
N GLN A 45 -3.04 0.11 -8.90
CA GLN A 45 -3.23 -0.13 -7.47
C GLN A 45 -1.94 0.05 -6.71
N VAL A 46 -0.83 -0.43 -7.29
CA VAL A 46 0.48 -0.32 -6.66
C VAL A 46 0.93 1.13 -6.60
N LYS A 47 1.02 1.76 -7.77
CA LYS A 47 1.45 3.16 -7.86
C LYS A 47 0.91 3.97 -6.69
N SER A 48 -0.42 4.04 -6.58
CA SER A 48 -1.06 4.78 -5.50
C SER A 48 -0.61 4.26 -4.15
N TYR A 49 -0.95 3.02 -3.85
CA TYR A 49 -0.59 2.41 -2.58
C TYR A 49 0.80 2.86 -2.14
N ALA A 50 1.75 2.82 -3.07
CA ALA A 50 3.12 3.23 -2.77
C ALA A 50 3.15 4.40 -1.79
N ARG A 51 2.36 5.42 -2.08
CA ARG A 51 2.29 6.60 -1.23
C ARG A 51 1.48 6.32 0.03
N GLN A 52 0.48 5.46 -0.10
CA GLN A 52 -0.38 5.10 1.03
C GLN A 52 0.44 4.44 2.14
N TYR A 53 1.30 3.50 1.76
CA TYR A 53 2.13 2.80 2.72
C TYR A 53 2.88 3.78 3.62
N PHE A 54 3.64 4.68 3.00
CA PHE A 54 4.41 5.67 3.74
C PHE A 54 3.48 6.66 4.44
N LYS A 55 2.41 7.04 3.76
CA LYS A 55 1.44 7.98 4.32
C LYS A 55 0.96 7.51 5.69
N ASN A 56 0.72 6.21 5.82
CA ASN A 56 0.26 5.64 7.07
C ASN A 56 1.34 5.73 8.15
N LYS A 57 2.54 5.29 7.80
CA LYS A 57 3.66 5.32 8.73
C LYS A 57 3.59 6.55 9.63
N VAL A 58 3.57 7.73 9.02
CA VAL A 58 3.50 8.98 9.75
C VAL A 58 2.49 9.93 9.13
N LYS A 59 1.37 10.14 9.83
CA LYS A 59 0.32 11.03 9.35
C LYS A 59 0.87 12.43 9.09
N CYS A 60 0.06 13.26 8.44
CA CYS A 60 0.48 14.64 8.14
C CYS A 60 1.94 14.68 7.71
N GLY A 61 2.31 13.80 6.80
CA GLY A 61 3.68 13.75 6.32
C GLY A 61 3.89 14.60 5.08
N LEU A 62 4.88 14.23 4.27
CA LEU A 62 5.18 14.95 3.05
C LEU A 62 4.30 14.48 1.90
N ASP A 63 3.08 14.08 2.21
CA ASP A 63 2.14 13.61 1.20
C ASP A 63 2.10 14.56 0.01
N LYS A 64 1.74 15.81 0.27
CA LYS A 64 1.66 16.82 -0.78
C LYS A 64 2.46 18.07 -0.40
N GLU A 65 3.41 18.43 -1.25
CA GLU A 65 4.25 19.61 -1.00
C GLU A 65 3.44 20.90 -1.19
N THR A 66 3.90 21.97 -0.54
CA THR A 66 3.22 23.26 -0.64
C THR A 66 4.22 24.39 -0.80
N PRO A 67 3.80 25.47 -1.47
CA PRO A 67 4.64 26.64 -1.71
C PRO A 67 4.92 27.43 -0.42
N ASN A 68 4.27 27.02 0.67
CA ASN A 68 4.45 27.68 1.96
C ASN A 68 5.56 27.01 2.77
N GLN A 69 6.37 27.83 3.43
CA GLN A 69 7.47 27.31 4.24
C GLN A 69 7.06 26.04 4.96
N LYS A 70 8.01 25.11 5.11
CA LYS A 70 7.75 23.85 5.79
C LYS A 70 7.78 24.03 7.30
N THR A 71 6.97 23.23 8.01
CA THR A 71 6.91 23.30 9.46
C THR A 71 7.45 22.03 10.10
N GLY A 72 8.49 22.17 10.91
CA GLY A 72 9.09 21.02 11.56
C GLY A 72 8.72 20.95 13.03
N GLY A 1 -13.18 -9.33 11.81
CA GLY A 1 -14.10 -8.29 12.23
C GLY A 1 -13.80 -6.96 11.58
N SER A 2 -14.43 -6.70 10.44
CA SER A 2 -14.22 -5.45 9.72
C SER A 2 -15.19 -4.37 10.18
N SER A 3 -14.65 -3.25 10.63
CA SER A 3 -15.47 -2.14 11.12
C SER A 3 -14.95 -0.81 10.58
N GLY A 4 -15.80 0.22 10.65
CA GLY A 4 -15.41 1.53 10.16
C GLY A 4 -15.14 1.55 8.67
N SER A 5 -16.14 1.97 7.90
CA SER A 5 -16.00 2.04 6.45
C SER A 5 -17.09 2.92 5.83
N SER A 6 -16.68 3.80 4.92
CA SER A 6 -17.61 4.70 4.26
C SER A 6 -18.06 4.13 2.92
N GLY A 7 -18.35 2.83 2.90
CA GLY A 7 -18.79 2.18 1.69
C GLY A 7 -17.67 1.45 0.97
N TYR A 8 -16.55 2.15 0.77
CA TYR A 8 -15.40 1.56 0.09
C TYR A 8 -14.10 2.18 0.59
N SER A 9 -13.24 1.34 1.14
CA SER A 9 -11.95 1.80 1.66
C SER A 9 -10.79 1.09 0.98
N VAL A 10 -9.65 1.76 0.89
CA VAL A 10 -8.47 1.19 0.26
C VAL A 10 -7.55 0.53 1.30
N LYS A 11 -7.48 -0.80 1.24
CA LYS A 11 -6.65 -1.55 2.17
C LYS A 11 -6.02 -2.75 1.49
N TRP A 12 -4.78 -3.07 1.87
CA TRP A 12 -4.07 -4.20 1.28
C TRP A 12 -3.98 -5.36 2.27
N THR A 13 -3.40 -6.47 1.84
CA THR A 13 -3.26 -7.65 2.68
C THR A 13 -1.80 -7.92 3.01
N ILE A 14 -1.54 -8.34 4.24
CA ILE A 14 -0.18 -8.65 4.68
C ILE A 14 0.53 -9.55 3.68
N GLU A 15 -0.24 -10.42 3.02
CA GLU A 15 0.32 -11.34 2.03
C GLU A 15 0.88 -10.58 0.84
N GLU A 16 0.21 -9.49 0.47
CA GLU A 16 0.65 -8.68 -0.66
C GLU A 16 1.71 -7.67 -0.24
N LYS A 17 1.37 -6.87 0.77
CA LYS A 17 2.29 -5.85 1.28
C LYS A 17 3.71 -6.43 1.43
N GLU A 18 3.79 -7.64 1.99
CA GLU A 18 5.07 -8.30 2.19
C GLU A 18 5.81 -8.46 0.86
N LEU A 19 5.06 -8.73 -0.20
CA LEU A 19 5.65 -8.91 -1.52
C LEU A 19 6.07 -7.57 -2.12
N PHE A 20 5.29 -6.54 -1.86
CA PHE A 20 5.60 -5.20 -2.36
C PHE A 20 6.95 -4.71 -1.85
N GLU A 21 7.17 -4.87 -0.54
CA GLU A 21 8.41 -4.45 0.07
C GLU A 21 9.59 -5.29 -0.44
N GLN A 22 9.38 -6.60 -0.52
CA GLN A 22 10.41 -7.52 -0.99
C GLN A 22 11.07 -6.98 -2.25
N GLY A 23 10.27 -6.72 -3.28
CA GLY A 23 10.80 -6.21 -4.53
C GLY A 23 11.24 -4.77 -4.43
N LEU A 24 10.46 -3.95 -3.73
CA LEU A 24 10.78 -2.54 -3.56
C LEU A 24 12.25 -2.36 -3.18
N ALA A 25 12.79 -3.33 -2.46
CA ALA A 25 14.19 -3.29 -2.03
C ALA A 25 15.12 -3.71 -3.17
N LYS A 26 14.66 -4.66 -3.98
CA LYS A 26 15.45 -5.15 -5.10
C LYS A 26 15.34 -4.21 -6.29
N PHE A 27 14.13 -4.08 -6.82
CA PHE A 27 13.89 -3.22 -7.98
C PHE A 27 13.98 -1.75 -7.58
N GLY A 28 13.66 -1.47 -6.31
CA GLY A 28 13.71 -0.10 -5.82
C GLY A 28 12.33 0.53 -5.73
N ARG A 29 12.01 1.40 -6.68
CA ARG A 29 10.72 2.06 -6.70
C ARG A 29 9.91 1.66 -7.93
N ARG A 30 10.59 1.09 -8.92
CA ARG A 30 9.94 0.65 -10.15
C ARG A 30 8.65 -0.11 -9.83
N TRP A 31 7.52 0.50 -10.16
CA TRP A 31 6.22 -0.12 -9.91
C TRP A 31 5.93 -1.19 -10.95
N THR A 32 6.06 -0.83 -12.23
CA THR A 32 5.81 -1.77 -13.32
C THR A 32 6.46 -3.12 -13.04
N LYS A 33 7.65 -3.10 -12.46
CA LYS A 33 8.36 -4.33 -12.13
C LYS A 33 7.73 -5.03 -10.93
N ILE A 34 7.47 -4.27 -9.88
CA ILE A 34 6.86 -4.81 -8.67
C ILE A 34 5.48 -5.40 -8.97
N SER A 35 4.58 -4.57 -9.45
CA SER A 35 3.22 -5.01 -9.77
C SER A 35 3.23 -6.41 -10.36
N LYS A 36 4.25 -6.69 -11.18
CA LYS A 36 4.38 -8.00 -11.82
C LYS A 36 4.59 -9.09 -10.78
N LEU A 37 5.48 -8.83 -9.82
CA LEU A 37 5.77 -9.79 -8.77
C LEU A 37 4.49 -10.26 -8.08
N ILE A 38 3.66 -9.30 -7.67
CA ILE A 38 2.40 -9.62 -7.00
C ILE A 38 1.44 -10.31 -7.96
N GLY A 39 1.15 -9.64 -9.09
CA GLY A 39 0.24 -10.20 -10.07
C GLY A 39 -1.21 -9.93 -9.73
N SER A 40 -1.53 -9.98 -8.45
CA SER A 40 -2.90 -9.75 -7.99
C SER A 40 -3.32 -8.30 -8.27
N ARG A 41 -2.43 -7.36 -7.96
CA ARG A 41 -2.71 -5.95 -8.17
C ARG A 41 -2.27 -5.51 -9.56
N THR A 42 -2.44 -4.22 -9.85
CA THR A 42 -2.06 -3.67 -11.14
C THR A 42 -1.19 -2.43 -10.98
N VAL A 43 -0.35 -2.17 -11.97
CA VAL A 43 0.53 -1.01 -11.94
C VAL A 43 -0.16 0.19 -11.29
N LEU A 44 -1.41 0.41 -11.66
CA LEU A 44 -2.19 1.52 -11.11
C LEU A 44 -2.29 1.41 -9.59
N GLN A 45 -2.88 0.32 -9.12
CA GLN A 45 -3.04 0.09 -7.70
C GLN A 45 -1.71 0.21 -6.96
N VAL A 46 -0.66 -0.33 -7.57
CA VAL A 46 0.67 -0.29 -6.98
C VAL A 46 1.19 1.15 -6.89
N LYS A 47 0.74 1.99 -7.83
CA LYS A 47 1.15 3.38 -7.86
C LYS A 47 0.42 4.20 -6.80
N SER A 48 -0.86 3.87 -6.58
CA SER A 48 -1.67 4.57 -5.59
C SER A 48 -1.39 4.04 -4.20
N TYR A 49 -0.79 2.86 -4.12
CA TYR A 49 -0.46 2.25 -2.83
C TYR A 49 0.87 2.77 -2.31
N ALA A 50 1.88 2.81 -3.18
CA ALA A 50 3.20 3.29 -2.80
C ALA A 50 3.10 4.50 -1.87
N ARG A 51 2.16 5.39 -2.17
CA ARG A 51 1.96 6.59 -1.38
C ARG A 51 1.17 6.27 -0.11
N GLN A 52 0.20 5.37 -0.22
CA GLN A 52 -0.61 4.98 0.92
C GLN A 52 0.24 4.39 2.04
N TYR A 53 1.18 3.53 1.66
CA TYR A 53 2.06 2.89 2.63
C TYR A 53 2.79 3.94 3.48
N PHE A 54 3.59 4.76 2.81
CA PHE A 54 4.34 5.81 3.49
C PHE A 54 3.44 6.61 4.43
N LYS A 55 2.25 6.93 3.96
CA LYS A 55 1.29 7.69 4.76
C LYS A 55 0.94 6.95 6.04
N ASN A 56 0.89 5.62 5.95
CA ASN A 56 0.56 4.79 7.10
C ASN A 56 1.71 4.77 8.11
N LYS A 57 2.80 5.45 7.75
CA LYS A 57 3.98 5.51 8.63
C LYS A 57 4.27 6.95 9.03
N VAL A 58 4.65 7.78 8.06
CA VAL A 58 4.96 9.18 8.33
C VAL A 58 3.85 10.08 7.80
N LYS A 59 3.05 10.60 8.72
CA LYS A 59 1.94 11.49 8.37
C LYS A 59 2.46 12.88 8.03
N CYS A 60 2.10 13.37 6.84
CA CYS A 60 2.53 14.69 6.40
C CYS A 60 3.94 15.01 6.90
N GLY A 61 4.82 14.01 6.82
CA GLY A 61 6.19 14.20 7.27
C GLY A 61 6.27 14.48 8.76
N LEU A 62 7.24 15.30 9.15
CA LEU A 62 7.44 15.64 10.56
C LEU A 62 7.07 17.09 10.82
N ASP A 63 5.99 17.55 10.21
CA ASP A 63 5.52 18.92 10.38
C ASP A 63 4.21 18.96 11.13
N LYS A 64 3.90 20.12 11.72
CA LYS A 64 2.67 20.29 12.47
C LYS A 64 1.50 19.56 11.80
N GLU A 65 0.52 19.15 12.60
CA GLU A 65 -0.64 18.45 12.08
C GLU A 65 -1.93 19.00 12.67
N THR A 66 -3.06 18.62 12.09
CA THR A 66 -4.35 19.08 12.57
C THR A 66 -4.61 18.62 14.00
N PRO A 67 -5.26 19.48 14.79
CA PRO A 67 -5.58 19.19 16.19
C PRO A 67 -6.64 18.10 16.32
N ASN A 68 -6.96 17.75 17.56
CA ASN A 68 -7.96 16.73 17.83
C ASN A 68 -9.36 17.34 17.91
N GLN A 69 -10.17 17.09 16.89
CA GLN A 69 -11.53 17.61 16.84
C GLN A 69 -12.24 17.42 18.18
N LYS A 70 -12.47 18.53 18.88
CA LYS A 70 -13.14 18.49 20.18
C LYS A 70 -14.44 19.29 20.15
N THR A 71 -15.53 18.64 19.76
CA THR A 71 -16.83 19.29 19.69
C THR A 71 -17.43 19.47 21.08
N GLY A 72 -17.38 18.42 21.89
CA GLY A 72 -17.92 18.48 23.23
C GLY A 72 -18.57 17.18 23.65
N GLY A 1 -19.49 -13.13 15.93
CA GLY A 1 -18.31 -13.75 16.52
C GLY A 1 -17.28 -12.74 16.95
N SER A 2 -16.95 -11.81 16.06
CA SER A 2 -15.96 -10.78 16.37
C SER A 2 -16.53 -9.39 16.13
N SER A 3 -16.04 -8.41 16.88
CA SER A 3 -16.50 -7.03 16.76
C SER A 3 -15.69 -6.28 15.70
N GLY A 4 -16.25 -5.18 15.22
CA GLY A 4 -15.57 -4.39 14.21
C GLY A 4 -15.35 -5.15 12.92
N SER A 5 -16.06 -4.75 11.87
CA SER A 5 -15.95 -5.41 10.58
C SER A 5 -15.93 -4.39 9.44
N SER A 6 -15.45 -4.81 8.28
CA SER A 6 -15.37 -3.93 7.11
C SER A 6 -16.52 -4.19 6.14
N GLY A 7 -16.71 -3.27 5.20
CA GLY A 7 -17.78 -3.43 4.22
C GLY A 7 -17.43 -2.81 2.89
N TYR A 8 -17.19 -3.65 1.90
CA TYR A 8 -16.84 -3.18 0.56
C TYR A 8 -15.54 -2.39 0.58
N SER A 9 -14.56 -2.89 1.33
CA SER A 9 -13.26 -2.23 1.44
C SER A 9 -12.23 -2.92 0.57
N VAL A 10 -11.53 -2.14 -0.25
CA VAL A 10 -10.50 -2.68 -1.13
C VAL A 10 -9.11 -2.52 -0.52
N LYS A 11 -8.96 -2.96 0.72
CA LYS A 11 -7.68 -2.87 1.41
C LYS A 11 -6.71 -3.92 0.90
N TRP A 12 -5.42 -3.66 1.05
CA TRP A 12 -4.39 -4.59 0.60
C TRP A 12 -4.20 -5.72 1.60
N THR A 13 -3.87 -6.90 1.10
CA THR A 13 -3.66 -8.06 1.95
C THR A 13 -2.21 -8.18 2.39
N ILE A 14 -1.99 -8.81 3.54
CA ILE A 14 -0.65 -8.99 4.08
C ILE A 14 0.31 -9.46 2.99
N GLU A 15 -0.08 -10.51 2.28
CA GLU A 15 0.75 -11.06 1.21
C GLU A 15 1.20 -9.96 0.25
N GLU A 16 0.33 -9.00 0.01
CA GLU A 16 0.63 -7.89 -0.89
C GLU A 16 1.46 -6.83 -0.17
N LYS A 17 1.18 -6.64 1.11
CA LYS A 17 1.90 -5.64 1.91
C LYS A 17 3.33 -6.10 2.18
N GLU A 18 3.53 -7.41 2.21
CA GLU A 18 4.86 -7.97 2.46
C GLU A 18 5.67 -8.05 1.18
N LEU A 19 5.03 -8.49 0.09
CA LEU A 19 5.68 -8.60 -1.20
C LEU A 19 6.05 -7.23 -1.74
N PHE A 20 5.09 -6.32 -1.75
CA PHE A 20 5.32 -4.96 -2.26
C PHE A 20 6.65 -4.43 -1.77
N GLU A 21 6.88 -4.51 -0.46
CA GLU A 21 8.12 -4.01 0.13
C GLU A 21 9.32 -4.82 -0.38
N GLN A 22 9.23 -6.13 -0.24
CA GLN A 22 10.30 -7.02 -0.69
C GLN A 22 10.91 -6.52 -1.99
N GLY A 23 10.09 -6.38 -3.02
CA GLY A 23 10.56 -5.91 -4.30
C GLY A 23 10.86 -4.43 -4.31
N LEU A 24 10.11 -3.68 -3.50
CA LEU A 24 10.30 -2.23 -3.41
C LEU A 24 11.73 -1.90 -2.99
N ALA A 25 12.38 -2.83 -2.30
CA ALA A 25 13.74 -2.63 -1.84
C ALA A 25 14.75 -3.17 -2.85
N LYS A 26 14.33 -4.19 -3.60
CA LYS A 26 15.20 -4.80 -4.61
C LYS A 26 15.20 -3.98 -5.89
N PHE A 27 14.02 -3.82 -6.48
CA PHE A 27 13.89 -3.06 -7.72
C PHE A 27 13.80 -1.56 -7.43
N GLY A 28 13.41 -1.23 -6.20
CA GLY A 28 13.30 0.16 -5.82
C GLY A 28 11.87 0.67 -5.86
N ARG A 29 11.65 1.74 -6.60
CA ARG A 29 10.31 2.33 -6.72
C ARG A 29 9.63 1.86 -8.00
N ARG A 30 10.31 0.98 -8.75
CA ARG A 30 9.77 0.46 -9.99
C ARG A 30 8.44 -0.26 -9.76
N TRP A 31 7.35 0.39 -10.14
CA TRP A 31 6.01 -0.18 -9.96
C TRP A 31 5.76 -1.27 -11.01
N THR A 32 6.18 -1.02 -12.24
CA THR A 32 5.99 -1.97 -13.32
C THR A 32 6.48 -3.36 -12.92
N LYS A 33 7.60 -3.41 -12.21
CA LYS A 33 8.18 -4.67 -11.76
C LYS A 33 7.40 -5.23 -10.57
N ILE A 34 7.36 -4.47 -9.47
CA ILE A 34 6.65 -4.89 -8.27
C ILE A 34 5.31 -5.51 -8.63
N SER A 35 4.52 -4.79 -9.42
CA SER A 35 3.20 -5.28 -9.83
C SER A 35 3.30 -6.68 -10.41
N LYS A 36 4.21 -6.85 -11.37
CA LYS A 36 4.40 -8.14 -12.03
C LYS A 36 4.77 -9.22 -11.01
N LEU A 37 5.57 -8.83 -10.02
CA LEU A 37 5.99 -9.76 -8.97
C LEU A 37 4.80 -10.27 -8.18
N ILE A 38 4.08 -9.36 -7.55
CA ILE A 38 2.91 -9.71 -6.75
C ILE A 38 1.85 -10.40 -7.61
N GLY A 39 1.55 -9.81 -8.76
CA GLY A 39 0.56 -10.38 -9.66
C GLY A 39 -0.85 -10.01 -9.26
N SER A 40 -1.12 -9.99 -7.97
CA SER A 40 -2.44 -9.65 -7.46
C SER A 40 -2.79 -8.21 -7.78
N ARG A 41 -1.85 -7.30 -7.52
CA ARG A 41 -2.07 -5.89 -7.78
C ARG A 41 -1.62 -5.52 -9.19
N THR A 42 -2.10 -4.38 -9.69
CA THR A 42 -1.74 -3.92 -11.03
C THR A 42 -0.98 -2.61 -10.96
N VAL A 43 -0.13 -2.37 -11.96
CA VAL A 43 0.66 -1.14 -12.01
C VAL A 43 -0.11 0.04 -11.44
N LEU A 44 -1.41 0.10 -11.73
CA LEU A 44 -2.26 1.17 -11.26
C LEU A 44 -2.46 1.08 -9.74
N GLN A 45 -3.16 0.02 -9.30
CA GLN A 45 -3.41 -0.19 -7.88
C GLN A 45 -2.14 0.04 -7.07
N VAL A 46 -1.00 -0.34 -7.63
CA VAL A 46 0.28 -0.18 -6.96
C VAL A 46 0.68 1.29 -6.88
N LYS A 47 0.81 1.92 -8.04
CA LYS A 47 1.18 3.33 -8.10
C LYS A 47 0.52 4.12 -6.98
N SER A 48 -0.74 3.82 -6.71
CA SER A 48 -1.48 4.50 -5.67
C SER A 48 -0.99 4.09 -4.28
N TYR A 49 -1.02 2.79 -4.02
CA TYR A 49 -0.58 2.25 -2.74
C TYR A 49 0.77 2.83 -2.34
N ALA A 50 1.68 2.92 -3.32
CA ALA A 50 3.01 3.45 -3.08
C ALA A 50 2.97 4.62 -2.10
N ARG A 51 1.96 5.48 -2.25
CA ARG A 51 1.81 6.64 -1.38
C ARG A 51 1.22 6.23 -0.04
N GLN A 52 0.33 5.26 -0.05
CA GLN A 52 -0.31 4.77 1.16
C GLN A 52 0.71 4.12 2.08
N TYR A 53 1.78 3.58 1.50
CA TYR A 53 2.82 2.92 2.27
C TYR A 53 3.59 3.93 3.12
N PHE A 54 4.17 4.92 2.46
CA PHE A 54 4.93 5.96 3.16
C PHE A 54 4.08 6.63 4.25
N LYS A 55 2.79 6.75 3.98
CA LYS A 55 1.86 7.37 4.92
C LYS A 55 1.72 6.50 6.18
N ASN A 56 1.16 5.31 6.01
CA ASN A 56 0.96 4.39 7.12
C ASN A 56 2.25 4.23 7.92
N LYS A 57 3.36 4.02 7.22
CA LYS A 57 4.65 3.85 7.87
C LYS A 57 4.78 4.77 9.08
N VAL A 58 4.73 6.07 8.83
CA VAL A 58 4.83 7.06 9.90
C VAL A 58 3.54 7.85 10.05
N LYS A 59 2.69 7.41 10.98
CA LYS A 59 1.42 8.08 11.23
C LYS A 59 1.36 8.64 12.64
N CYS A 60 0.40 9.52 12.89
CA CYS A 60 0.24 10.13 14.20
C CYS A 60 -1.17 9.89 14.74
N GLY A 61 -1.28 9.77 16.07
CA GLY A 61 -2.57 9.54 16.69
C GLY A 61 -2.81 8.08 17.01
N LEU A 62 -2.60 7.21 16.02
CA LEU A 62 -2.79 5.78 16.20
C LEU A 62 -1.57 5.00 15.74
N ASP A 63 -0.67 4.72 16.68
CA ASP A 63 0.54 3.98 16.37
C ASP A 63 0.29 2.47 16.44
N LYS A 64 0.92 1.73 15.53
CA LYS A 64 0.77 0.28 15.48
C LYS A 64 2.02 -0.41 16.00
N GLU A 65 1.92 -0.96 17.22
CA GLU A 65 3.06 -1.65 17.83
C GLU A 65 3.22 -3.04 17.24
N THR A 66 4.25 -3.76 17.70
CA THR A 66 4.52 -5.10 17.21
C THR A 66 4.80 -6.06 18.36
N PRO A 67 4.37 -7.32 18.22
CA PRO A 67 4.57 -8.34 19.24
C PRO A 67 6.03 -8.77 19.36
N ASN A 68 6.59 -8.65 20.56
CA ASN A 68 7.97 -9.02 20.80
C ASN A 68 8.12 -10.54 20.91
N GLN A 69 9.24 -11.06 20.39
CA GLN A 69 9.50 -12.49 20.43
C GLN A 69 10.97 -12.79 20.16
N LYS A 70 11.55 -13.68 20.96
CA LYS A 70 12.95 -14.05 20.81
C LYS A 70 13.10 -15.56 20.69
N THR A 71 13.98 -16.00 19.80
CA THR A 71 14.22 -17.42 19.59
C THR A 71 14.95 -18.03 20.78
N GLY A 72 14.30 -19.00 21.43
CA GLY A 72 14.89 -19.65 22.58
C GLY A 72 15.83 -20.77 22.18
N GLY A 1 -20.41 17.25 -3.35
CA GLY A 1 -21.85 17.42 -3.29
C GLY A 1 -22.45 16.81 -2.04
N SER A 2 -23.78 16.75 -1.98
CA SER A 2 -24.47 16.18 -0.83
C SER A 2 -24.57 14.67 -0.95
N SER A 3 -23.49 14.03 -1.38
CA SER A 3 -23.46 12.59 -1.54
C SER A 3 -22.11 12.02 -1.11
N GLY A 4 -22.15 11.03 -0.21
CA GLY A 4 -20.93 10.41 0.27
C GLY A 4 -20.95 8.90 0.15
N SER A 5 -21.50 8.41 -0.94
CA SER A 5 -21.60 6.96 -1.17
C SER A 5 -20.38 6.47 -1.96
N SER A 6 -19.59 5.61 -1.34
CA SER A 6 -18.40 5.06 -1.98
C SER A 6 -18.63 3.59 -2.37
N GLY A 7 -19.07 2.79 -1.41
CA GLY A 7 -19.31 1.39 -1.67
C GLY A 7 -18.04 0.56 -1.60
N TYR A 8 -17.53 0.16 -2.76
CA TYR A 8 -16.32 -0.65 -2.82
C TYR A 8 -15.13 0.10 -2.21
N SER A 9 -14.53 -0.50 -1.19
CA SER A 9 -13.39 0.11 -0.52
C SER A 9 -12.08 -0.55 -0.96
N VAL A 10 -11.00 0.22 -0.95
CA VAL A 10 -9.69 -0.28 -1.34
C VAL A 10 -8.94 -0.85 -0.15
N LYS A 11 -8.77 -2.17 -0.14
CA LYS A 11 -8.07 -2.84 0.96
C LYS A 11 -6.95 -3.73 0.41
N TRP A 12 -5.84 -3.78 1.13
CA TRP A 12 -4.71 -4.59 0.71
C TRP A 12 -4.50 -5.77 1.68
N THR A 13 -4.18 -6.93 1.12
CA THR A 13 -3.97 -8.13 1.93
C THR A 13 -2.56 -8.14 2.51
N ILE A 14 -2.37 -8.92 3.58
CA ILE A 14 -1.08 -9.02 4.24
C ILE A 14 0.02 -9.36 3.24
N GLU A 15 -0.18 -10.43 2.48
CA GLU A 15 0.79 -10.86 1.49
C GLU A 15 1.26 -9.68 0.64
N GLU A 16 0.32 -9.02 -0.02
CA GLU A 16 0.64 -7.87 -0.87
C GLU A 16 1.59 -6.91 -0.14
N LYS A 17 1.22 -6.53 1.08
CA LYS A 17 2.03 -5.63 1.87
C LYS A 17 3.47 -6.11 1.96
N GLU A 18 3.65 -7.41 2.15
CA GLU A 18 4.98 -8.01 2.24
C GLU A 18 5.65 -8.05 0.87
N LEU A 19 5.04 -8.78 -0.05
CA LEU A 19 5.58 -8.91 -1.41
C LEU A 19 5.96 -7.54 -1.97
N PHE A 20 5.00 -6.63 -2.00
CA PHE A 20 5.23 -5.28 -2.51
C PHE A 20 6.58 -4.75 -2.03
N GLU A 21 6.85 -4.90 -0.75
CA GLU A 21 8.10 -4.43 -0.17
C GLU A 21 9.29 -5.23 -0.71
N GLN A 22 9.22 -6.55 -0.56
CA GLN A 22 10.29 -7.43 -1.03
C GLN A 22 10.86 -6.93 -2.35
N GLY A 23 9.98 -6.80 -3.36
CA GLY A 23 10.42 -6.34 -4.66
C GLY A 23 10.79 -4.87 -4.66
N LEU A 24 10.08 -4.08 -3.86
CA LEU A 24 10.34 -2.65 -3.76
C LEU A 24 11.82 -2.38 -3.48
N ALA A 25 12.49 -3.38 -2.92
CA ALA A 25 13.91 -3.26 -2.60
C ALA A 25 14.77 -3.67 -3.77
N LYS A 26 14.73 -4.95 -4.12
CA LYS A 26 15.51 -5.48 -5.24
C LYS A 26 15.26 -4.68 -6.51
N PHE A 27 14.07 -4.10 -6.60
CA PHE A 27 13.70 -3.31 -7.77
C PHE A 27 13.74 -1.82 -7.45
N GLY A 28 13.48 -1.49 -6.19
CA GLY A 28 13.49 -0.10 -5.78
C GLY A 28 12.11 0.54 -5.82
N ARG A 29 12.04 1.79 -6.24
CA ARG A 29 10.78 2.51 -6.33
C ARG A 29 10.11 2.28 -7.68
N ARG A 30 10.35 1.11 -8.25
CA ARG A 30 9.76 0.76 -9.55
C ARG A 30 8.44 0.04 -9.37
N TRP A 31 7.35 0.72 -9.70
CA TRP A 31 6.02 0.14 -9.58
C TRP A 31 5.79 -0.92 -10.64
N THR A 32 6.20 -0.64 -11.86
CA THR A 32 6.04 -1.57 -12.97
C THR A 32 6.73 -2.90 -12.67
N LYS A 33 7.90 -2.83 -12.05
CA LYS A 33 8.66 -4.03 -11.70
C LYS A 33 7.95 -4.81 -10.60
N ILE A 34 7.54 -4.13 -9.54
CA ILE A 34 6.85 -4.76 -8.43
C ILE A 34 5.54 -5.40 -8.89
N SER A 35 4.66 -4.58 -9.45
CA SER A 35 3.37 -5.07 -9.92
C SER A 35 3.50 -6.47 -10.50
N LYS A 36 4.56 -6.71 -11.25
CA LYS A 36 4.80 -8.01 -11.86
C LYS A 36 5.04 -9.08 -10.78
N LEU A 37 6.00 -8.81 -9.90
CA LEU A 37 6.31 -9.75 -8.83
C LEU A 37 5.05 -10.34 -8.23
N ILE A 38 4.15 -9.48 -7.76
CA ILE A 38 2.91 -9.92 -7.17
C ILE A 38 2.00 -10.57 -8.20
N GLY A 39 1.87 -9.93 -9.35
CA GLY A 39 1.04 -10.46 -10.42
C GLY A 39 -0.43 -10.21 -10.18
N SER A 40 -0.88 -10.42 -8.95
CA SER A 40 -2.28 -10.22 -8.59
C SER A 40 -2.69 -8.77 -8.80
N ARG A 41 -1.87 -7.85 -8.29
CA ARG A 41 -2.16 -6.42 -8.43
C ARG A 41 -1.69 -5.90 -9.77
N THR A 42 -1.85 -4.60 -9.99
CA THR A 42 -1.45 -3.97 -11.24
C THR A 42 -0.74 -2.64 -10.99
N VAL A 43 0.14 -2.26 -11.91
CA VAL A 43 0.89 -1.02 -11.78
C VAL A 43 0.04 0.06 -11.11
N LEU A 44 -1.18 0.23 -11.60
CA LEU A 44 -2.10 1.23 -11.04
C LEU A 44 -2.32 0.98 -9.55
N GLN A 45 -3.06 -0.08 -9.24
CA GLN A 45 -3.35 -0.42 -7.85
C GLN A 45 -2.13 -0.18 -6.96
N VAL A 46 -0.97 -0.60 -7.44
CA VAL A 46 0.27 -0.43 -6.69
C VAL A 46 0.59 1.05 -6.49
N LYS A 47 0.81 1.76 -7.59
CA LYS A 47 1.12 3.18 -7.55
C LYS A 47 0.39 3.85 -6.39
N SER A 48 -0.90 3.55 -6.26
CA SER A 48 -1.72 4.13 -5.20
C SER A 48 -1.19 3.73 -3.82
N TYR A 49 -0.98 2.44 -3.63
CA TYR A 49 -0.49 1.92 -2.35
C TYR A 49 0.89 2.50 -2.03
N ALA A 50 1.74 2.60 -3.06
CA ALA A 50 3.08 3.14 -2.88
C ALA A 50 3.06 4.37 -1.99
N ARG A 51 2.09 5.24 -2.22
CA ARG A 51 1.96 6.47 -1.44
C ARG A 51 1.17 6.22 -0.16
N GLN A 52 0.22 5.28 -0.23
CA GLN A 52 -0.61 4.96 0.93
C GLN A 52 0.24 4.36 2.05
N TYR A 53 1.31 3.68 1.68
CA TYR A 53 2.19 3.05 2.66
C TYR A 53 2.97 4.12 3.44
N PHE A 54 3.62 5.02 2.71
CA PHE A 54 4.40 6.08 3.34
C PHE A 54 3.52 6.92 4.25
N LYS A 55 2.30 7.20 3.81
CA LYS A 55 1.36 7.99 4.58
C LYS A 55 1.15 7.39 5.97
N ASN A 56 1.12 6.07 6.04
CA ASN A 56 0.93 5.37 7.31
C ASN A 56 2.22 5.35 8.12
N LYS A 57 3.35 5.22 7.43
CA LYS A 57 4.65 5.20 8.09
C LYS A 57 4.68 6.15 9.27
N VAL A 58 5.55 5.87 10.24
CA VAL A 58 5.68 6.71 11.42
C VAL A 58 4.44 6.61 12.31
N LYS A 59 4.02 5.38 12.58
CA LYS A 59 2.85 5.14 13.40
C LYS A 59 3.19 5.34 14.89
N CYS A 60 2.15 5.52 15.70
CA CYS A 60 2.34 5.72 17.13
C CYS A 60 3.31 4.69 17.71
N GLY A 61 4.48 5.16 18.14
CA GLY A 61 5.48 4.27 18.70
C GLY A 61 6.53 5.01 19.50
N LEU A 62 7.79 4.81 19.12
CA LEU A 62 8.90 5.47 19.81
C LEU A 62 9.62 6.44 18.88
N ASP A 63 10.05 5.93 17.72
CA ASP A 63 10.75 6.76 16.74
C ASP A 63 10.10 8.14 16.64
N LYS A 64 10.87 9.17 17.00
CA LYS A 64 10.39 10.54 16.95
C LYS A 64 11.49 11.49 16.49
N GLU A 65 11.11 12.50 15.73
CA GLU A 65 12.07 13.48 15.23
C GLU A 65 11.36 14.74 14.74
N THR A 66 11.76 15.89 15.30
CA THR A 66 11.16 17.17 14.92
C THR A 66 12.00 17.88 13.86
N PRO A 67 11.32 18.58 12.94
CA PRO A 67 11.99 19.32 11.87
C PRO A 67 12.73 20.53 12.38
N ASN A 68 13.69 21.02 11.58
CA ASN A 68 14.48 22.18 11.96
C ASN A 68 14.07 23.41 11.16
N GLN A 69 12.76 23.56 10.95
CA GLN A 69 12.24 24.69 10.19
C GLN A 69 10.89 25.14 10.77
N LYS A 70 10.63 26.44 10.67
CA LYS A 70 9.38 27.00 11.17
C LYS A 70 8.20 26.13 10.79
N THR A 71 7.68 25.38 11.76
CA THR A 71 6.55 24.50 11.52
C THR A 71 5.55 25.13 10.56
N GLY A 72 5.15 26.36 10.86
CA GLY A 72 4.20 27.06 10.02
C GLY A 72 4.40 28.56 10.03
N GLY A 1 -20.14 -9.42 0.34
CA GLY A 1 -21.24 -8.51 0.57
C GLY A 1 -20.79 -7.17 1.12
N SER A 2 -21.03 -6.10 0.38
CA SER A 2 -20.63 -4.77 0.81
C SER A 2 -21.76 -3.76 0.58
N SER A 3 -21.96 -2.88 1.55
CA SER A 3 -23.01 -1.87 1.45
C SER A 3 -22.58 -0.72 0.55
N GLY A 4 -23.56 -0.07 -0.07
CA GLY A 4 -23.25 1.04 -0.96
C GLY A 4 -22.82 0.58 -2.33
N SER A 5 -23.41 1.18 -3.36
CA SER A 5 -23.08 0.82 -4.74
C SER A 5 -21.79 1.51 -5.18
N SER A 6 -21.76 2.83 -5.07
CA SER A 6 -20.60 3.60 -5.47
C SER A 6 -19.78 4.01 -4.25
N GLY A 7 -18.71 3.27 -3.98
CA GLY A 7 -17.86 3.56 -2.85
C GLY A 7 -16.90 2.43 -2.52
N TYR A 8 -15.79 2.38 -3.23
CA TYR A 8 -14.79 1.34 -3.03
C TYR A 8 -13.59 1.88 -2.26
N SER A 9 -12.77 0.98 -1.73
CA SER A 9 -11.58 1.36 -0.98
C SER A 9 -10.35 0.67 -1.52
N VAL A 10 -9.19 1.31 -1.33
CA VAL A 10 -7.93 0.75 -1.81
C VAL A 10 -7.22 -0.03 -0.71
N LYS A 11 -7.95 -0.95 -0.08
CA LYS A 11 -7.40 -1.76 0.99
C LYS A 11 -6.37 -2.76 0.44
N TRP A 12 -5.52 -3.26 1.33
CA TRP A 12 -4.50 -4.22 0.92
C TRP A 12 -4.45 -5.40 1.89
N THR A 13 -3.62 -6.39 1.57
CA THR A 13 -3.49 -7.57 2.41
C THR A 13 -2.02 -7.93 2.62
N ILE A 14 -1.73 -8.54 3.77
CA ILE A 14 -0.36 -8.94 4.08
C ILE A 14 0.33 -9.57 2.89
N GLU A 15 -0.36 -10.53 2.26
CA GLU A 15 0.20 -11.22 1.09
C GLU A 15 0.91 -10.23 0.17
N GLU A 16 0.29 -9.08 -0.06
CA GLU A 16 0.87 -8.07 -0.93
C GLU A 16 1.90 -7.23 -0.17
N LYS A 17 1.46 -6.60 0.91
CA LYS A 17 2.35 -5.78 1.72
C LYS A 17 3.75 -6.38 1.78
N GLU A 18 3.82 -7.69 1.94
CA GLU A 18 5.10 -8.39 2.01
C GLU A 18 5.83 -8.32 0.67
N LEU A 19 5.21 -8.85 -0.37
CA LEU A 19 5.80 -8.84 -1.70
C LEU A 19 6.19 -7.43 -2.12
N PHE A 20 5.18 -6.55 -2.19
CA PHE A 20 5.41 -5.16 -2.57
C PHE A 20 6.74 -4.65 -2.03
N GLU A 21 6.90 -4.71 -0.71
CA GLU A 21 8.13 -4.26 -0.07
C GLU A 21 9.34 -4.99 -0.62
N GLN A 22 9.32 -6.32 -0.53
CA GLN A 22 10.41 -7.14 -1.02
C GLN A 22 10.95 -6.60 -2.35
N GLY A 23 10.06 -6.50 -3.33
CA GLY A 23 10.46 -6.00 -4.64
C GLY A 23 10.85 -4.53 -4.60
N LEU A 24 10.17 -3.75 -3.78
CA LEU A 24 10.45 -2.34 -3.65
C LEU A 24 11.93 -2.10 -3.33
N ALA A 25 12.49 -2.98 -2.49
CA ALA A 25 13.89 -2.86 -2.11
C ALA A 25 14.80 -3.49 -3.16
N LYS A 26 14.36 -4.61 -3.71
CA LYS A 26 15.13 -5.31 -4.73
C LYS A 26 15.13 -4.54 -6.04
N PHE A 27 13.95 -4.41 -6.65
CA PHE A 27 13.81 -3.69 -7.92
C PHE A 27 13.91 -2.18 -7.69
N GLY A 28 13.53 -1.74 -6.50
CA GLY A 28 13.58 -0.33 -6.18
C GLY A 28 12.21 0.32 -6.20
N ARG A 29 12.14 1.55 -6.68
CA ARG A 29 10.88 2.28 -6.75
C ARG A 29 10.17 2.02 -8.07
N ARG A 30 10.39 0.83 -8.63
CA ARG A 30 9.77 0.45 -9.89
C ARG A 30 8.41 -0.20 -9.66
N TRP A 31 7.35 0.43 -10.16
CA TRP A 31 6.00 -0.09 -10.01
C TRP A 31 5.71 -1.16 -11.06
N THR A 32 6.25 -0.97 -12.26
CA THR A 32 6.04 -1.91 -13.34
C THR A 32 6.62 -3.28 -13.00
N LYS A 33 7.76 -3.28 -12.33
CA LYS A 33 8.41 -4.53 -11.93
C LYS A 33 7.70 -5.17 -10.75
N ILE A 34 7.44 -4.37 -9.72
CA ILE A 34 6.77 -4.85 -8.52
C ILE A 34 5.40 -5.43 -8.86
N SER A 35 4.59 -4.64 -9.56
CA SER A 35 3.25 -5.07 -9.95
C SER A 35 3.26 -6.52 -10.42
N LYS A 36 4.15 -6.83 -11.35
CA LYS A 36 4.27 -8.18 -11.89
C LYS A 36 4.54 -9.18 -10.76
N LEU A 37 5.48 -8.84 -9.89
CA LEU A 37 5.84 -9.71 -8.78
C LEU A 37 4.64 -9.97 -7.88
N ILE A 38 3.87 -8.92 -7.60
CA ILE A 38 2.69 -9.03 -6.75
C ILE A 38 1.61 -9.87 -7.43
N GLY A 39 1.47 -9.69 -8.74
CA GLY A 39 0.48 -10.44 -9.49
C GLY A 39 -0.93 -9.92 -9.27
N SER A 40 -1.42 -10.03 -8.04
CA SER A 40 -2.75 -9.57 -7.70
C SER A 40 -2.90 -8.07 -7.98
N ARG A 41 -2.05 -7.28 -7.33
CA ARG A 41 -2.08 -5.82 -7.50
C ARG A 41 -1.56 -5.44 -8.89
N THR A 42 -2.24 -4.48 -9.52
CA THR A 42 -1.85 -4.01 -10.84
C THR A 42 -1.02 -2.74 -10.75
N VAL A 43 -0.15 -2.53 -11.74
CA VAL A 43 0.69 -1.34 -11.78
C VAL A 43 -0.02 -0.13 -11.19
N LEU A 44 -1.29 0.04 -11.54
CA LEU A 44 -2.08 1.15 -11.04
C LEU A 44 -2.29 1.04 -9.54
N GLN A 45 -2.95 -0.03 -9.10
CA GLN A 45 -3.21 -0.25 -7.69
C GLN A 45 -1.94 -0.08 -6.87
N VAL A 46 -0.83 -0.59 -7.39
CA VAL A 46 0.45 -0.50 -6.70
C VAL A 46 0.93 0.95 -6.65
N LYS A 47 0.95 1.61 -7.79
CA LYS A 47 1.38 3.00 -7.87
C LYS A 47 0.81 3.82 -6.72
N SER A 48 -0.52 3.75 -6.56
CA SER A 48 -1.19 4.48 -5.49
C SER A 48 -0.73 4.00 -4.12
N TYR A 49 -1.02 2.74 -3.81
CA TYR A 49 -0.64 2.15 -2.53
C TYR A 49 0.74 2.63 -2.10
N ALA A 50 1.68 2.64 -3.04
CA ALA A 50 3.04 3.08 -2.76
C ALA A 50 3.05 4.25 -1.79
N ARG A 51 2.29 5.30 -2.12
CA ARG A 51 2.22 6.50 -1.28
C ARG A 51 1.36 6.22 -0.05
N GLN A 52 0.43 5.27 -0.17
CA GLN A 52 -0.45 4.93 0.93
C GLN A 52 0.33 4.25 2.06
N TYR A 53 1.35 3.49 1.69
CA TYR A 53 2.18 2.79 2.66
C TYR A 53 2.90 3.77 3.59
N PHE A 54 3.76 4.60 2.99
CA PHE A 54 4.52 5.59 3.75
C PHE A 54 3.58 6.53 4.51
N LYS A 55 2.51 6.95 3.85
CA LYS A 55 1.54 7.84 4.47
C LYS A 55 1.20 7.38 5.88
N ASN A 56 0.96 6.09 6.04
CA ASN A 56 0.63 5.53 7.34
C ASN A 56 1.78 5.72 8.33
N LYS A 57 2.96 5.24 7.95
CA LYS A 57 4.14 5.36 8.80
C LYS A 57 4.11 6.66 9.59
N VAL A 58 4.20 7.78 8.88
CA VAL A 58 4.18 9.09 9.52
C VAL A 58 2.99 9.92 9.05
N LYS A 59 2.33 10.59 9.99
CA LYS A 59 1.18 11.42 9.67
C LYS A 59 1.61 12.85 9.35
N CYS A 60 0.86 13.50 8.46
CA CYS A 60 1.17 14.87 8.07
C CYS A 60 0.20 15.86 8.73
N GLY A 61 -1.09 15.69 8.44
CA GLY A 61 -2.10 16.58 9.02
C GLY A 61 -2.85 15.92 10.15
N LEU A 62 -2.99 16.65 11.26
CA LEU A 62 -3.71 16.12 12.42
C LEU A 62 -5.22 16.19 12.21
N ASP A 63 -5.66 17.18 11.44
CA ASP A 63 -7.08 17.35 11.16
C ASP A 63 -7.54 16.39 10.06
N LYS A 64 -7.89 15.17 10.46
CA LYS A 64 -8.34 14.16 9.51
C LYS A 64 -9.77 13.71 9.83
N GLU A 65 -10.51 13.34 8.80
CA GLU A 65 -11.89 12.89 8.98
C GLU A 65 -11.94 11.38 9.23
N THR A 66 -12.98 10.95 9.94
CA THR A 66 -13.14 9.53 10.26
C THR A 66 -14.60 9.12 10.18
N PRO A 67 -14.84 7.83 9.87
CA PRO A 67 -16.19 7.28 9.77
C PRO A 67 -16.90 7.19 11.12
N ASN A 68 -18.23 7.12 11.08
CA ASN A 68 -19.02 7.05 12.31
C ASN A 68 -18.53 5.91 13.20
N GLN A 69 -18.55 4.68 12.66
CA GLN A 69 -18.11 3.52 13.41
C GLN A 69 -17.27 2.59 12.53
N LYS A 70 -16.35 1.87 13.15
CA LYS A 70 -15.48 0.95 12.44
C LYS A 70 -16.30 -0.02 11.60
N THR A 71 -15.75 -0.43 10.45
CA THR A 71 -16.43 -1.36 9.56
C THR A 71 -16.79 -2.65 10.28
N GLY A 72 -15.88 -3.11 11.13
CA GLY A 72 -16.12 -4.34 11.88
C GLY A 72 -15.78 -4.20 13.34
N GLY A 1 -9.04 8.02 8.40
CA GLY A 1 -9.33 8.76 7.18
C GLY A 1 -10.37 8.07 6.32
N SER A 2 -11.52 8.70 6.16
CA SER A 2 -12.59 8.13 5.35
C SER A 2 -12.67 8.82 3.99
N SER A 3 -11.84 8.38 3.06
CA SER A 3 -11.81 8.95 1.72
C SER A 3 -13.07 8.59 0.94
N GLY A 4 -13.18 9.12 -0.27
CA GLY A 4 -14.34 8.83 -1.10
C GLY A 4 -14.67 7.36 -1.14
N SER A 5 -15.67 6.96 -0.34
CA SER A 5 -16.07 5.55 -0.28
C SER A 5 -17.44 5.36 -0.94
N SER A 6 -17.43 5.11 -2.25
CA SER A 6 -18.67 4.92 -2.99
C SER A 6 -18.98 3.43 -3.14
N GLY A 7 -18.78 2.68 -2.06
CA GLY A 7 -19.05 1.26 -2.08
C GLY A 7 -17.91 0.44 -1.53
N TYR A 8 -17.15 -0.21 -2.42
CA TYR A 8 -16.02 -1.02 -2.01
C TYR A 8 -14.71 -0.25 -2.14
N SER A 9 -13.85 -0.38 -1.13
CA SER A 9 -12.57 0.31 -1.12
C SER A 9 -11.42 -0.68 -1.20
N VAL A 10 -11.11 -1.15 -2.41
CA VAL A 10 -10.03 -2.11 -2.61
C VAL A 10 -8.88 -1.86 -1.63
N LYS A 11 -8.76 -2.73 -0.63
CA LYS A 11 -7.71 -2.61 0.37
C LYS A 11 -6.61 -3.64 0.14
N TRP A 12 -5.51 -3.50 0.86
CA TRP A 12 -4.39 -4.42 0.72
C TRP A 12 -4.27 -5.31 1.95
N THR A 13 -3.65 -6.48 1.78
CA THR A 13 -3.47 -7.42 2.88
C THR A 13 -2.00 -7.60 3.21
N ILE A 14 -1.72 -7.87 4.48
CA ILE A 14 -0.35 -8.06 4.93
C ILE A 14 0.46 -8.86 3.92
N GLU A 15 -0.09 -9.98 3.47
CA GLU A 15 0.58 -10.82 2.48
C GLU A 15 1.07 -10.00 1.30
N GLU A 16 0.16 -9.25 0.67
CA GLU A 16 0.50 -8.42 -0.47
C GLU A 16 1.52 -7.35 -0.08
N LYS A 17 1.30 -6.72 1.06
CA LYS A 17 2.20 -5.67 1.55
C LYS A 17 3.63 -6.17 1.59
N GLU A 18 3.84 -7.36 2.14
CA GLU A 18 5.17 -7.95 2.24
C GLU A 18 5.80 -8.07 0.85
N LEU A 19 5.03 -8.58 -0.10
CA LEU A 19 5.52 -8.76 -1.47
C LEU A 19 5.97 -7.42 -2.06
N PHE A 20 5.16 -6.39 -1.88
CA PHE A 20 5.47 -5.06 -2.40
C PHE A 20 6.85 -4.62 -1.93
N GLU A 21 7.14 -4.84 -0.65
CA GLU A 21 8.43 -4.47 -0.08
C GLU A 21 9.56 -5.26 -0.73
N GLN A 22 9.48 -6.58 -0.65
CA GLN A 22 10.49 -7.44 -1.23
C GLN A 22 11.05 -6.86 -2.52
N GLY A 23 10.16 -6.60 -3.48
CA GLY A 23 10.58 -6.03 -4.74
C GLY A 23 11.05 -4.60 -4.62
N LEU A 24 10.28 -3.78 -3.89
CA LEU A 24 10.62 -2.38 -3.70
C LEU A 24 12.11 -2.22 -3.39
N ALA A 25 12.65 -3.13 -2.59
CA ALA A 25 14.06 -3.10 -2.22
C ALA A 25 14.94 -3.55 -3.39
N LYS A 26 14.49 -4.58 -4.10
CA LYS A 26 15.23 -5.11 -5.23
C LYS A 26 15.18 -4.15 -6.41
N PHE A 27 13.98 -3.92 -6.94
CA PHE A 27 13.80 -3.03 -8.07
C PHE A 27 14.00 -1.57 -7.65
N GLY A 28 13.69 -1.28 -6.39
CA GLY A 28 13.84 0.08 -5.89
C GLY A 28 12.53 0.82 -5.84
N ARG A 29 12.32 1.71 -6.80
CA ARG A 29 11.09 2.50 -6.86
C ARG A 29 10.33 2.23 -8.16
N ARG A 30 10.45 1.01 -8.66
CA ARG A 30 9.78 0.62 -9.90
C ARG A 30 8.42 -0.02 -9.60
N TRP A 31 7.36 0.62 -10.06
CA TRP A 31 6.01 0.11 -9.84
C TRP A 31 5.65 -0.96 -10.87
N THR A 32 6.05 -0.73 -12.11
CA THR A 32 5.79 -1.67 -13.19
C THR A 32 6.31 -3.06 -12.85
N LYS A 33 7.50 -3.11 -12.26
CA LYS A 33 8.12 -4.38 -11.88
C LYS A 33 7.39 -5.00 -10.69
N ILE A 34 7.40 -4.32 -9.57
CA ILE A 34 6.74 -4.80 -8.36
C ILE A 34 5.39 -5.43 -8.69
N SER A 35 4.63 -4.75 -9.55
CA SER A 35 3.31 -5.24 -9.94
C SER A 35 3.41 -6.65 -10.53
N LYS A 36 4.47 -6.90 -11.29
CA LYS A 36 4.69 -8.19 -11.91
C LYS A 36 4.87 -9.28 -10.85
N LEU A 37 5.62 -8.95 -9.80
CA LEU A 37 5.88 -9.90 -8.72
C LEU A 37 4.57 -10.42 -8.15
N ILE A 38 3.77 -9.53 -7.57
CA ILE A 38 2.50 -9.90 -6.98
C ILE A 38 1.56 -10.48 -8.04
N GLY A 39 1.33 -9.71 -9.10
CA GLY A 39 0.44 -10.17 -10.16
C GLY A 39 -1.01 -9.85 -9.88
N SER A 40 -1.42 -10.02 -8.63
CA SER A 40 -2.79 -9.76 -8.23
C SER A 40 -3.17 -8.29 -8.47
N ARG A 41 -2.23 -7.40 -8.14
CA ARG A 41 -2.47 -5.97 -8.31
C ARG A 41 -1.96 -5.50 -9.67
N THR A 42 -2.24 -4.24 -10.00
CA THR A 42 -1.81 -3.68 -11.28
C THR A 42 -0.94 -2.45 -11.07
N VAL A 43 -0.17 -2.10 -12.08
CA VAL A 43 0.72 -0.94 -12.01
C VAL A 43 0.02 0.24 -11.34
N LEU A 44 -1.27 0.40 -11.62
CA LEU A 44 -2.05 1.48 -11.04
C LEU A 44 -2.17 1.33 -9.53
N GLN A 45 -2.82 0.26 -9.10
CA GLN A 45 -3.01 -0.01 -7.68
C GLN A 45 -1.69 0.14 -6.93
N VAL A 46 -0.62 -0.44 -7.49
CA VAL A 46 0.69 -0.37 -6.86
C VAL A 46 1.21 1.06 -6.83
N LYS A 47 1.05 1.77 -7.95
CA LYS A 47 1.50 3.16 -8.04
C LYS A 47 0.90 4.00 -6.93
N SER A 48 -0.43 3.98 -6.83
CA SER A 48 -1.13 4.75 -5.81
C SER A 48 -0.76 4.26 -4.41
N TYR A 49 -0.90 2.96 -4.19
CA TYR A 49 -0.59 2.36 -2.90
C TYR A 49 0.77 2.85 -2.39
N ALA A 50 1.78 2.78 -3.25
CA ALA A 50 3.12 3.22 -2.88
C ALA A 50 3.08 4.44 -1.98
N ARG A 51 2.12 5.33 -2.23
CA ARG A 51 1.96 6.54 -1.45
C ARG A 51 1.23 6.26 -0.15
N GLN A 52 0.19 5.42 -0.23
CA GLN A 52 -0.59 5.06 0.94
C GLN A 52 0.27 4.40 2.01
N TYR A 53 1.18 3.53 1.56
CA TYR A 53 2.08 2.82 2.47
C TYR A 53 2.80 3.80 3.39
N PHE A 54 3.60 4.68 2.81
CA PHE A 54 4.34 5.67 3.59
C PHE A 54 3.41 6.42 4.54
N LYS A 55 2.26 6.85 4.02
CA LYS A 55 1.29 7.58 4.83
C LYS A 55 0.96 6.82 6.11
N ASN A 56 0.73 5.52 5.97
CA ASN A 56 0.41 4.68 7.12
C ASN A 56 1.62 4.49 8.03
N LYS A 57 2.74 4.11 7.43
CA LYS A 57 3.97 3.91 8.18
C LYS A 57 4.08 4.90 9.34
N VAL A 58 4.13 6.18 9.00
CA VAL A 58 4.23 7.23 10.02
C VAL A 58 2.85 7.66 10.50
N LYS A 59 2.59 7.48 11.80
CA LYS A 59 1.31 7.84 12.38
C LYS A 59 1.46 9.07 13.29
N CYS A 60 2.24 10.04 12.83
CA CYS A 60 2.47 11.26 13.60
C CYS A 60 1.15 11.88 14.04
N GLY A 61 0.81 11.70 15.32
CA GLY A 61 -0.42 12.25 15.85
C GLY A 61 -0.84 11.57 17.14
N LEU A 62 -1.30 10.32 17.04
CA LEU A 62 -1.73 9.58 18.22
C LEU A 62 -1.96 8.11 17.88
N ASP A 63 -1.21 7.24 18.54
CA ASP A 63 -1.33 5.81 18.31
C ASP A 63 -1.85 5.09 19.54
N LYS A 64 -1.12 5.22 20.65
CA LYS A 64 -1.51 4.59 21.91
C LYS A 64 -1.84 3.12 21.69
N GLU A 65 -1.03 2.45 20.89
CA GLU A 65 -1.23 1.03 20.60
C GLU A 65 -0.17 0.17 21.29
N THR A 66 -0.60 -0.95 21.84
CA THR A 66 0.31 -1.86 22.53
C THR A 66 1.48 -2.25 21.64
N PRO A 67 2.67 -2.38 22.25
CA PRO A 67 3.89 -2.77 21.52
C PRO A 67 3.86 -4.21 21.04
N ASN A 68 4.84 -4.58 20.23
CA ASN A 68 4.92 -5.93 19.70
C ASN A 68 6.37 -6.32 19.41
N GLN A 69 6.68 -7.60 19.56
CA GLN A 69 8.03 -8.10 19.32
C GLN A 69 8.41 -7.93 17.85
N LYS A 70 9.09 -6.83 17.55
CA LYS A 70 9.53 -6.55 16.18
C LYS A 70 10.88 -7.19 15.90
N THR A 71 11.00 -7.83 14.74
CA THR A 71 12.24 -8.48 14.35
C THR A 71 12.49 -8.32 12.85
N GLY A 72 13.69 -7.85 12.51
CA GLY A 72 14.04 -7.65 11.11
C GLY A 72 15.39 -8.24 10.77
N GLY A 1 -15.60 -4.41 -15.63
CA GLY A 1 -15.54 -4.72 -14.22
C GLY A 1 -16.64 -4.06 -13.42
N SER A 2 -16.51 -4.08 -12.10
CA SER A 2 -17.52 -3.48 -11.23
C SER A 2 -16.93 -2.30 -10.47
N SER A 3 -15.74 -2.49 -9.90
CA SER A 3 -15.08 -1.44 -9.14
C SER A 3 -16.05 -0.77 -8.17
N GLY A 4 -16.88 -1.58 -7.52
CA GLY A 4 -17.85 -1.04 -6.57
C GLY A 4 -18.23 -2.05 -5.51
N SER A 5 -17.88 -1.76 -4.26
CA SER A 5 -18.19 -2.65 -3.15
C SER A 5 -18.97 -1.92 -2.07
N SER A 6 -20.30 -2.10 -2.06
CA SER A 6 -21.15 -1.46 -1.08
C SER A 6 -20.77 -1.86 0.34
N GLY A 7 -20.88 -3.16 0.62
CA GLY A 7 -20.54 -3.65 1.94
C GLY A 7 -19.41 -4.64 1.91
N TYR A 8 -18.22 -4.16 1.55
CA TYR A 8 -17.03 -5.02 1.48
C TYR A 8 -15.76 -4.19 1.55
N SER A 9 -14.63 -4.86 1.75
CA SER A 9 -13.34 -4.19 1.83
C SER A 9 -12.25 -4.99 1.13
N VAL A 10 -11.78 -4.47 -0.01
CA VAL A 10 -10.75 -5.14 -0.78
C VAL A 10 -9.36 -4.69 -0.34
N LYS A 11 -9.29 -4.04 0.82
CA LYS A 11 -8.03 -3.56 1.36
C LYS A 11 -6.90 -4.57 1.10
N TRP A 12 -5.70 -4.05 0.90
CA TRP A 12 -4.54 -4.91 0.64
C TRP A 12 -4.42 -5.99 1.71
N THR A 13 -3.65 -7.03 1.38
CA THR A 13 -3.45 -8.14 2.31
C THR A 13 -1.98 -8.28 2.68
N ILE A 14 -1.72 -8.77 3.89
CA ILE A 14 -0.35 -8.96 4.36
C ILE A 14 0.53 -9.55 3.28
N GLU A 15 0.13 -10.73 2.78
CA GLU A 15 0.89 -11.41 1.73
C GLU A 15 1.33 -10.42 0.65
N GLU A 16 0.43 -9.49 0.31
CA GLU A 16 0.72 -8.49 -0.71
C GLU A 16 1.67 -7.43 -0.18
N LYS A 17 1.39 -6.96 1.04
CA LYS A 17 2.22 -5.93 1.68
C LYS A 17 3.67 -6.39 1.79
N GLU A 18 3.85 -7.67 2.11
CA GLU A 18 5.19 -8.23 2.25
C GLU A 18 5.88 -8.32 0.90
N LEU A 19 5.10 -8.62 -0.14
CA LEU A 19 5.65 -8.74 -1.49
C LEU A 19 6.02 -7.37 -2.05
N PHE A 20 5.11 -6.40 -1.89
CA PHE A 20 5.35 -5.05 -2.38
C PHE A 20 6.69 -4.52 -1.89
N GLU A 21 6.93 -4.66 -0.59
CA GLU A 21 8.18 -4.18 0.00
C GLU A 21 9.38 -4.95 -0.57
N GLN A 22 9.32 -6.27 -0.48
CA GLN A 22 10.39 -7.11 -0.98
C GLN A 22 10.93 -6.59 -2.31
N GLY A 23 10.04 -6.44 -3.28
CA GLY A 23 10.44 -5.95 -4.58
C GLY A 23 10.76 -4.46 -4.57
N LEU A 24 10.14 -3.73 -3.65
CA LEU A 24 10.36 -2.29 -3.53
C LEU A 24 11.81 -2.01 -3.14
N ALA A 25 12.37 -2.88 -2.31
CA ALA A 25 13.75 -2.71 -1.85
C ALA A 25 14.73 -3.30 -2.86
N LYS A 26 14.33 -4.40 -3.49
CA LYS A 26 15.19 -5.06 -4.48
C LYS A 26 15.19 -4.29 -5.80
N PHE A 27 14.02 -4.17 -6.41
CA PHE A 27 13.89 -3.45 -7.67
C PHE A 27 13.92 -1.95 -7.46
N GLY A 28 13.47 -1.52 -6.28
CA GLY A 28 13.45 -0.10 -5.96
C GLY A 28 12.05 0.49 -6.00
N ARG A 29 11.91 1.63 -6.65
CA ARG A 29 10.62 2.30 -6.76
C ARG A 29 9.93 1.95 -8.09
N ARG A 30 10.26 0.78 -8.63
CA ARG A 30 9.69 0.35 -9.89
C ARG A 30 8.31 -0.28 -9.68
N TRP A 31 7.27 0.43 -10.14
CA TRP A 31 5.90 -0.06 -9.99
C TRP A 31 5.57 -1.09 -11.06
N THR A 32 6.19 -0.93 -12.23
CA THR A 32 5.96 -1.86 -13.34
C THR A 32 6.54 -3.23 -13.04
N LYS A 33 7.54 -3.27 -12.16
CA LYS A 33 8.18 -4.53 -11.79
C LYS A 33 7.44 -5.20 -10.64
N ILE A 34 7.15 -4.43 -9.59
CA ILE A 34 6.44 -4.96 -8.44
C ILE A 34 5.08 -5.51 -8.83
N SER A 35 4.37 -4.77 -9.69
CA SER A 35 3.06 -5.19 -10.14
C SER A 35 3.09 -6.61 -10.69
N LYS A 36 4.06 -6.88 -11.56
CA LYS A 36 4.22 -8.20 -12.15
C LYS A 36 4.57 -9.24 -11.08
N LEU A 37 5.47 -8.88 -10.18
CA LEU A 37 5.89 -9.78 -9.12
C LEU A 37 4.68 -10.33 -8.36
N ILE A 38 3.85 -9.44 -7.84
CA ILE A 38 2.66 -9.83 -7.10
C ILE A 38 1.64 -10.50 -8.03
N GLY A 39 1.34 -9.84 -9.14
CA GLY A 39 0.39 -10.38 -10.10
C GLY A 39 -1.05 -10.06 -9.71
N SER A 40 -1.35 -10.17 -8.43
CA SER A 40 -2.69 -9.91 -7.93
C SER A 40 -3.08 -8.46 -8.17
N ARG A 41 -2.13 -7.55 -7.96
CA ARG A 41 -2.37 -6.13 -8.15
C ARG A 41 -1.86 -5.66 -9.51
N THR A 42 -2.16 -4.42 -9.87
CA THR A 42 -1.74 -3.85 -11.14
C THR A 42 -0.89 -2.60 -10.93
N VAL A 43 -0.07 -2.28 -11.93
CA VAL A 43 0.79 -1.11 -11.85
C VAL A 43 0.07 0.06 -11.19
N LEU A 44 -1.19 0.27 -11.58
CA LEU A 44 -1.99 1.36 -11.03
C LEU A 44 -2.14 1.21 -9.52
N GLN A 45 -2.84 0.15 -9.11
CA GLN A 45 -3.06 -0.11 -7.69
C GLN A 45 -1.78 0.10 -6.89
N VAL A 46 -0.70 -0.51 -7.36
CA VAL A 46 0.59 -0.41 -6.69
C VAL A 46 1.06 1.05 -6.64
N LYS A 47 1.07 1.70 -7.79
CA LYS A 47 1.49 3.09 -7.88
C LYS A 47 0.89 3.92 -6.76
N SER A 48 -0.44 3.84 -6.62
CA SER A 48 -1.13 4.59 -5.58
C SER A 48 -0.70 4.14 -4.19
N TYR A 49 -1.06 2.90 -3.85
CA TYR A 49 -0.70 2.35 -2.55
C TYR A 49 0.67 2.84 -2.10
N ALA A 50 1.64 2.77 -3.00
CA ALA A 50 3.00 3.21 -2.70
C ALA A 50 2.99 4.44 -1.80
N ARG A 51 2.19 5.43 -2.16
CA ARG A 51 2.09 6.66 -1.38
C ARG A 51 1.31 6.43 -0.10
N GLN A 52 0.34 5.53 -0.15
CA GLN A 52 -0.49 5.22 1.00
C GLN A 52 0.34 4.54 2.09
N TYR A 53 1.38 3.82 1.67
CA TYR A 53 2.25 3.12 2.61
C TYR A 53 3.18 4.09 3.32
N PHE A 54 3.93 4.86 2.54
CA PHE A 54 4.86 5.83 3.10
C PHE A 54 4.16 6.77 4.07
N LYS A 55 2.85 6.93 3.89
CA LYS A 55 2.06 7.80 4.75
C LYS A 55 1.65 7.07 6.02
N ASN A 56 0.80 6.05 5.87
CA ASN A 56 0.33 5.27 7.01
C ASN A 56 1.49 4.89 7.92
N LYS A 57 2.70 4.86 7.36
CA LYS A 57 3.89 4.51 8.13
C LYS A 57 3.87 5.18 9.50
N VAL A 58 4.03 6.50 9.51
CA VAL A 58 4.02 7.25 10.76
C VAL A 58 2.74 8.05 10.91
N LYS A 59 1.86 7.94 9.92
CA LYS A 59 0.59 8.66 9.95
C LYS A 59 -0.39 8.06 8.95
N CYS A 60 -1.48 7.50 9.45
CA CYS A 60 -2.50 6.90 8.60
C CYS A 60 -3.80 7.70 8.63
N GLY A 61 -4.47 7.80 7.49
CA GLY A 61 -5.71 8.54 7.41
C GLY A 61 -6.76 8.00 8.35
N LEU A 62 -7.62 7.13 7.83
CA LEU A 62 -8.69 6.53 8.63
C LEU A 62 -8.39 5.06 8.93
N ASP A 63 -7.53 4.83 9.91
CA ASP A 63 -7.17 3.47 10.29
C ASP A 63 -6.59 3.45 11.70
N LYS A 64 -6.42 2.25 12.25
CA LYS A 64 -5.88 2.09 13.60
C LYS A 64 -4.66 1.17 13.58
N GLU A 65 -3.49 1.74 13.85
CA GLU A 65 -2.25 0.98 13.86
C GLU A 65 -1.31 1.50 14.96
N THR A 66 -0.57 0.58 15.56
CA THR A 66 0.38 0.94 16.62
C THR A 66 1.57 1.70 16.06
N PRO A 67 2.08 2.67 16.84
CA PRO A 67 3.21 3.49 16.45
C PRO A 67 4.52 2.70 16.41
N ASN A 68 5.30 2.91 15.37
CA ASN A 68 6.58 2.20 15.21
C ASN A 68 7.55 3.03 14.38
N GLN A 69 8.85 2.83 14.63
CA GLN A 69 9.88 3.56 13.90
C GLN A 69 9.92 3.13 12.43
N LYS A 70 10.45 4.00 11.58
CA LYS A 70 10.54 3.72 10.15
C LYS A 70 11.90 3.11 9.82
N THR A 71 11.90 2.15 8.89
CA THR A 71 13.12 1.49 8.47
C THR A 71 14.02 2.43 7.67
N GLY A 72 15.32 2.35 7.90
CA GLY A 72 16.26 3.20 7.18
C GLY A 72 15.80 4.64 7.13
N GLY A 1 -22.51 -0.86 -6.92
CA GLY A 1 -22.41 0.53 -6.55
C GLY A 1 -23.61 1.01 -5.76
N SER A 2 -23.82 0.42 -4.58
CA SER A 2 -24.94 0.77 -3.74
C SER A 2 -24.80 2.21 -3.23
N SER A 3 -25.24 3.16 -4.04
CA SER A 3 -25.16 4.58 -3.68
C SER A 3 -23.70 5.01 -3.54
N GLY A 4 -22.88 4.67 -4.53
CA GLY A 4 -21.48 5.04 -4.50
C GLY A 4 -20.79 4.77 -5.82
N SER A 5 -19.97 5.73 -6.26
CA SER A 5 -19.25 5.60 -7.52
C SER A 5 -18.50 4.27 -7.58
N SER A 6 -17.64 4.03 -6.59
CA SER A 6 -16.86 2.80 -6.54
C SER A 6 -17.56 1.76 -5.67
N GLY A 7 -18.04 2.19 -4.51
CA GLY A 7 -18.72 1.28 -3.61
C GLY A 7 -17.94 1.03 -2.33
N TYR A 8 -16.96 0.13 -2.42
CA TYR A 8 -16.14 -0.21 -1.26
C TYR A 8 -14.67 -0.30 -1.66
N SER A 9 -13.80 0.22 -0.80
CA SER A 9 -12.37 0.20 -1.05
C SER A 9 -11.78 -1.18 -0.74
N VAL A 10 -10.93 -1.67 -1.62
CA VAL A 10 -10.30 -2.97 -1.44
C VAL A 10 -8.91 -2.83 -0.80
N LYS A 11 -8.90 -2.65 0.51
CA LYS A 11 -7.65 -2.49 1.25
C LYS A 11 -6.70 -3.65 0.95
N TRP A 12 -5.40 -3.36 0.94
CA TRP A 12 -4.40 -4.38 0.67
C TRP A 12 -4.37 -5.41 1.78
N THR A 13 -3.64 -6.50 1.55
CA THR A 13 -3.53 -7.58 2.52
C THR A 13 -2.08 -7.76 2.98
N ILE A 14 -1.90 -8.21 4.22
CA ILE A 14 -0.58 -8.42 4.77
C ILE A 14 0.34 -9.09 3.76
N GLU A 15 -0.09 -10.24 3.24
CA GLU A 15 0.69 -10.98 2.25
C GLU A 15 1.24 -10.03 1.19
N GLU A 16 0.36 -9.38 0.47
CA GLU A 16 0.76 -8.45 -0.58
C GLU A 16 1.76 -7.43 -0.06
N LYS A 17 1.39 -6.76 1.02
CA LYS A 17 2.27 -5.75 1.63
C LYS A 17 3.71 -6.25 1.70
N GLU A 18 3.87 -7.53 2.03
CA GLU A 18 5.19 -8.12 2.14
C GLU A 18 5.88 -8.19 0.77
N LEU A 19 5.24 -8.88 -0.16
CA LEU A 19 5.78 -9.03 -1.51
C LEU A 19 6.18 -7.66 -2.08
N PHE A 20 5.25 -6.72 -2.05
CA PHE A 20 5.51 -5.38 -2.55
C PHE A 20 6.85 -4.85 -2.07
N GLU A 21 7.08 -4.95 -0.76
CA GLU A 21 8.34 -4.49 -0.18
C GLU A 21 9.53 -5.23 -0.77
N GLN A 22 9.49 -6.56 -0.69
CA GLN A 22 10.56 -7.39 -1.23
C GLN A 22 11.09 -6.81 -2.54
N GLY A 23 10.21 -6.67 -3.52
CA GLY A 23 10.61 -6.14 -4.80
C GLY A 23 10.94 -4.65 -4.74
N LEU A 24 10.46 -4.00 -3.69
CA LEU A 24 10.70 -2.57 -3.51
C LEU A 24 12.17 -2.30 -3.18
N ALA A 25 12.87 -3.34 -2.76
CA ALA A 25 14.29 -3.22 -2.42
C ALA A 25 15.17 -3.59 -3.60
N LYS A 26 14.96 -4.78 -4.15
CA LYS A 26 15.74 -5.25 -5.28
C LYS A 26 15.50 -4.39 -6.51
N PHE A 27 14.23 -4.05 -6.76
CA PHE A 27 13.86 -3.24 -7.90
C PHE A 27 13.84 -1.75 -7.52
N GLY A 28 13.62 -1.48 -6.23
CA GLY A 28 13.58 -0.11 -5.76
C GLY A 28 12.18 0.45 -5.75
N ARG A 29 12.03 1.66 -6.29
CA ARG A 29 10.72 2.31 -6.34
C ARG A 29 10.01 2.02 -7.65
N ARG A 30 10.41 0.92 -8.30
CA ARG A 30 9.82 0.53 -9.57
C ARG A 30 8.46 -0.13 -9.34
N TRP A 31 7.41 0.53 -9.81
CA TRP A 31 6.06 0.01 -9.66
C TRP A 31 5.76 -1.06 -10.71
N THR A 32 6.13 -0.77 -11.96
CA THR A 32 5.90 -1.70 -13.05
C THR A 32 6.48 -3.07 -12.73
N LYS A 33 7.71 -3.09 -12.22
CA LYS A 33 8.37 -4.34 -11.88
C LYS A 33 7.64 -5.05 -10.76
N ILE A 34 7.58 -4.42 -9.59
CA ILE A 34 6.90 -5.00 -8.43
C ILE A 34 5.58 -5.62 -8.84
N SER A 35 4.68 -4.80 -9.40
CA SER A 35 3.37 -5.27 -9.82
C SER A 35 3.45 -6.70 -10.36
N LYS A 36 4.35 -6.91 -11.31
CA LYS A 36 4.54 -8.24 -11.91
C LYS A 36 4.63 -9.31 -10.83
N LEU A 37 5.40 -9.02 -9.79
CA LEU A 37 5.58 -9.96 -8.68
C LEU A 37 4.24 -10.36 -8.09
N ILE A 38 3.60 -9.42 -7.39
CA ILE A 38 2.32 -9.67 -6.76
C ILE A 38 1.34 -10.29 -7.76
N GLY A 39 1.25 -9.71 -8.94
CA GLY A 39 0.35 -10.22 -9.96
C GLY A 39 -1.09 -9.80 -9.74
N SER A 40 -1.52 -9.86 -8.49
CA SER A 40 -2.90 -9.48 -8.14
C SER A 40 -3.14 -8.00 -8.42
N ARG A 41 -2.19 -7.17 -8.01
CA ARG A 41 -2.30 -5.72 -8.22
C ARG A 41 -1.79 -5.33 -9.61
N THR A 42 -1.98 -4.07 -9.97
CA THR A 42 -1.55 -3.57 -11.26
C THR A 42 -0.74 -2.28 -11.11
N VAL A 43 0.15 -2.03 -12.06
CA VAL A 43 0.98 -0.82 -12.04
C VAL A 43 0.21 0.35 -11.43
N LEU A 44 -1.03 0.53 -11.86
CA LEU A 44 -1.86 1.61 -11.37
C LEU A 44 -2.09 1.49 -9.87
N GLN A 45 -2.80 0.45 -9.46
CA GLN A 45 -3.08 0.22 -8.05
C GLN A 45 -1.83 0.41 -7.21
N VAL A 46 -0.75 -0.28 -7.59
CA VAL A 46 0.51 -0.18 -6.87
C VAL A 46 0.98 1.26 -6.79
N LYS A 47 0.88 1.98 -7.90
CA LYS A 47 1.29 3.38 -7.95
C LYS A 47 0.58 4.20 -6.88
N SER A 48 -0.70 3.90 -6.68
CA SER A 48 -1.49 4.62 -5.68
C SER A 48 -1.13 4.17 -4.27
N TYR A 49 -1.12 2.86 -4.06
CA TYR A 49 -0.80 2.30 -2.75
C TYR A 49 0.57 2.78 -2.27
N ALA A 50 1.57 2.63 -3.13
CA ALA A 50 2.93 3.05 -2.80
C ALA A 50 2.93 4.29 -1.92
N ARG A 51 1.94 5.17 -2.15
CA ARG A 51 1.83 6.40 -1.38
C ARG A 51 1.04 6.16 -0.08
N GLN A 52 -0.11 5.51 -0.22
CA GLN A 52 -0.95 5.22 0.94
C GLN A 52 -0.15 4.57 2.06
N TYR A 53 0.77 3.67 1.68
CA TYR A 53 1.60 2.98 2.65
C TYR A 53 2.40 3.97 3.48
N PHE A 54 3.24 4.76 2.83
CA PHE A 54 4.06 5.75 3.52
C PHE A 54 3.21 6.57 4.49
N LYS A 55 2.04 6.98 4.04
CA LYS A 55 1.13 7.77 4.87
C LYS A 55 1.00 7.16 6.26
N ASN A 56 0.88 5.83 6.32
CA ASN A 56 0.75 5.13 7.59
C ASN A 56 2.09 5.04 8.30
N LYS A 57 3.13 4.67 7.54
CA LYS A 57 4.47 4.54 8.10
C LYS A 57 4.71 5.58 9.18
N VAL A 58 4.63 6.85 8.80
CA VAL A 58 4.84 7.95 9.74
C VAL A 58 3.52 8.40 10.36
N LYS A 59 3.42 8.29 11.68
CA LYS A 59 2.22 8.69 12.39
C LYS A 59 1.61 9.95 11.77
N CYS A 60 0.31 10.11 11.93
CA CYS A 60 -0.39 11.27 11.39
C CYS A 60 -1.43 11.80 12.38
N GLY A 61 -1.56 13.12 12.44
CA GLY A 61 -2.51 13.73 13.35
C GLY A 61 -2.58 13.00 14.68
N LEU A 62 -3.69 12.31 14.91
CA LEU A 62 -3.89 11.57 16.15
C LEU A 62 -3.95 10.07 15.89
N ASP A 63 -2.79 9.42 15.89
CA ASP A 63 -2.71 7.99 15.66
C ASP A 63 -3.07 7.20 16.92
N LYS A 64 -3.60 6.01 16.75
CA LYS A 64 -3.98 5.16 17.87
C LYS A 64 -3.26 3.82 17.81
N GLU A 65 -3.32 3.17 16.65
CA GLU A 65 -2.66 1.88 16.48
C GLU A 65 -1.24 2.06 15.94
N THR A 66 -0.34 1.15 16.34
CA THR A 66 1.05 1.21 15.90
C THR A 66 1.55 -0.16 15.46
N PRO A 67 2.42 -0.18 14.45
CA PRO A 67 2.99 -1.42 13.93
C PRO A 67 3.97 -2.07 14.91
N ASN A 68 4.56 -3.19 14.49
CA ASN A 68 5.51 -3.90 15.33
C ASN A 68 6.95 -3.55 14.95
N GLN A 69 7.17 -2.27 14.64
CA GLN A 69 8.50 -1.81 14.26
C GLN A 69 8.95 -0.67 15.17
N LYS A 70 9.78 -0.99 16.15
CA LYS A 70 10.29 0.00 17.08
C LYS A 70 11.79 0.21 16.90
N THR A 71 12.28 1.38 17.31
CA THR A 71 13.69 1.70 17.20
C THR A 71 14.52 0.91 18.21
N GLY A 72 15.24 -0.11 17.72
CA GLY A 72 16.06 -0.91 18.60
C GLY A 72 17.32 -0.20 19.04
N GLY A 1 -17.64 -10.78 12.34
CA GLY A 1 -18.32 -10.37 11.13
C GLY A 1 -17.86 -11.15 9.92
N SER A 2 -17.10 -10.48 9.05
CA SER A 2 -16.59 -11.12 7.84
C SER A 2 -17.73 -11.48 6.89
N SER A 3 -18.69 -10.57 6.75
CA SER A 3 -19.84 -10.79 5.88
C SER A 3 -19.50 -10.42 4.44
N GLY A 4 -18.31 -10.83 4.00
CA GLY A 4 -17.89 -10.54 2.64
C GLY A 4 -18.40 -9.19 2.15
N SER A 5 -18.30 -8.18 3.00
CA SER A 5 -18.76 -6.84 2.65
C SER A 5 -17.75 -6.14 1.75
N SER A 6 -18.04 -6.10 0.45
CA SER A 6 -17.15 -5.47 -0.52
C SER A 6 -17.96 -4.79 -1.63
N GLY A 7 -17.39 -3.73 -2.20
CA GLY A 7 -18.06 -3.01 -3.26
C GLY A 7 -17.23 -1.88 -3.81
N TYR A 8 -16.34 -2.20 -4.74
CA TYR A 8 -15.47 -1.20 -5.34
C TYR A 8 -14.60 -0.53 -4.29
N SER A 9 -13.95 -1.33 -3.45
CA SER A 9 -13.09 -0.81 -2.40
C SER A 9 -11.65 -1.29 -2.60
N VAL A 10 -10.71 -0.36 -2.41
CA VAL A 10 -9.29 -0.69 -2.56
C VAL A 10 -8.66 -1.00 -1.21
N LYS A 11 -8.25 -2.25 -1.03
CA LYS A 11 -7.62 -2.68 0.20
C LYS A 11 -6.45 -3.62 -0.07
N TRP A 12 -5.50 -3.66 0.85
CA TRP A 12 -4.32 -4.51 0.70
C TRP A 12 -4.22 -5.49 1.85
N THR A 13 -3.65 -6.67 1.59
CA THR A 13 -3.49 -7.69 2.61
C THR A 13 -2.03 -7.86 2.99
N ILE A 14 -1.78 -8.33 4.20
CA ILE A 14 -0.43 -8.54 4.69
C ILE A 14 0.44 -9.22 3.64
N GLU A 15 -0.02 -10.36 3.15
CA GLU A 15 0.70 -11.10 2.13
C GLU A 15 1.23 -10.18 1.04
N GLU A 16 0.31 -9.49 0.35
CA GLU A 16 0.69 -8.57 -0.71
C GLU A 16 1.74 -7.57 -0.21
N LYS A 17 1.36 -6.80 0.80
CA LYS A 17 2.27 -5.80 1.37
C LYS A 17 3.70 -6.33 1.44
N GLU A 18 3.84 -7.54 1.98
CA GLU A 18 5.14 -8.16 2.11
C GLU A 18 5.88 -8.19 0.76
N LEU A 19 5.18 -8.63 -0.27
CA LEU A 19 5.76 -8.70 -1.61
C LEU A 19 6.25 -7.33 -2.06
N PHE A 20 5.37 -6.34 -1.98
CA PHE A 20 5.72 -4.98 -2.39
C PHE A 20 7.04 -4.55 -1.78
N GLU A 21 7.17 -4.76 -0.47
CA GLU A 21 8.39 -4.39 0.24
C GLU A 21 9.59 -5.17 -0.30
N GLN A 22 9.38 -6.44 -0.59
CA GLN A 22 10.44 -7.30 -1.11
C GLN A 22 10.96 -6.77 -2.45
N GLY A 23 10.03 -6.49 -3.36
CA GLY A 23 10.41 -5.98 -4.66
C GLY A 23 10.83 -4.53 -4.62
N LEU A 24 10.28 -3.78 -3.67
CA LEU A 24 10.60 -2.36 -3.52
C LEU A 24 12.08 -2.17 -3.23
N ALA A 25 12.67 -3.12 -2.51
CA ALA A 25 14.08 -3.06 -2.17
C ALA A 25 14.95 -3.69 -3.25
N LYS A 26 14.43 -4.77 -3.85
CA LYS A 26 15.16 -5.48 -4.90
C LYS A 26 15.14 -4.67 -6.20
N PHE A 27 13.96 -4.45 -6.75
CA PHE A 27 13.80 -3.70 -7.99
C PHE A 27 13.93 -2.20 -7.73
N GLY A 28 13.56 -1.77 -6.52
CA GLY A 28 13.63 -0.37 -6.17
C GLY A 28 12.27 0.31 -6.18
N ARG A 29 12.24 1.56 -6.62
CA ARG A 29 11.00 2.31 -6.69
C ARG A 29 10.28 2.07 -8.01
N ARG A 30 10.47 0.87 -8.57
CA ARG A 30 9.83 0.51 -9.83
C ARG A 30 8.48 -0.16 -9.58
N TRP A 31 7.41 0.50 -10.01
CA TRP A 31 6.07 -0.04 -9.84
C TRP A 31 5.77 -1.10 -10.90
N THR A 32 6.17 -0.83 -12.13
CA THR A 32 5.95 -1.76 -13.24
C THR A 32 6.56 -3.13 -12.94
N LYS A 33 7.68 -3.13 -12.23
CA LYS A 33 8.36 -4.36 -11.88
C LYS A 33 7.66 -5.07 -10.72
N ILE A 34 7.45 -4.34 -9.63
CA ILE A 34 6.79 -4.88 -8.46
C ILE A 34 5.40 -5.42 -8.81
N SER A 35 4.62 -4.60 -9.50
CA SER A 35 3.27 -5.00 -9.91
C SER A 35 3.26 -6.43 -10.41
N LYS A 36 4.23 -6.77 -11.26
CA LYS A 36 4.32 -8.11 -11.81
C LYS A 36 4.59 -9.14 -10.72
N LEU A 37 5.50 -8.80 -9.82
CA LEU A 37 5.87 -9.69 -8.72
C LEU A 37 4.62 -10.19 -8.00
N ILE A 38 3.69 -9.27 -7.72
CA ILE A 38 2.45 -9.62 -7.03
C ILE A 38 1.47 -10.30 -7.98
N GLY A 39 1.21 -9.66 -9.12
CA GLY A 39 0.29 -10.22 -10.08
C GLY A 39 -1.15 -9.94 -9.75
N SER A 40 -1.48 -10.00 -8.46
CA SER A 40 -2.85 -9.76 -8.00
C SER A 40 -3.26 -8.32 -8.27
N ARG A 41 -2.34 -7.39 -8.03
CA ARG A 41 -2.62 -5.97 -8.25
C ARG A 41 -2.08 -5.51 -9.59
N THR A 42 -2.44 -4.30 -9.99
CA THR A 42 -2.00 -3.74 -11.26
C THR A 42 -1.14 -2.50 -11.06
N VAL A 43 -0.29 -2.20 -12.03
CA VAL A 43 0.58 -1.03 -11.96
C VAL A 43 -0.13 0.14 -11.31
N LEU A 44 -1.40 0.33 -11.66
CA LEU A 44 -2.19 1.43 -11.11
C LEU A 44 -2.37 1.27 -9.60
N GLN A 45 -3.15 0.26 -9.21
CA GLN A 45 -3.39 0.00 -7.80
C GLN A 45 -2.12 0.17 -6.98
N VAL A 46 -1.00 -0.28 -7.53
CA VAL A 46 0.29 -0.17 -6.84
C VAL A 46 0.72 1.29 -6.73
N LYS A 47 0.86 1.95 -7.87
CA LYS A 47 1.27 3.34 -7.90
C LYS A 47 0.55 4.15 -6.81
N SER A 48 -0.69 3.79 -6.55
CA SER A 48 -1.48 4.48 -5.53
C SER A 48 -1.13 3.97 -4.14
N TYR A 49 -0.72 2.71 -4.06
CA TYR A 49 -0.35 2.11 -2.79
C TYR A 49 1.03 2.59 -2.33
N ALA A 50 2.01 2.45 -3.21
CA ALA A 50 3.38 2.86 -2.90
C ALA A 50 3.38 4.14 -2.07
N ARG A 51 2.55 5.10 -2.47
CA ARG A 51 2.47 6.38 -1.76
C ARG A 51 1.58 6.25 -0.52
N GLN A 52 0.55 5.42 -0.62
CA GLN A 52 -0.37 5.22 0.50
C GLN A 52 0.37 4.65 1.71
N TYR A 53 1.21 3.65 1.49
CA TYR A 53 1.97 3.04 2.56
C TYR A 53 2.67 4.08 3.41
N PHE A 54 3.64 4.77 2.81
CA PHE A 54 4.39 5.81 3.51
C PHE A 54 3.48 6.60 4.44
N LYS A 55 2.23 6.81 4.02
CA LYS A 55 1.27 7.55 4.81
C LYS A 55 1.04 6.87 6.16
N ASN A 56 0.70 5.59 6.12
CA ASN A 56 0.45 4.83 7.34
C ASN A 56 1.64 4.92 8.29
N LYS A 57 2.83 4.65 7.76
CA LYS A 57 4.05 4.72 8.56
C LYS A 57 3.97 5.81 9.62
N VAL A 58 3.67 7.03 9.16
CA VAL A 58 3.55 8.16 10.08
C VAL A 58 2.34 9.02 9.72
N LYS A 59 1.32 8.98 10.59
CA LYS A 59 0.11 9.76 10.38
C LYS A 59 0.45 11.18 9.97
N CYS A 60 -0.58 11.93 9.56
CA CYS A 60 -0.40 13.32 9.15
C CYS A 60 -1.08 14.28 10.12
N GLY A 61 -2.37 14.09 10.33
CA GLY A 61 -3.12 14.94 11.24
C GLY A 61 -3.06 14.46 12.67
N LEU A 62 -4.14 14.65 13.41
CA LEU A 62 -4.20 14.23 14.81
C LEU A 62 -5.14 13.05 14.98
N ASP A 63 -4.60 11.84 14.81
CA ASP A 63 -5.39 10.62 14.94
C ASP A 63 -4.51 9.39 14.83
N LYS A 64 -4.40 8.64 15.93
CA LYS A 64 -3.59 7.43 15.96
C LYS A 64 -4.43 6.20 15.65
N GLU A 65 -4.19 5.61 14.49
CA GLU A 65 -4.93 4.42 14.07
C GLU A 65 -4.20 3.15 14.50
N THR A 66 -2.88 3.25 14.61
CA THR A 66 -2.06 2.10 14.99
C THR A 66 -0.63 2.53 15.28
N PRO A 67 -0.03 1.93 16.32
CA PRO A 67 1.35 2.23 16.72
C PRO A 67 2.37 1.72 15.71
N ASN A 68 3.64 2.06 15.93
CA ASN A 68 4.72 1.64 15.04
C ASN A 68 5.62 0.62 15.73
N GLN A 69 5.83 -0.50 15.07
CA GLN A 69 6.69 -1.56 15.62
C GLN A 69 7.14 -2.52 14.51
N LYS A 70 8.45 -2.65 14.35
CA LYS A 70 9.00 -3.54 13.34
C LYS A 70 9.71 -4.73 13.99
N THR A 71 9.54 -5.91 13.40
CA THR A 71 10.16 -7.12 13.91
C THR A 71 11.37 -7.52 13.07
N GLY A 72 12.55 -7.08 13.50
CA GLY A 72 13.76 -7.40 12.78
C GLY A 72 14.36 -8.72 13.21
N GLY A 1 -31.90 -17.97 -5.45
CA GLY A 1 -31.65 -16.79 -4.65
C GLY A 1 -30.18 -16.48 -4.50
N SER A 2 -29.57 -16.03 -5.59
CA SER A 2 -28.14 -15.70 -5.60
C SER A 2 -27.72 -15.12 -4.24
N SER A 3 -26.68 -15.69 -3.67
CA SER A 3 -26.18 -15.24 -2.37
C SER A 3 -25.85 -13.76 -2.42
N GLY A 4 -26.48 -12.98 -1.52
CA GLY A 4 -26.24 -11.55 -1.48
C GLY A 4 -25.43 -11.14 -0.26
N SER A 5 -25.29 -9.84 -0.06
CA SER A 5 -24.53 -9.31 1.07
C SER A 5 -23.24 -10.08 1.26
N SER A 6 -22.56 -10.39 0.15
CA SER A 6 -21.31 -11.13 0.20
C SER A 6 -20.23 -10.42 -0.63
N GLY A 7 -19.20 -9.94 0.06
CA GLY A 7 -18.11 -9.25 -0.62
C GLY A 7 -17.31 -8.37 0.32
N TYR A 8 -15.99 -8.41 0.18
CA TYR A 8 -15.11 -7.62 1.03
C TYR A 8 -14.74 -6.30 0.35
N SER A 9 -14.34 -5.33 1.16
CA SER A 9 -13.96 -4.02 0.63
C SER A 9 -12.53 -4.03 0.11
N VAL A 10 -12.39 -3.91 -1.21
CA VAL A 10 -11.08 -3.91 -1.84
C VAL A 10 -10.04 -3.23 -0.95
N LYS A 11 -9.16 -4.04 -0.36
CA LYS A 11 -8.12 -3.52 0.51
C LYS A 11 -6.91 -4.46 0.53
N TRP A 12 -5.72 -3.87 0.51
CA TRP A 12 -4.49 -4.65 0.53
C TRP A 12 -4.45 -5.59 1.73
N THR A 13 -3.50 -6.52 1.72
CA THR A 13 -3.37 -7.47 2.81
C THR A 13 -1.90 -7.77 3.11
N ILE A 14 -1.60 -8.06 4.37
CA ILE A 14 -0.23 -8.35 4.78
C ILE A 14 0.52 -9.12 3.69
N GLU A 15 -0.06 -10.24 3.27
CA GLU A 15 0.55 -11.06 2.22
C GLU A 15 1.10 -10.19 1.09
N GLU A 16 0.23 -9.36 0.52
CA GLU A 16 0.62 -8.47 -0.56
C GLU A 16 1.56 -7.39 -0.07
N LYS A 17 1.11 -6.62 0.91
CA LYS A 17 1.91 -5.54 1.47
C LYS A 17 3.37 -5.96 1.59
N GLU A 18 3.60 -7.20 2.02
CA GLU A 18 4.95 -7.72 2.17
C GLU A 18 5.66 -7.81 0.81
N LEU A 19 5.07 -8.60 -0.09
CA LEU A 19 5.64 -8.79 -1.42
C LEU A 19 5.96 -7.45 -2.07
N PHE A 20 5.04 -6.50 -1.94
CA PHE A 20 5.22 -5.17 -2.52
C PHE A 20 6.56 -4.57 -2.08
N GLU A 21 6.84 -4.67 -0.78
CA GLU A 21 8.09 -4.13 -0.24
C GLU A 21 9.29 -4.91 -0.75
N GLN A 22 9.25 -6.23 -0.55
CA GLN A 22 10.34 -7.10 -1.00
C GLN A 22 10.91 -6.63 -2.32
N GLY A 23 10.04 -6.44 -3.31
CA GLY A 23 10.48 -5.98 -4.61
C GLY A 23 10.86 -4.52 -4.62
N LEU A 24 10.20 -3.74 -3.78
CA LEU A 24 10.48 -2.31 -3.69
C LEU A 24 11.95 -2.05 -3.38
N ALA A 25 12.60 -3.04 -2.78
CA ALA A 25 14.01 -2.93 -2.42
C ALA A 25 14.90 -3.36 -3.58
N LYS A 26 14.79 -4.64 -3.97
CA LYS A 26 15.58 -5.17 -5.06
C LYS A 26 15.32 -4.40 -6.35
N PHE A 27 14.06 -4.19 -6.67
CA PHE A 27 13.68 -3.47 -7.88
C PHE A 27 13.73 -1.96 -7.65
N GLY A 28 13.49 -1.54 -6.41
CA GLY A 28 13.52 -0.13 -6.08
C GLY A 28 12.15 0.50 -6.12
N ARG A 29 12.07 1.68 -6.74
CA ARG A 29 10.80 2.40 -6.85
C ARG A 29 10.08 2.01 -8.14
N ARG A 30 10.55 0.95 -8.78
CA ARG A 30 9.95 0.48 -10.03
C ARG A 30 8.59 -0.15 -9.77
N TRP A 31 7.54 0.47 -10.30
CA TRP A 31 6.19 -0.04 -10.12
C TRP A 31 5.88 -1.14 -11.14
N THR A 32 6.35 -0.96 -12.36
CA THR A 32 6.13 -1.94 -13.41
C THR A 32 6.59 -3.33 -12.99
N LYS A 33 7.74 -3.38 -12.32
CA LYS A 33 8.30 -4.65 -11.85
C LYS A 33 7.47 -5.20 -10.69
N ILE A 34 7.39 -4.45 -9.61
CA ILE A 34 6.63 -4.86 -8.43
C ILE A 34 5.26 -5.39 -8.82
N SER A 35 4.53 -4.61 -9.62
CA SER A 35 3.20 -5.01 -10.06
C SER A 35 3.20 -6.45 -10.56
N LYS A 36 4.22 -6.80 -11.34
CA LYS A 36 4.34 -8.15 -11.88
C LYS A 36 4.59 -9.16 -10.76
N LEU A 37 5.52 -8.83 -9.87
CA LEU A 37 5.85 -9.71 -8.75
C LEU A 37 4.58 -10.20 -8.05
N ILE A 38 3.75 -9.26 -7.61
CA ILE A 38 2.52 -9.60 -6.92
C ILE A 38 1.52 -10.25 -7.87
N GLY A 39 1.41 -9.69 -9.08
CA GLY A 39 0.50 -10.23 -10.07
C GLY A 39 -0.93 -9.80 -9.81
N SER A 40 -1.46 -10.16 -8.64
CA SER A 40 -2.83 -9.82 -8.28
C SER A 40 -3.10 -8.33 -8.51
N ARG A 41 -2.15 -7.49 -8.12
CA ARG A 41 -2.28 -6.06 -8.28
C ARG A 41 -1.88 -5.63 -9.69
N THR A 42 -1.97 -4.33 -9.96
CA THR A 42 -1.62 -3.78 -11.26
C THR A 42 -0.77 -2.53 -11.12
N VAL A 43 0.01 -2.23 -12.16
CA VAL A 43 0.87 -1.05 -12.15
C VAL A 43 0.18 0.13 -11.48
N LEU A 44 -1.09 0.34 -11.82
CA LEU A 44 -1.87 1.43 -11.24
C LEU A 44 -2.05 1.24 -9.73
N GLN A 45 -2.84 0.24 -9.36
CA GLN A 45 -3.09 -0.05 -7.95
C GLN A 45 -1.81 0.08 -7.13
N VAL A 46 -0.73 -0.52 -7.64
CA VAL A 46 0.56 -0.47 -6.95
C VAL A 46 1.07 0.95 -6.84
N LYS A 47 1.04 1.68 -7.96
CA LYS A 47 1.50 3.06 -7.98
C LYS A 47 0.83 3.88 -6.88
N SER A 48 -0.45 3.63 -6.66
CA SER A 48 -1.21 4.35 -5.64
C SER A 48 -0.78 3.91 -4.24
N TYR A 49 -0.94 2.62 -3.95
CA TYR A 49 -0.57 2.08 -2.65
C TYR A 49 0.76 2.66 -2.18
N ALA A 50 1.72 2.72 -3.10
CA ALA A 50 3.04 3.24 -2.77
C ALA A 50 2.93 4.44 -1.82
N ARG A 51 2.02 5.35 -2.13
CA ARG A 51 1.83 6.54 -1.31
C ARG A 51 1.15 6.18 0.00
N GLN A 52 0.27 5.19 -0.03
CA GLN A 52 -0.44 4.75 1.16
C GLN A 52 0.52 4.17 2.19
N TYR A 53 1.56 3.48 1.70
CA TYR A 53 2.55 2.87 2.58
C TYR A 53 3.22 3.92 3.46
N PHE A 54 3.88 4.88 2.82
CA PHE A 54 4.57 5.94 3.55
C PHE A 54 3.60 6.71 4.45
N LYS A 55 2.31 6.67 4.09
CA LYS A 55 1.29 7.34 4.86
C LYS A 55 1.04 6.64 6.19
N ASN A 56 0.85 5.32 6.13
CA ASN A 56 0.59 4.53 7.32
C ASN A 56 1.71 4.72 8.34
N LYS A 57 2.95 4.55 7.90
CA LYS A 57 4.10 4.71 8.78
C LYS A 57 3.86 5.81 9.81
N VAL A 58 3.73 7.04 9.34
CA VAL A 58 3.49 8.18 10.22
C VAL A 58 2.06 8.68 10.09
N LYS A 59 1.34 8.69 11.20
CA LYS A 59 -0.04 9.15 11.22
C LYS A 59 -0.12 10.62 11.61
N CYS A 60 -1.11 11.32 11.06
CA CYS A 60 -1.29 12.75 11.36
C CYS A 60 -2.68 13.00 11.91
N GLY A 61 -2.77 13.87 12.91
CA GLY A 61 -4.05 14.19 13.51
C GLY A 61 -3.91 15.08 14.73
N LEU A 62 -4.60 16.21 14.71
CA LEU A 62 -4.56 17.15 15.83
C LEU A 62 -4.65 16.42 17.16
N ASP A 63 -5.49 15.39 17.21
CA ASP A 63 -5.67 14.62 18.43
C ASP A 63 -5.69 13.12 18.12
N LYS A 64 -5.53 12.30 19.15
CA LYS A 64 -5.53 10.86 18.99
C LYS A 64 -5.72 10.16 20.33
N GLU A 65 -6.77 9.34 20.42
CA GLU A 65 -7.07 8.62 21.66
C GLU A 65 -6.09 7.46 21.85
N THR A 66 -4.92 7.77 22.40
CA THR A 66 -3.90 6.75 22.64
C THR A 66 -2.97 7.17 23.78
N PRO A 67 -2.62 6.20 24.64
CA PRO A 67 -1.74 6.43 25.78
C PRO A 67 -0.30 6.71 25.36
N ASN A 68 0.00 7.98 25.11
CA ASN A 68 1.33 8.39 24.69
C ASN A 68 2.40 7.65 25.50
N GLN A 69 2.18 7.56 26.81
CA GLN A 69 3.12 6.88 27.69
C GLN A 69 2.41 6.32 28.91
N LYS A 70 2.70 5.06 29.24
CA LYS A 70 2.09 4.40 30.39
C LYS A 70 2.84 3.11 30.73
N THR A 71 2.71 2.68 31.98
CA THR A 71 3.37 1.47 32.45
C THR A 71 2.36 0.46 32.98
N GLY A 72 1.27 0.97 33.54
CA GLY A 72 0.24 0.09 34.08
C GLY A 72 0.81 -1.15 34.73
N GLY A 1 -32.65 -0.83 -5.38
CA GLY A 1 -31.65 -1.31 -4.45
C GLY A 1 -31.94 -0.91 -3.02
N SER A 2 -32.50 -1.82 -2.24
CA SER A 2 -32.83 -1.56 -0.85
C SER A 2 -31.69 -1.97 0.07
N SER A 3 -30.47 -1.65 -0.33
CA SER A 3 -29.28 -1.98 0.44
C SER A 3 -28.42 -0.75 0.68
N GLY A 4 -28.00 -0.11 -0.40
CA GLY A 4 -27.17 1.08 -0.29
C GLY A 4 -25.73 0.75 0.06
N SER A 5 -24.90 0.60 -0.96
CA SER A 5 -23.49 0.27 -0.75
C SER A 5 -22.60 1.45 -1.14
N SER A 6 -21.91 2.01 -0.16
CA SER A 6 -21.02 3.14 -0.40
C SER A 6 -20.02 2.82 -1.51
N GLY A 7 -19.51 1.60 -1.50
CA GLY A 7 -18.54 1.19 -2.51
C GLY A 7 -17.47 0.28 -1.96
N TYR A 8 -16.71 -0.35 -2.84
CA TYR A 8 -15.64 -1.25 -2.44
C TYR A 8 -14.45 -0.48 -1.86
N SER A 9 -13.60 -1.18 -1.12
CA SER A 9 -12.44 -0.55 -0.50
C SER A 9 -11.15 -1.11 -1.11
N VAL A 10 -10.15 -0.25 -1.25
CA VAL A 10 -8.87 -0.66 -1.82
C VAL A 10 -7.90 -1.08 -0.72
N LYS A 11 -8.35 -1.97 0.16
CA LYS A 11 -7.53 -2.45 1.26
C LYS A 11 -6.47 -3.42 0.75
N TRP A 12 -5.37 -3.52 1.48
CA TRP A 12 -4.28 -4.42 1.10
C TRP A 12 -4.10 -5.52 2.15
N THR A 13 -3.74 -6.72 1.67
CA THR A 13 -3.53 -7.85 2.57
C THR A 13 -2.06 -8.00 2.94
N ILE A 14 -1.82 -8.44 4.17
CA ILE A 14 -0.46 -8.62 4.66
C ILE A 14 0.42 -9.31 3.61
N GLU A 15 -0.03 -10.47 3.14
CA GLU A 15 0.71 -11.22 2.14
C GLU A 15 1.24 -10.30 1.05
N GLU A 16 0.33 -9.55 0.42
CA GLU A 16 0.71 -8.62 -0.65
C GLU A 16 1.80 -7.66 -0.16
N LYS A 17 1.48 -6.89 0.88
CA LYS A 17 2.43 -5.93 1.43
C LYS A 17 3.83 -6.51 1.47
N GLU A 18 3.94 -7.76 1.91
CA GLU A 18 5.23 -8.43 2.00
C GLU A 18 5.91 -8.49 0.63
N LEU A 19 5.17 -8.95 -0.37
CA LEU A 19 5.71 -9.06 -1.72
C LEU A 19 6.16 -7.70 -2.25
N PHE A 20 5.33 -6.68 -2.01
CA PHE A 20 5.64 -5.33 -2.45
C PHE A 20 7.03 -4.90 -1.96
N GLU A 21 7.23 -4.97 -0.65
CA GLU A 21 8.51 -4.58 -0.05
C GLU A 21 9.66 -5.35 -0.71
N GLN A 22 9.57 -6.67 -0.70
CA GLN A 22 10.60 -7.51 -1.28
C GLN A 22 11.18 -6.86 -2.53
N GLY A 23 10.32 -6.57 -3.50
CA GLY A 23 10.77 -5.95 -4.73
C GLY A 23 11.20 -4.51 -4.54
N LEU A 24 10.38 -3.75 -3.81
CA LEU A 24 10.68 -2.35 -3.55
C LEU A 24 12.15 -2.17 -3.14
N ALA A 25 12.76 -3.25 -2.64
CA ALA A 25 14.15 -3.22 -2.22
C ALA A 25 15.08 -3.63 -3.36
N LYS A 26 14.65 -4.61 -4.14
CA LYS A 26 15.44 -5.09 -5.27
C LYS A 26 15.31 -4.16 -6.47
N PHE A 27 14.08 -3.96 -6.93
CA PHE A 27 13.82 -3.09 -8.07
C PHE A 27 13.85 -1.62 -7.66
N GLY A 28 13.61 -1.37 -6.37
CA GLY A 28 13.62 0.00 -5.87
C GLY A 28 12.23 0.59 -5.79
N ARG A 29 11.97 1.60 -6.62
CA ARG A 29 10.67 2.25 -6.63
C ARG A 29 9.92 1.94 -7.92
N ARG A 30 10.39 0.93 -8.64
CA ARG A 30 9.76 0.52 -9.89
C ARG A 30 8.41 -0.16 -9.63
N TRP A 31 7.34 0.51 -10.03
CA TRP A 31 5.99 -0.02 -9.85
C TRP A 31 5.68 -1.08 -10.89
N THR A 32 6.11 -0.84 -12.12
CA THR A 32 5.86 -1.77 -13.21
C THR A 32 6.49 -3.13 -12.92
N LYS A 33 7.55 -3.13 -12.13
CA LYS A 33 8.24 -4.37 -11.76
C LYS A 33 7.52 -5.07 -10.62
N ILE A 34 7.37 -4.37 -9.49
CA ILE A 34 6.71 -4.92 -8.32
C ILE A 34 5.33 -5.48 -8.69
N SER A 35 4.51 -4.65 -9.33
CA SER A 35 3.18 -5.05 -9.73
C SER A 35 3.16 -6.50 -10.22
N LYS A 36 4.06 -6.81 -11.16
CA LYS A 36 4.16 -8.15 -11.71
C LYS A 36 4.47 -9.17 -10.61
N LEU A 37 5.39 -8.80 -9.72
CA LEU A 37 5.77 -9.68 -8.62
C LEU A 37 4.54 -10.22 -7.89
N ILE A 38 3.56 -9.35 -7.67
CA ILE A 38 2.33 -9.74 -7.00
C ILE A 38 1.35 -10.39 -7.97
N GLY A 39 1.04 -9.67 -9.05
CA GLY A 39 0.11 -10.20 -10.04
C GLY A 39 -1.33 -9.95 -9.66
N SER A 40 -1.67 -10.21 -8.40
CA SER A 40 -3.03 -10.01 -7.92
C SER A 40 -3.47 -8.57 -8.08
N ARG A 41 -2.54 -7.65 -7.84
CA ARG A 41 -2.82 -6.22 -7.95
C ARG A 41 -2.27 -5.66 -9.26
N THR A 42 -2.86 -4.56 -9.72
CA THR A 42 -2.43 -3.93 -10.96
C THR A 42 -1.39 -2.84 -10.69
N VAL A 43 -0.79 -2.31 -11.76
CA VAL A 43 0.22 -1.28 -11.63
C VAL A 43 -0.38 0.00 -11.04
N LEU A 44 -1.62 0.29 -11.41
CA LEU A 44 -2.31 1.47 -10.91
C LEU A 44 -2.39 1.46 -9.39
N GLN A 45 -2.83 0.34 -8.83
CA GLN A 45 -2.96 0.20 -7.39
C GLN A 45 -1.60 0.31 -6.71
N VAL A 46 -0.59 -0.32 -7.31
CA VAL A 46 0.76 -0.29 -6.77
C VAL A 46 1.36 1.11 -6.85
N LYS A 47 0.86 1.91 -7.79
CA LYS A 47 1.35 3.28 -7.96
C LYS A 47 0.73 4.21 -6.93
N SER A 48 -0.53 3.97 -6.60
CA SER A 48 -1.23 4.79 -5.62
C SER A 48 -0.97 4.29 -4.20
N TYR A 49 -0.53 3.04 -4.10
CA TYR A 49 -0.24 2.43 -2.81
C TYR A 49 1.13 2.86 -2.29
N ALA A 50 2.12 2.81 -3.17
CA ALA A 50 3.48 3.18 -2.81
C ALA A 50 3.49 4.44 -1.95
N ARG A 51 2.63 5.40 -2.30
CA ARG A 51 2.54 6.65 -1.56
C ARG A 51 1.65 6.50 -0.33
N GLN A 52 0.60 5.69 -0.47
CA GLN A 52 -0.33 5.46 0.62
C GLN A 52 0.38 4.85 1.83
N TYR A 53 1.24 3.87 1.58
CA TYR A 53 1.99 3.21 2.64
C TYR A 53 2.75 4.24 3.48
N PHE A 54 3.67 4.95 2.84
CA PHE A 54 4.46 5.96 3.53
C PHE A 54 3.58 6.86 4.39
N LYS A 55 2.35 7.04 3.96
CA LYS A 55 1.40 7.88 4.69
C LYS A 55 0.78 7.10 5.86
N ASN A 56 0.43 5.85 5.61
CA ASN A 56 -0.17 5.00 6.63
C ASN A 56 0.80 4.80 7.80
N LYS A 57 2.06 4.54 7.48
CA LYS A 57 3.08 4.33 8.49
C LYS A 57 2.90 5.28 9.67
N VAL A 58 2.98 6.57 9.38
CA VAL A 58 2.82 7.59 10.42
C VAL A 58 1.62 8.48 10.13
N LYS A 59 0.73 8.61 11.12
CA LYS A 59 -0.46 9.44 10.98
C LYS A 59 -0.54 10.48 12.10
N CYS A 60 -0.59 11.74 11.72
CA CYS A 60 -0.67 12.83 12.68
C CYS A 60 -1.72 12.54 13.74
N GLY A 61 -1.26 12.15 14.93
CA GLY A 61 -2.18 11.84 16.01
C GLY A 61 -1.49 11.14 17.17
N LEU A 62 -0.88 11.92 18.05
CA LEU A 62 -0.18 11.37 19.21
C LEU A 62 -1.13 11.19 20.38
N ASP A 63 -1.87 10.08 20.36
CA ASP A 63 -2.82 9.78 21.43
C ASP A 63 -2.16 8.94 22.52
N LYS A 64 -0.94 9.30 22.88
CA LYS A 64 -0.20 8.58 23.91
C LYS A 64 0.02 7.12 23.51
N GLU A 65 0.38 6.92 22.24
CA GLU A 65 0.63 5.57 21.73
C GLU A 65 2.11 5.23 21.80
N THR A 66 2.43 3.96 21.55
CA THR A 66 3.82 3.50 21.58
C THR A 66 4.45 3.57 20.20
N PRO A 67 5.76 3.84 20.16
CA PRO A 67 6.52 3.94 18.90
C PRO A 67 6.67 2.59 18.21
N ASN A 68 6.07 1.55 18.80
CA ASN A 68 6.14 0.21 18.24
C ASN A 68 4.76 -0.45 18.23
N GLN A 69 4.66 -1.57 17.53
CA GLN A 69 3.40 -2.31 17.44
C GLN A 69 3.58 -3.75 17.86
N LYS A 70 3.02 -4.10 19.02
CA LYS A 70 3.11 -5.47 19.53
C LYS A 70 2.65 -6.48 18.49
N THR A 71 3.29 -7.64 18.48
CA THR A 71 2.94 -8.69 17.53
C THR A 71 2.68 -10.01 18.25
N GLY A 72 1.72 -10.78 17.74
CA GLY A 72 1.38 -12.06 18.35
C GLY A 72 0.65 -12.98 17.39
N GLY A 1 -32.33 3.82 -0.15
CA GLY A 1 -33.29 3.30 -1.10
C GLY A 1 -32.73 2.18 -1.95
N SER A 2 -32.22 2.53 -3.12
CA SER A 2 -31.65 1.53 -4.03
C SER A 2 -30.22 1.90 -4.41
N SER A 3 -30.00 3.18 -4.73
CA SER A 3 -28.68 3.65 -5.10
C SER A 3 -27.69 3.48 -3.96
N GLY A 4 -26.75 2.56 -4.12
CA GLY A 4 -25.76 2.30 -3.10
C GLY A 4 -24.84 3.50 -2.87
N SER A 5 -23.99 3.40 -1.86
CA SER A 5 -23.07 4.49 -1.55
C SER A 5 -21.65 3.96 -1.40
N SER A 6 -21.47 2.97 -0.53
CA SER A 6 -20.16 2.37 -0.29
C SER A 6 -19.69 1.61 -1.52
N GLY A 7 -18.37 1.48 -1.66
CA GLY A 7 -17.81 0.76 -2.78
C GLY A 7 -16.47 1.32 -3.22
N TYR A 8 -15.65 0.48 -3.84
CA TYR A 8 -14.33 0.89 -4.29
C TYR A 8 -13.40 1.17 -3.11
N SER A 9 -13.48 0.31 -2.10
CA SER A 9 -12.64 0.47 -0.91
C SER A 9 -11.35 -0.32 -1.05
N VAL A 10 -10.75 -0.26 -2.24
CA VAL A 10 -9.51 -0.97 -2.49
C VAL A 10 -8.62 -1.01 -1.25
N LYS A 11 -8.54 -2.18 -0.62
CA LYS A 11 -7.73 -2.35 0.58
C LYS A 11 -6.66 -3.42 0.36
N TRP A 12 -5.55 -3.28 1.06
CA TRP A 12 -4.45 -4.24 0.96
C TRP A 12 -4.34 -5.09 2.21
N THR A 13 -3.49 -6.11 2.15
CA THR A 13 -3.29 -7.00 3.29
C THR A 13 -1.80 -7.22 3.56
N ILE A 14 -1.46 -7.42 4.84
CA ILE A 14 -0.08 -7.66 5.23
C ILE A 14 0.65 -8.51 4.19
N GLU A 15 0.01 -9.60 3.78
CA GLU A 15 0.61 -10.49 2.79
C GLU A 15 1.11 -9.72 1.58
N GLU A 16 0.21 -8.98 0.94
CA GLU A 16 0.55 -8.19 -0.24
C GLU A 16 1.59 -7.13 0.11
N LYS A 17 1.29 -6.33 1.13
CA LYS A 17 2.19 -5.27 1.57
C LYS A 17 3.62 -5.79 1.68
N GLU A 18 3.77 -7.00 2.21
CA GLU A 18 5.09 -7.61 2.36
C GLU A 18 5.76 -7.79 1.01
N LEU A 19 5.02 -8.35 0.06
CA LEU A 19 5.55 -8.59 -1.28
C LEU A 19 6.04 -7.29 -1.91
N PHE A 20 5.13 -6.34 -2.06
CA PHE A 20 5.47 -5.05 -2.65
C PHE A 20 6.83 -4.56 -2.17
N GLU A 21 7.05 -4.62 -0.85
CA GLU A 21 8.31 -4.19 -0.27
C GLU A 21 9.47 -5.03 -0.80
N GLN A 22 9.37 -6.34 -0.63
CA GLN A 22 10.41 -7.24 -1.10
C GLN A 22 10.98 -6.78 -2.44
N GLY A 23 10.12 -6.71 -3.44
CA GLY A 23 10.56 -6.28 -4.75
C GLY A 23 10.96 -4.82 -4.79
N LEU A 24 10.31 -4.01 -3.95
CA LEU A 24 10.60 -2.58 -3.89
C LEU A 24 12.08 -2.34 -3.61
N ALA A 25 12.76 -3.35 -3.09
CA ALA A 25 14.18 -3.25 -2.79
C ALA A 25 15.03 -3.73 -3.96
N LYS A 26 14.89 -5.01 -4.31
CA LYS A 26 15.64 -5.59 -5.41
C LYS A 26 15.37 -4.84 -6.70
N PHE A 27 14.20 -4.24 -6.80
CA PHE A 27 13.81 -3.48 -8.00
C PHE A 27 13.87 -1.98 -7.72
N GLY A 28 13.63 -1.59 -6.47
CA GLY A 28 13.66 -0.20 -6.10
C GLY A 28 12.27 0.42 -6.09
N ARG A 29 12.17 1.67 -6.54
CA ARG A 29 10.90 2.37 -6.57
C ARG A 29 10.16 2.13 -7.89
N ARG A 30 10.42 0.97 -8.49
CA ARG A 30 9.79 0.62 -9.76
C ARG A 30 8.44 -0.06 -9.53
N TRP A 31 7.37 0.60 -9.96
CA TRP A 31 6.02 0.04 -9.80
C TRP A 31 5.74 -1.02 -10.86
N THR A 32 6.22 -0.78 -12.08
CA THR A 32 6.02 -1.73 -13.17
C THR A 32 6.62 -3.08 -12.84
N LYS A 33 7.80 -3.07 -12.21
CA LYS A 33 8.48 -4.30 -11.85
C LYS A 33 7.74 -5.02 -10.73
N ILE A 34 7.40 -4.30 -9.68
CA ILE A 34 6.68 -4.87 -8.54
C ILE A 34 5.33 -5.43 -8.98
N SER A 35 4.54 -4.60 -9.65
CA SER A 35 3.22 -5.00 -10.11
C SER A 35 3.24 -6.44 -10.60
N LYS A 36 4.26 -6.79 -11.38
CA LYS A 36 4.39 -8.14 -11.91
C LYS A 36 4.63 -9.15 -10.79
N LEU A 37 5.44 -8.76 -9.81
CA LEU A 37 5.74 -9.63 -8.68
C LEU A 37 4.46 -10.09 -7.99
N ILE A 38 3.72 -9.14 -7.42
CA ILE A 38 2.47 -9.46 -6.74
C ILE A 38 1.51 -10.19 -7.66
N GLY A 39 1.43 -9.73 -8.91
CA GLY A 39 0.54 -10.36 -9.87
C GLY A 39 -0.89 -9.89 -9.74
N SER A 40 -1.37 -9.78 -8.51
CA SER A 40 -2.74 -9.34 -8.24
C SER A 40 -2.88 -7.84 -8.50
N ARG A 41 -1.90 -7.08 -8.04
CA ARG A 41 -1.91 -5.63 -8.21
C ARG A 41 -1.57 -5.25 -9.64
N THR A 42 -1.53 -3.95 -9.91
CA THR A 42 -1.23 -3.45 -11.25
C THR A 42 -0.50 -2.11 -11.19
N VAL A 43 0.32 -1.84 -12.20
CA VAL A 43 1.07 -0.59 -12.26
C VAL A 43 0.28 0.55 -11.63
N LEU A 44 -1.04 0.52 -11.81
CA LEU A 44 -1.90 1.56 -11.26
C LEU A 44 -2.09 1.38 -9.75
N GLN A 45 -2.64 0.24 -9.36
CA GLN A 45 -2.87 -0.06 -7.95
C GLN A 45 -1.58 0.10 -7.15
N VAL A 46 -0.51 -0.54 -7.62
CA VAL A 46 0.78 -0.46 -6.96
C VAL A 46 1.26 0.98 -6.82
N LYS A 47 0.81 1.83 -7.75
CA LYS A 47 1.20 3.23 -7.74
C LYS A 47 0.43 4.00 -6.65
N SER A 48 -0.86 3.71 -6.53
CA SER A 48 -1.70 4.36 -5.53
C SER A 48 -1.39 3.84 -4.13
N TYR A 49 -0.82 2.65 -4.07
CA TYR A 49 -0.48 2.03 -2.79
C TYR A 49 0.88 2.54 -2.29
N ALA A 50 1.89 2.46 -3.16
CA ALA A 50 3.23 2.91 -2.81
C ALA A 50 3.18 4.14 -1.91
N ARG A 51 2.26 5.05 -2.21
CA ARG A 51 2.11 6.27 -1.43
C ARG A 51 1.30 6.01 -0.16
N GLN A 52 0.29 5.15 -0.28
CA GLN A 52 -0.56 4.83 0.85
C GLN A 52 0.24 4.14 1.95
N TYR A 53 1.21 3.32 1.56
CA TYR A 53 2.04 2.61 2.52
C TYR A 53 2.73 3.58 3.47
N PHE A 54 3.57 4.45 2.93
CA PHE A 54 4.29 5.43 3.74
C PHE A 54 3.33 6.18 4.65
N LYS A 55 2.30 6.77 4.05
CA LYS A 55 1.32 7.53 4.81
C LYS A 55 0.82 6.72 6.01
N ASN A 56 0.64 5.42 5.81
CA ASN A 56 0.17 4.54 6.88
C ASN A 56 1.27 4.29 7.90
N LYS A 57 2.46 3.97 7.42
CA LYS A 57 3.60 3.71 8.29
C LYS A 57 3.54 4.60 9.53
N VAL A 58 3.27 5.88 9.32
CA VAL A 58 3.19 6.83 10.42
C VAL A 58 2.24 7.98 10.09
N LYS A 59 1.57 8.51 11.11
CA LYS A 59 0.64 9.60 10.92
C LYS A 59 1.29 10.94 11.30
N CYS A 60 1.63 11.72 10.27
CA CYS A 60 2.26 13.02 10.49
C CYS A 60 1.28 14.15 10.21
N GLY A 61 1.30 15.17 11.07
CA GLY A 61 0.40 16.30 10.89
C GLY A 61 -0.96 16.06 11.51
N LEU A 62 -1.68 17.14 11.79
CA LEU A 62 -3.01 17.04 12.39
C LEU A 62 -4.03 17.84 11.59
N ASP A 63 -3.75 18.02 10.30
CA ASP A 63 -4.65 18.77 9.42
C ASP A 63 -5.58 17.83 8.66
N LYS A 64 -6.06 16.80 9.34
CA LYS A 64 -6.97 15.83 8.74
C LYS A 64 -7.71 15.03 9.81
N GLU A 65 -8.83 14.44 9.42
CA GLU A 65 -9.63 13.64 10.35
C GLU A 65 -9.48 12.15 10.05
N THR A 66 -8.65 11.48 10.85
CA THR A 66 -8.42 10.05 10.68
C THR A 66 -8.21 9.36 12.02
N PRO A 67 -8.73 8.14 12.15
CA PRO A 67 -8.60 7.34 13.37
C PRO A 67 -7.18 6.86 13.61
N ASN A 68 -6.71 7.00 14.85
CA ASN A 68 -5.36 6.59 15.21
C ASN A 68 -5.28 5.07 15.35
N GLN A 69 -4.69 4.41 14.35
CA GLN A 69 -4.55 2.96 14.35
C GLN A 69 -3.10 2.56 14.18
N LYS A 70 -2.41 2.32 15.30
CA LYS A 70 -1.01 1.92 15.27
C LYS A 70 -0.86 0.44 15.58
N THR A 71 -1.44 0.02 16.71
CA THR A 71 -1.36 -1.38 17.13
C THR A 71 -1.71 -2.32 15.98
N GLY A 72 -0.70 -2.94 15.39
CA GLY A 72 -0.92 -3.85 14.29
C GLY A 72 -0.14 -3.47 13.05
#